data_8FPJ
#
_entry.id   8FPJ
#
_cell.length_a   1.00
_cell.length_b   1.00
_cell.length_c   1.00
_cell.angle_alpha   90.00
_cell.angle_beta   90.00
_cell.angle_gamma   90.00
#
_symmetry.space_group_name_H-M   'P 1'
#
loop_
_entity.id
_entity.type
_entity.pdbx_description
1 polymer 'RNA-directed RNA polymerase L'
2 polymer Phosphoprotein
3 non-polymer "4-(2-aminopropan-2-yl)-N'-[4-(cyclopropyloxy)-3-methoxybenzoyl]-6-(4-fluorophenyl)pyridine-2-carbohydrazide"
#
loop_
_entity_poly.entity_id
_entity_poly.type
_entity_poly.pdbx_seq_one_letter_code
_entity_poly.pdbx_strand_id
1 'polypeptide(L)'
;MGSDYKDHDGDYKDHDIDYKDDDDKGSGSLEVLFQGPMDPLNESTVNVYLPDSYLKGVISFSETNAIGSCLLKRPYLKND
NTAKVAIENPVIEHVRLKNAVNSKMKISDYKVVEPVNMQHEIMKNVHSCELTLLKQFLTRSKNISTLKLNMICDWLQLKS
TSDDTSILSFIDVEFIPSWVSNWFSNWYNLNKLILEFRREEVIRTGSILCRSLGKLVFIVSSYGCIVKSNKSKRVSFFTY
NQLLTWKDVMLSRFNANFCIWVSNSLNENQEGLGLRSNLQGMLTNKLYETVDYMLSLCCNEGFSLVKEFEGFIMSEILRI
TEHAQFSTRFRNTLLNGLTDQLTKLKNKNRLRVHSTVLENNDYPMYEVVLKLLGDTLRCIKLLINKNLENAAELYYIFRI
FGHPMVDERDAMDAVKLNNEITKILRLESLTELRGAFILRIIKGFVDNNKRWPKIKNLKVLSKRWTMYFKAKNYPSQLEL
SEQDFLELAAIQFEQEFSVPEKTNLEMVLNDKAISPPKRLIWSVYPKNYLPETIKNRYLEETFNASDSLKTRRVLEYYLK
DNKFDQKELKSYVVRQEYLNDKEHIVSLTGKERELSVGRMFAMQPGKQRQIQILAEKLLADNIVPFFPETLTKYGDLDLQ
RIMEIKSELSSIKTRRNDSYNNYIARASIVTDLSKFNQAFRYETTAICADVADELHGTQSLFCWLHLIVPMTTMICAYRH
APPETKGEYDIDKIEEQSGLYRYHMGGIEGWCQKLWTMEAISLLDVVSVKTRCQMTSLLNGDNQSIDVSKPVKLSEGLDE
VKADYRLAVKMLKEIRDAYRNIGHKLKEGETYISRDLQFISKVIQSEGVMHPTPIKKVLRVGPWINTILDDIKTSAESIG
SLCQELEFRGESIIVSLILRNFWLYNLYMHESKQHPLAGKQLFKQLNKTLTSVQRFFEIKRENEVVDLWMNIPMQFGGGD
PVVFYRSFYRRTPDFLTEAISHVDILLKISANIKNETKVSFFKALLSIEKNERATLTTLMRDPQAVGSERQAKVTSDINR
TAVTSILSLSPNQLFSDSAIHYSRNEEEVGIIAENITPVYPHGLRVLYESLPFHKAEKVVNMISGTKSITNLLQRTSAIN
GEDIDRAVSMMLENLGLLSRILSVVVDSIEIPIKSNGRLICCQISRTLRETSWNNMEIVGVTSPSITTCMDVIYATSSHL
KGIIIEKFSTDRTTRGQRGPKSPWVGSSTQEKKLVPVYNRQILSKQQREQLEAIGKMRWVYKGTPGLRRLLNKICLGSLG
ISYKCVKPLLPRFMSVNFLHRLSVSSRPMEFPASVPAYRTTNYHFDTSPINQALSERFGNEDINLVFQNAISCGISIMSV
VEQLTGRSPKQLVLIPQLEEIDIMPPPVFQGKFNYKLVDKITSDQHIFSPDKIDMLTLGKMLMPTIKGQKTDQFLNKREN
YFHGNNLIESLSAALACHWCGILTEQCIENNIFKKDWGDGFISDHAFMDFKIFLCVFKTKLLCSWGSQGKNIKDEDIVDE
SIDKLLRIDNTFWRMFSKVMFEPKVKKRIMLYDVKFLSLVGYIGFKNWFIEQLRSAELHEIPWIVNAEGDLVEIKSIKIY
LQLIEQSLFLRITVLNYTDMAHALTRLIRKKLMCDNALLTPISSPMVNLTQVIDPTTQLDYFPKITFERLKNYDTSSNYA
KGKLTRNYMILLPWQHVNRYNFVFSSTGCKVSLKTCIGKLMKDLNPKVLYFIGEGAGNWMARTACEYPDIKFVYRSLKDD
LDHHYPLEYQRVIGELSRIIDSGEGLSMETTDATQKTHWDLIHRVSKDALLITLCDAEFKDRDDFFKMVILWRKHVLSCR
ICTTYGTDLYLFAKYHAKDCNVKLPFFVRSVATFIMQGSKLSGSECYILLTLGHHNSLPCHGEIQNSKMKIAVCNDFYAA
KKLDNKSIEANCKSLLSGLRIPINKKELDRQRRLLTLQSNHSSVATVGGSKIIESKWLTNKASTIIDWLEHILNSPKGEL
NYDFFEALENTYPNMIKLIDNLGNAEIKKLIKVTGYMLVSKK
;
A
2 'polypeptide(L)'
;MSFPEGKDILFMGNEAAKLAEAFQKSLRKPSHKRSQSIIGEKVNTVSETLELPTISRPTKPTILSEPKLAWTDKGGAIKT
EAKQTIKVMDPIEEEEFTEKRVLPSSDGKTPAEKKLKPSTNTKKKVSFTPNEPGKYTKLEKDALDLLSDNEEEDAESSIL
TFEERDTSSLSIEARLESIEEKLSMILGLLRTLNIATAGPTAARDGIRDAMIGIREELIADIIKEAKGKAAEMMEEEMNQ
RTKIGNGSVKLTEKAKELNKIVEDESTSGESEEEEELKDTQENNQEDDIYQLIMKGENKYFQGHHHHHHH
;
B,C,D,E
#
# COMPACT_ATOMS: atom_id res chain seq x y z
N THR A 45 15.06 18.97 -28.74
CA THR A 45 16.10 19.96 -29.01
C THR A 45 17.11 20.01 -27.86
N VAL A 46 16.62 19.80 -26.64
CA VAL A 46 17.47 19.77 -25.45
C VAL A 46 16.91 18.70 -24.52
N ASN A 47 17.64 17.60 -24.38
CA ASN A 47 17.28 16.53 -23.47
C ASN A 47 18.38 16.36 -22.43
N VAL A 48 17.98 16.30 -21.17
CA VAL A 48 18.91 16.30 -20.03
C VAL A 48 18.71 15.01 -19.24
N TYR A 49 19.76 14.61 -18.51
CA TYR A 49 19.75 13.36 -17.78
C TYR A 49 20.13 13.56 -16.32
N LEU A 50 19.45 14.48 -15.64
CA LEU A 50 19.67 14.75 -14.22
C LEU A 50 19.66 13.45 -13.41
N PRO A 51 20.79 13.04 -12.82
CA PRO A 51 20.79 11.80 -12.01
C PRO A 51 20.01 11.92 -10.72
N ASP A 52 20.04 10.86 -9.91
CA ASP A 52 19.35 10.85 -8.63
C ASP A 52 20.27 11.36 -7.52
N SER A 53 19.65 11.70 -6.39
CA SER A 53 20.36 12.16 -5.21
C SER A 53 20.24 11.22 -4.02
N TYR A 54 19.15 10.46 -3.94
CA TYR A 54 18.95 9.45 -2.92
C TYR A 54 18.67 8.12 -3.60
N LEU A 55 18.72 7.04 -2.81
CA LEU A 55 18.72 5.69 -3.39
C LEU A 55 17.53 5.48 -4.32
N LYS A 56 16.32 5.47 -3.78
CA LYS A 56 15.11 5.49 -4.59
C LYS A 56 15.07 4.34 -5.61
N GLY A 57 15.95 3.34 -5.46
CA GLY A 57 16.04 2.28 -6.44
C GLY A 57 16.49 0.96 -5.87
N VAL A 58 17.29 0.21 -6.62
CA VAL A 58 17.79 -1.08 -6.18
C VAL A 58 19.23 -1.23 -6.64
N ILE A 59 20.03 -1.92 -5.83
CA ILE A 59 21.42 -2.20 -6.15
C ILE A 59 21.47 -3.51 -6.90
N SER A 60 22.10 -3.52 -8.07
CA SER A 60 22.04 -4.64 -9.00
C SER A 60 23.30 -5.47 -8.91
N PHE A 61 23.11 -6.79 -8.75
CA PHE A 61 24.22 -7.73 -8.74
C PHE A 61 24.79 -7.94 -10.13
N SER A 62 23.92 -7.94 -11.15
CA SER A 62 24.37 -8.21 -12.52
C SER A 62 25.10 -7.01 -13.13
N GLU A 63 24.65 -5.79 -12.83
CA GLU A 63 25.33 -4.61 -13.35
C GLU A 63 26.74 -4.50 -12.79
N THR A 64 26.91 -4.75 -11.49
CA THR A 64 28.24 -4.74 -10.88
C THR A 64 29.13 -5.81 -11.51
N ASN A 65 28.58 -7.00 -11.71
CA ASN A 65 29.34 -8.07 -12.34
C ASN A 65 29.77 -7.69 -13.74
N ALA A 66 28.88 -7.07 -14.51
CA ALA A 66 29.22 -6.65 -15.87
C ALA A 66 30.32 -5.60 -15.86
N ILE A 67 30.22 -4.61 -14.97
CA ILE A 67 31.24 -3.55 -14.92
C ILE A 67 32.59 -4.15 -14.59
N GLY A 68 32.65 -4.95 -13.52
CA GLY A 68 33.92 -5.52 -13.11
C GLY A 68 34.50 -6.48 -14.15
N SER A 69 33.64 -7.27 -14.80
CA SER A 69 34.11 -8.22 -15.79
C SER A 69 34.65 -7.51 -17.02
N CYS A 70 34.01 -6.42 -17.44
CA CYS A 70 34.54 -5.64 -18.55
C CYS A 70 35.89 -5.04 -18.18
N LEU A 71 36.03 -4.52 -16.96
CA LEU A 71 37.29 -3.86 -16.59
C LEU A 71 38.42 -4.87 -16.41
N LEU A 72 38.13 -6.07 -15.89
CA LEU A 72 39.18 -7.03 -15.61
C LEU A 72 39.41 -8.01 -16.74
N LYS A 73 38.42 -8.22 -17.62
CA LYS A 73 38.45 -9.28 -18.63
C LYS A 73 38.43 -10.66 -17.98
N ARG A 74 37.93 -10.75 -16.75
CA ARG A 74 37.73 -11.99 -16.04
C ARG A 74 36.43 -11.88 -15.28
N PRO A 75 35.80 -13.01 -14.93
CA PRO A 75 34.54 -12.93 -14.18
C PRO A 75 34.73 -12.21 -12.86
N TYR A 76 33.68 -11.50 -12.45
CA TYR A 76 33.68 -10.71 -11.22
C TYR A 76 32.42 -11.04 -10.43
N LEU A 77 32.61 -11.60 -9.23
CA LEU A 77 31.51 -11.93 -8.33
C LEU A 77 30.73 -13.17 -8.76
N LYS A 78 30.96 -13.68 -9.96
CA LYS A 78 30.17 -14.80 -10.45
C LYS A 78 30.69 -15.19 -11.83
N ASN A 79 30.42 -16.43 -12.21
CA ASN A 79 30.83 -16.98 -13.50
C ASN A 79 29.61 -17.32 -14.35
N ASP A 80 28.66 -16.41 -14.42
CA ASP A 80 27.40 -16.62 -15.14
C ASP A 80 27.55 -16.11 -16.57
N ASN A 81 26.42 -15.99 -17.28
CA ASN A 81 26.45 -15.53 -18.66
C ASN A 81 26.72 -14.04 -18.76
N THR A 82 26.40 -13.28 -17.71
CA THR A 82 26.66 -11.85 -17.71
C THR A 82 28.16 -11.57 -17.88
N ALA A 83 28.99 -12.31 -17.15
CA ALA A 83 30.43 -12.13 -17.29
C ALA A 83 30.90 -12.48 -18.70
N LYS A 84 30.36 -13.54 -19.28
CA LYS A 84 30.76 -13.93 -20.64
C LYS A 84 30.44 -12.83 -21.64
N VAL A 85 29.20 -12.36 -21.64
CA VAL A 85 28.81 -11.31 -22.59
C VAL A 85 29.61 -10.04 -22.35
N ALA A 86 29.82 -9.67 -21.09
CA ALA A 86 30.54 -8.44 -20.80
C ALA A 86 32.00 -8.53 -21.25
N ILE A 87 32.62 -9.69 -21.08
CA ILE A 87 34.00 -9.86 -21.52
C ILE A 87 34.07 -9.80 -23.04
N GLU A 88 33.18 -10.51 -23.73
CA GLU A 88 33.31 -10.65 -25.18
C GLU A 88 32.87 -9.39 -25.92
N ASN A 89 31.72 -8.84 -25.57
CA ASN A 89 31.16 -7.65 -26.24
C ASN A 89 30.71 -6.64 -25.21
N PRO A 90 31.65 -5.90 -24.62
CA PRO A 90 31.26 -4.90 -23.61
C PRO A 90 30.49 -3.74 -24.23
N VAL A 91 29.63 -3.14 -23.41
CA VAL A 91 28.83 -2.01 -23.87
C VAL A 91 29.69 -0.75 -23.84
N ILE A 92 29.28 0.24 -24.65
CA ILE A 92 30.14 1.39 -24.92
C ILE A 92 30.43 2.16 -23.63
N GLU A 93 29.44 2.28 -22.74
CA GLU A 93 29.66 3.02 -21.50
C GLU A 93 30.75 2.36 -20.66
N HIS A 94 30.74 1.03 -20.57
CA HIS A 94 31.77 0.34 -19.81
C HIS A 94 33.12 0.44 -20.50
N VAL A 95 33.16 0.51 -21.84
CA VAL A 95 34.41 0.72 -22.53
C VAL A 95 35.00 2.08 -22.19
N ARG A 96 34.15 3.12 -22.17
CA ARG A 96 34.63 4.44 -21.81
C ARG A 96 35.13 4.48 -20.37
N LEU A 97 34.39 3.83 -19.46
CA LEU A 97 34.85 3.75 -18.08
C LEU A 97 36.21 3.05 -17.99
N LYS A 98 36.38 1.97 -18.76
CA LYS A 98 37.64 1.26 -18.78
C LYS A 98 38.78 2.15 -19.26
N ASN A 99 38.55 2.91 -20.33
CA ASN A 99 39.59 3.80 -20.83
C ASN A 99 39.95 4.87 -19.80
N ALA A 100 38.93 5.46 -19.16
CA ALA A 100 39.19 6.47 -18.15
C ALA A 100 40.00 5.90 -17.00
N VAL A 101 39.67 4.69 -16.55
CA VAL A 101 40.41 4.09 -15.44
C VAL A 101 41.84 3.76 -15.86
N ASN A 102 42.01 3.22 -17.06
CA ASN A 102 43.36 2.86 -17.51
C ASN A 102 44.24 4.09 -17.62
N SER A 103 43.68 5.22 -18.05
CA SER A 103 44.47 6.45 -18.11
C SER A 103 45.09 6.78 -16.76
N LYS A 104 44.42 6.41 -15.68
CA LYS A 104 44.95 6.55 -14.32
C LYS A 104 45.65 5.26 -13.90
N MET A 105 45.96 5.16 -12.61
CA MET A 105 46.87 4.13 -12.13
C MET A 105 46.39 2.74 -12.50
N LYS A 106 47.28 1.76 -12.46
CA LYS A 106 47.05 0.44 -13.01
C LYS A 106 46.40 -0.50 -12.00
N ILE A 107 45.52 -1.37 -12.50
CA ILE A 107 44.63 -2.15 -11.64
C ILE A 107 45.31 -3.37 -11.05
N SER A 108 46.40 -3.85 -11.65
CA SER A 108 47.08 -5.07 -11.20
C SER A 108 48.04 -4.81 -10.03
N ASP A 109 48.11 -3.57 -9.55
CA ASP A 109 48.94 -3.23 -8.39
C ASP A 109 48.14 -3.26 -7.09
N TYR A 110 46.86 -3.64 -7.15
CA TYR A 110 45.99 -3.64 -5.99
C TYR A 110 45.19 -4.94 -5.96
N LYS A 111 44.77 -5.31 -4.75
CA LYS A 111 43.94 -6.49 -4.52
C LYS A 111 42.48 -6.16 -4.84
N VAL A 112 41.86 -6.95 -5.69
CA VAL A 112 40.47 -6.74 -6.09
C VAL A 112 39.55 -7.39 -5.06
N VAL A 113 38.58 -6.63 -4.56
CA VAL A 113 37.63 -7.10 -3.58
C VAL A 113 36.24 -6.63 -3.99
N GLU A 114 35.23 -7.04 -3.22
CA GLU A 114 33.87 -6.61 -3.46
C GLU A 114 33.63 -5.22 -2.90
N PRO A 115 32.64 -4.49 -3.42
CA PRO A 115 32.35 -3.17 -2.85
C PRO A 115 31.93 -3.21 -1.39
N VAL A 116 31.42 -4.34 -0.92
CA VAL A 116 30.97 -4.44 0.47
C VAL A 116 32.12 -4.71 1.43
N ASN A 117 33.26 -5.18 0.93
CA ASN A 117 34.44 -5.29 1.78
C ASN A 117 35.04 -3.95 2.13
N MET A 118 34.53 -2.86 1.55
CA MET A 118 35.09 -1.53 1.73
C MET A 118 34.30 -0.64 2.68
N GLN A 119 33.13 -1.06 3.18
CA GLN A 119 32.33 -0.15 4.00
C GLN A 119 33.10 0.30 5.24
N HIS A 120 33.74 -0.63 5.93
CA HIS A 120 34.43 -0.25 7.16
C HIS A 120 35.45 0.85 6.89
N GLU A 121 36.20 0.74 5.79
CA GLU A 121 37.19 1.76 5.47
C GLU A 121 36.53 3.01 4.90
N ILE A 122 35.43 2.85 4.17
CA ILE A 122 34.71 4.01 3.64
C ILE A 122 34.07 4.80 4.78
N MET A 123 33.52 4.09 5.77
CA MET A 123 32.85 4.76 6.89
C MET A 123 33.82 5.33 7.92
N LYS A 124 35.09 4.94 7.88
CA LYS A 124 36.09 5.49 8.77
C LYS A 124 37.03 6.48 8.09
N ASN A 125 36.93 6.64 6.78
CA ASN A 125 37.80 7.59 6.07
C ASN A 125 37.54 9.00 6.56
N VAL A 126 38.61 9.75 6.76
CA VAL A 126 38.54 11.12 7.27
C VAL A 126 39.11 12.06 6.22
N HIS A 127 38.34 13.09 5.88
CA HIS A 127 38.76 14.18 5.03
C HIS A 127 38.65 15.43 5.91
N SER A 128 38.76 16.61 5.31
CA SER A 128 38.69 17.86 6.08
C SER A 128 37.58 17.80 7.13
N CYS A 129 37.90 18.31 8.33
CA CYS A 129 36.91 18.37 9.41
C CYS A 129 35.92 19.49 9.17
N GLU A 130 34.67 19.25 9.55
CA GLU A 130 33.58 20.20 9.29
C GLU A 130 32.82 20.52 10.58
N LEU A 131 33.55 20.86 11.65
CA LEU A 131 32.91 21.16 12.92
C LEU A 131 32.39 22.59 13.01
N THR A 132 33.12 23.54 12.42
CA THR A 132 32.68 24.93 12.46
C THR A 132 31.35 25.11 11.73
N LEU A 133 31.20 24.45 10.58
CA LEU A 133 29.94 24.53 9.84
C LEU A 133 28.79 23.98 10.66
N LEU A 134 29.01 22.85 11.33
CA LEU A 134 27.96 22.26 12.16
C LEU A 134 27.59 23.19 13.31
N LYS A 135 28.59 23.82 13.94
CA LYS A 135 28.31 24.77 15.01
C LYS A 135 27.47 25.94 14.49
N GLN A 136 27.82 26.47 13.31
CA GLN A 136 27.06 27.57 12.74
C GLN A 136 25.61 27.17 12.48
N PHE A 137 25.40 26.01 11.86
CA PHE A 137 24.04 25.56 11.60
C PHE A 137 23.25 25.42 12.88
N LEU A 138 23.86 24.82 13.91
CA LEU A 138 23.15 24.62 15.17
C LEU A 138 22.81 25.95 15.83
N THR A 139 23.72 26.91 15.82
CA THR A 139 23.43 28.21 16.42
C THR A 139 22.26 28.89 15.69
N ARG A 140 22.26 28.88 14.36
CA ARG A 140 21.18 29.53 13.64
C ARG A 140 19.85 28.84 13.86
N SER A 141 19.83 27.51 13.89
CA SER A 141 18.60 26.80 14.21
C SER A 141 18.11 27.17 15.60
N LYS A 142 19.01 27.33 16.57
CA LYS A 142 18.60 27.75 17.90
C LYS A 142 17.97 29.13 17.88
N ASN A 143 18.52 30.05 17.08
CA ASN A 143 17.92 31.38 16.99
C ASN A 143 16.48 31.32 16.46
N ILE A 144 16.30 30.63 15.33
CA ILE A 144 14.94 30.53 14.76
C ILE A 144 14.00 29.84 15.75
N SER A 145 14.48 28.78 16.39
CA SER A 145 13.65 28.03 17.32
C SER A 145 13.27 28.87 18.53
N THR A 146 14.18 29.72 19.02
CA THR A 146 13.80 30.55 20.16
C THR A 146 12.75 31.58 19.77
N LEU A 147 12.79 32.07 18.53
CA LEU A 147 11.71 32.97 18.10
C LEU A 147 10.36 32.24 18.13
N LYS A 148 10.31 31.01 17.61
CA LYS A 148 9.06 30.25 17.65
C LYS A 148 8.63 29.92 19.08
N LEU A 149 9.60 29.61 19.95
CA LEU A 149 9.28 29.30 21.34
C LEU A 149 8.69 30.50 22.06
N ASN A 150 9.24 31.69 21.81
CA ASN A 150 8.62 32.91 22.32
C ASN A 150 7.18 33.01 21.83
N MET A 151 6.96 32.70 20.54
CA MET A 151 5.61 32.74 20.01
C MET A 151 4.66 31.86 20.82
N ILE A 152 5.08 30.62 21.10
CA ILE A 152 4.21 29.69 21.84
C ILE A 152 3.97 30.20 23.27
N CYS A 153 5.05 30.51 23.98
CA CYS A 153 4.93 30.87 25.38
C CYS A 153 4.19 32.19 25.58
N ASP A 154 4.14 33.05 24.57
CA ASP A 154 3.43 34.32 24.72
C ASP A 154 1.95 34.07 24.97
N TRP A 155 1.33 33.18 24.21
CA TRP A 155 -0.11 33.02 24.33
C TRP A 155 -0.48 31.85 25.24
N LEU A 156 0.44 30.94 25.52
CA LEU A 156 0.16 29.93 26.54
C LEU A 156 0.31 30.49 27.96
N GLN A 157 0.73 31.73 28.12
CA GLN A 157 0.84 32.42 29.40
C GLN A 157 1.96 31.86 30.28
N LEU A 158 3.02 31.34 29.68
CA LEU A 158 4.17 30.85 30.42
C LEU A 158 5.18 31.97 30.65
N LYS A 159 6.02 31.79 31.65
CA LYS A 159 7.08 32.75 31.95
C LYS A 159 8.06 32.20 32.98
N SER A 166 15.50 30.20 27.35
CA SER A 166 16.54 29.77 28.28
C SER A 166 16.61 28.25 28.36
N ILE A 167 15.54 27.58 27.93
CA ILE A 167 15.58 26.13 27.85
C ILE A 167 16.48 25.68 26.71
N LEU A 168 16.57 26.49 25.65
CA LEU A 168 17.44 26.15 24.54
C LEU A 168 18.91 26.27 24.91
N SER A 169 19.23 26.89 26.03
CA SER A 169 20.60 26.94 26.53
C SER A 169 21.10 25.58 27.02
N PHE A 170 20.20 24.60 27.17
CA PHE A 170 20.62 23.26 27.56
C PHE A 170 21.38 22.55 26.45
N ILE A 171 21.19 22.94 25.19
CA ILE A 171 21.97 22.40 24.08
C ILE A 171 23.26 23.22 24.00
N ASP A 172 24.36 22.63 24.45
CA ASP A 172 25.64 23.31 24.50
C ASP A 172 26.39 23.04 23.20
N VAL A 173 26.62 24.10 22.41
CA VAL A 173 27.23 23.93 21.10
C VAL A 173 28.74 23.76 21.16
N GLU A 174 29.37 24.10 22.29
CA GLU A 174 30.82 24.02 22.41
C GLU A 174 31.30 22.64 22.81
N PHE A 175 30.42 21.70 23.10
CA PHE A 175 30.80 20.36 23.55
C PHE A 175 29.99 19.29 22.82
N ILE A 176 29.94 19.39 21.50
CA ILE A 176 29.29 18.36 20.70
C ILE A 176 30.08 17.05 20.83
N PRO A 177 29.42 15.89 20.99
CA PRO A 177 30.15 14.71 21.50
C PRO A 177 31.28 14.22 20.61
N SER A 178 31.21 14.42 19.30
CA SER A 178 32.13 13.88 18.31
C SER A 178 31.79 12.45 17.89
N TRP A 179 30.78 11.82 18.48
CA TRP A 179 30.12 10.69 17.82
C TRP A 179 28.92 11.14 17.02
N VAL A 180 28.67 12.45 16.96
CA VAL A 180 27.76 13.01 15.98
C VAL A 180 28.51 13.75 14.88
N SER A 181 29.72 14.26 15.16
CA SER A 181 30.42 15.11 14.21
C SER A 181 31.02 14.31 13.06
N ASN A 182 31.57 13.13 13.35
CA ASN A 182 32.27 12.37 12.33
C ASN A 182 31.33 11.98 11.19
N TRP A 183 30.11 11.55 11.52
CA TRP A 183 29.14 11.22 10.49
C TRP A 183 28.77 12.45 9.68
N PHE A 184 28.64 13.61 10.33
CA PHE A 184 28.35 14.83 9.59
C PHE A 184 29.45 15.14 8.60
N SER A 185 30.71 15.02 9.01
CA SER A 185 31.82 15.31 8.10
C SER A 185 31.83 14.35 6.92
N ASN A 186 31.68 13.05 7.19
CA ASN A 186 31.65 12.06 6.12
C ASN A 186 30.54 12.39 5.13
N TRP A 187 29.32 12.62 5.64
CA TRP A 187 28.20 12.92 4.77
C TRP A 187 28.45 14.19 3.97
N TYR A 188 28.98 15.22 4.62
CA TYR A 188 29.21 16.48 3.92
C TYR A 188 30.13 16.27 2.73
N ASN A 189 31.25 15.58 2.93
CA ASN A 189 32.20 15.41 1.84
C ASN A 189 31.60 14.55 0.72
N LEU A 190 30.99 13.43 1.06
CA LEU A 190 30.45 12.55 0.02
C LEU A 190 29.31 13.23 -0.74
N ASN A 191 28.45 13.97 -0.03
CA ASN A 191 27.35 14.67 -0.67
C ASN A 191 27.86 15.79 -1.58
N LYS A 192 28.93 16.48 -1.16
CA LYS A 192 29.53 17.47 -2.05
C LYS A 192 29.98 16.83 -3.35
N LEU A 193 30.64 15.68 -3.24
CA LEU A 193 31.08 14.98 -4.45
C LEU A 193 29.88 14.63 -5.34
N ILE A 194 28.83 14.08 -4.75
CA ILE A 194 27.67 13.64 -5.53
C ILE A 194 26.99 14.83 -6.20
N LEU A 195 26.82 15.94 -5.49
CA LEU A 195 26.17 17.11 -6.08
C LEU A 195 27.01 17.71 -7.20
N GLU A 196 28.33 17.74 -7.02
CA GLU A 196 29.19 18.20 -8.12
C GLU A 196 29.03 17.31 -9.35
N PHE A 197 28.98 16.00 -9.15
CA PHE A 197 28.79 15.11 -10.29
C PHE A 197 27.46 15.38 -10.98
N ARG A 198 26.39 15.58 -10.20
CA ARG A 198 25.09 15.84 -10.81
C ARG A 198 25.11 17.12 -11.65
N ARG A 199 25.72 18.18 -11.10
CA ARG A 199 25.85 19.42 -11.86
C ARG A 199 26.61 19.19 -13.16
N GLU A 200 27.72 18.45 -13.09
CA GLU A 200 28.49 18.20 -14.31
C GLU A 200 27.71 17.38 -15.32
N GLU A 201 26.95 16.38 -14.85
CA GLU A 201 26.23 15.49 -15.75
C GLU A 201 25.06 16.21 -16.43
N VAL A 202 24.45 17.19 -15.76
CA VAL A 202 23.36 17.91 -16.40
C VAL A 202 23.85 18.63 -17.65
N ILE A 203 25.14 18.97 -17.72
CA ILE A 203 25.67 19.72 -18.85
C ILE A 203 26.08 18.80 -19.99
N ARG A 204 26.73 17.68 -19.67
CA ARG A 204 27.20 16.73 -20.66
C ARG A 204 26.60 15.35 -20.38
N THR A 205 26.18 14.66 -21.45
CA THR A 205 25.38 13.46 -21.29
C THR A 205 26.10 12.39 -20.48
N GLY A 206 27.33 12.06 -20.86
CA GLY A 206 28.09 11.06 -20.14
C GLY A 206 29.43 11.58 -19.67
N SER A 207 29.58 11.73 -18.36
CA SER A 207 30.74 12.36 -17.78
C SER A 207 31.34 11.45 -16.72
N ILE A 208 32.67 11.44 -16.66
CA ILE A 208 33.41 10.66 -15.68
C ILE A 208 34.22 11.65 -14.84
N LEU A 209 34.03 11.60 -13.53
CA LEU A 209 34.60 12.57 -12.60
C LEU A 209 35.42 11.83 -11.55
N CYS A 210 36.64 12.31 -11.31
CA CYS A 210 37.56 11.71 -10.36
C CYS A 210 37.87 12.72 -9.26
N ARG A 211 37.77 12.27 -8.00
CA ARG A 211 38.04 13.12 -6.85
C ARG A 211 38.68 12.27 -5.76
N SER A 212 39.52 12.92 -4.96
CA SER A 212 40.22 12.27 -3.86
C SER A 212 39.60 12.70 -2.54
N LEU A 213 39.22 11.72 -1.72
CA LEU A 213 38.64 11.95 -0.39
C LEU A 213 39.56 11.29 0.63
N GLY A 214 40.57 12.01 1.09
CA GLY A 214 41.51 11.47 2.05
C GLY A 214 42.50 10.53 1.41
N LYS A 215 42.44 9.25 1.80
CA LYS A 215 43.30 8.22 1.22
C LYS A 215 42.58 7.37 0.20
N LEU A 216 41.30 7.66 -0.08
CA LEU A 216 40.54 6.96 -1.09
C LEU A 216 40.41 7.84 -2.32
N VAL A 217 40.40 7.23 -3.50
CA VAL A 217 40.14 7.94 -4.74
C VAL A 217 38.93 7.31 -5.41
N PHE A 218 37.94 8.14 -5.73
CA PHE A 218 36.74 7.73 -6.43
C PHE A 218 36.78 8.18 -7.87
N ILE A 219 36.35 7.30 -8.76
CA ILE A 219 36.08 7.63 -10.16
C ILE A 219 34.61 7.33 -10.38
N VAL A 220 33.80 8.38 -10.55
CA VAL A 220 32.35 8.28 -10.53
C VAL A 220 31.81 8.48 -11.94
N SER A 221 30.76 7.73 -12.27
CA SER A 221 30.09 7.85 -13.55
C SER A 221 28.65 7.41 -13.37
N SER A 222 27.83 7.70 -14.37
CA SER A 222 26.42 7.33 -14.30
C SER A 222 26.20 5.85 -14.54
N TYR A 223 27.17 5.16 -15.14
CA TYR A 223 27.05 3.74 -15.43
C TYR A 223 28.07 2.87 -14.71
N GLY A 224 28.89 3.45 -13.84
CA GLY A 224 29.86 2.67 -13.10
C GLY A 224 30.71 3.56 -12.22
N CYS A 225 31.31 2.95 -11.21
CA CYS A 225 32.13 3.68 -10.25
C CYS A 225 33.26 2.78 -9.79
N ILE A 226 34.39 3.41 -9.46
CA ILE A 226 35.58 2.72 -8.97
C ILE A 226 36.05 3.43 -7.71
N VAL A 227 36.50 2.65 -6.72
CA VAL A 227 37.13 3.23 -5.53
C VAL A 227 38.43 2.48 -5.27
N LYS A 228 39.51 3.23 -5.12
CA LYS A 228 40.81 2.66 -4.79
C LYS A 228 41.26 3.22 -3.44
N SER A 229 41.85 2.35 -2.62
CA SER A 229 42.35 2.71 -1.31
C SER A 229 43.87 2.52 -1.29
N ASN A 230 44.59 3.61 -1.00
CA ASN A 230 46.04 3.59 -0.88
C ASN A 230 46.51 3.01 0.45
N LYS A 231 45.76 3.26 1.53
CA LYS A 231 46.16 2.73 2.83
C LYS A 231 46.23 1.21 2.81
N SER A 232 45.20 0.56 2.28
CA SER A 232 45.16 -0.89 2.18
C SER A 232 45.59 -1.41 0.82
N LYS A 233 45.76 -0.53 -0.17
CA LYS A 233 46.17 -0.94 -1.52
C LYS A 233 45.18 -1.94 -2.10
N ARG A 234 43.94 -1.50 -2.28
CA ARG A 234 42.94 -2.39 -2.87
C ARG A 234 41.88 -1.58 -3.60
N VAL A 235 41.30 -2.19 -4.64
CA VAL A 235 40.40 -1.52 -5.56
C VAL A 235 39.08 -2.28 -5.61
N SER A 236 38.00 -1.54 -5.89
CA SER A 236 36.67 -2.14 -5.96
C SER A 236 35.84 -1.41 -7.00
N PHE A 237 34.89 -2.14 -7.59
CA PHE A 237 34.05 -1.65 -8.67
C PHE A 237 32.59 -1.79 -8.26
N PHE A 238 31.80 -0.73 -8.47
CA PHE A 238 30.41 -0.75 -8.04
C PHE A 238 29.59 0.13 -8.98
N THR A 239 28.32 0.31 -8.65
CA THR A 239 27.38 1.08 -9.45
C THR A 239 27.07 2.42 -8.78
N TYR A 240 26.30 3.25 -9.47
CA TYR A 240 25.92 4.55 -8.91
C TYR A 240 25.12 4.36 -7.62
N ASN A 241 24.22 3.38 -7.59
CA ASN A 241 23.76 2.85 -6.32
C ASN A 241 24.91 2.06 -5.70
N GLN A 242 25.03 2.15 -4.38
CA GLN A 242 26.24 1.89 -3.58
C GLN A 242 27.18 3.08 -3.54
N LEU A 243 26.90 4.17 -4.26
CA LEU A 243 27.60 5.41 -4.01
C LEU A 243 26.75 6.38 -3.22
N LEU A 244 25.45 6.42 -3.52
CA LEU A 244 24.51 7.24 -2.79
C LEU A 244 23.66 6.43 -1.82
N THR A 245 24.01 5.17 -1.58
CA THR A 245 23.50 4.45 -0.41
C THR A 245 24.47 4.52 0.77
N TRP A 246 25.78 4.56 0.50
CA TRP A 246 26.73 4.86 1.56
C TRP A 246 26.50 6.25 2.11
N LYS A 247 26.22 7.21 1.22
CA LYS A 247 25.89 8.57 1.65
C LYS A 247 24.62 8.59 2.49
N ASP A 248 23.61 7.81 2.09
CA ASP A 248 22.38 7.73 2.87
C ASP A 248 22.64 7.13 4.25
N VAL A 249 23.51 6.13 4.32
CA VAL A 249 23.86 5.54 5.60
C VAL A 249 24.55 6.57 6.50
N MET A 250 25.48 7.34 5.94
CA MET A 250 26.12 8.40 6.71
C MET A 250 25.12 9.42 7.21
N LEU A 251 24.20 9.84 6.33
CA LEU A 251 23.20 10.84 6.72
C LEU A 251 22.32 10.31 7.84
N SER A 252 21.85 9.06 7.72
CA SER A 252 20.99 8.49 8.75
C SER A 252 21.73 8.34 10.07
N ARG A 253 23.00 7.95 10.03
CA ARG A 253 23.76 7.83 11.27
C ARG A 253 23.90 9.18 11.96
N PHE A 254 24.21 10.23 11.18
CA PHE A 254 24.29 11.57 11.78
C PHE A 254 22.94 11.98 12.36
N ASN A 255 21.86 11.79 11.62
CA ASN A 255 20.55 12.23 12.09
C ASN A 255 20.17 11.53 13.38
N ALA A 256 20.36 10.21 13.44
CA ALA A 256 20.00 9.46 14.64
C ALA A 256 20.83 9.92 15.84
N ASN A 257 22.16 9.97 15.67
CA ASN A 257 22.99 10.36 16.80
C ASN A 257 22.69 11.79 17.24
N PHE A 258 22.44 12.69 16.29
CA PHE A 258 22.11 14.07 16.63
C PHE A 258 20.81 14.15 17.42
N CYS A 259 19.78 13.43 16.98
CA CYS A 259 18.52 13.44 17.71
C CYS A 259 18.69 12.90 19.13
N ILE A 260 19.42 11.80 19.29
CA ILE A 260 19.54 11.24 20.64
C ILE A 260 20.39 12.16 21.52
N TRP A 261 21.43 12.79 20.97
CA TRP A 261 22.22 13.72 21.76
C TRP A 261 21.38 14.90 22.23
N VAL A 262 20.57 15.47 21.33
CA VAL A 262 19.73 16.61 21.70
C VAL A 262 18.71 16.21 22.76
N SER A 263 18.08 15.05 22.59
CA SER A 263 17.09 14.60 23.56
C SER A 263 17.73 14.35 24.93
N ASN A 264 18.92 13.78 24.95
CA ASN A 264 19.61 13.54 26.23
C ASN A 264 20.03 14.86 26.88
N SER A 265 20.46 15.83 26.06
CA SER A 265 20.81 17.14 26.61
C SER A 265 19.58 17.80 27.24
N LEU A 266 18.43 17.72 26.57
CA LEU A 266 17.22 18.31 27.13
C LEU A 266 16.77 17.59 28.39
N ASN A 267 16.84 16.26 28.40
CA ASN A 267 16.31 15.47 29.51
C ASN A 267 17.21 15.48 30.73
N GLU A 268 18.47 15.90 30.60
CA GLU A 268 19.37 15.95 31.75
C GLU A 268 19.15 17.19 32.61
N ASN A 269 18.43 18.18 32.11
CA ASN A 269 18.16 19.41 32.84
C ASN A 269 16.71 19.52 33.29
N GLN A 270 15.76 19.16 32.42
CA GLN A 270 14.36 19.01 32.81
C GLN A 270 13.87 17.67 32.25
N GLU A 271 13.53 16.74 33.12
CA GLU A 271 13.01 15.47 32.66
C GLU A 271 11.66 15.68 31.98
N GLY A 272 11.48 15.01 30.85
CA GLY A 272 10.27 15.15 30.06
C GLY A 272 10.35 16.20 28.98
N LEU A 273 11.45 16.94 28.88
CA LEU A 273 11.60 17.94 27.82
C LEU A 273 11.92 17.30 26.48
N GLY A 274 12.70 16.22 26.48
CA GLY A 274 13.05 15.52 25.27
C GLY A 274 12.18 14.30 25.03
N LEU A 275 12.69 13.42 24.16
CA LEU A 275 12.01 12.17 23.90
C LEU A 275 12.05 11.29 25.14
N ARG A 276 11.13 10.32 25.20
CA ARG A 276 11.05 9.41 26.34
C ARG A 276 11.78 8.11 25.99
N SER A 277 13.09 8.24 25.83
CA SER A 277 14.00 7.12 25.61
C SER A 277 15.40 7.60 25.89
N ASN A 278 16.18 6.77 26.60
CA ASN A 278 17.52 7.12 27.05
C ASN A 278 18.51 6.18 26.39
N LEU A 279 18.98 6.54 25.20
CA LEU A 279 19.95 5.75 24.46
C LEU A 279 21.34 6.37 24.62
N GLN A 280 22.33 5.52 24.90
CA GLN A 280 23.72 5.97 24.90
C GLN A 280 24.19 6.08 23.45
N GLY A 281 24.87 7.18 23.13
CA GLY A 281 25.32 7.37 21.75
C GLY A 281 26.63 6.68 21.46
N MET A 282 27.51 6.61 22.45
CA MET A 282 28.78 5.91 22.26
C MET A 282 28.54 4.44 21.95
N LEU A 283 27.53 3.84 22.59
CA LEU A 283 27.20 2.45 22.34
C LEU A 283 26.59 2.26 20.94
N THR A 284 25.82 3.23 20.45
CA THR A 284 25.33 3.16 19.08
C THR A 284 26.48 3.27 18.08
N ASN A 285 27.46 4.14 18.36
CA ASN A 285 28.64 4.21 17.49
C ASN A 285 29.39 2.90 17.49
N LYS A 286 29.54 2.27 18.66
CA LYS A 286 30.18 0.97 18.74
C LYS A 286 29.43 -0.07 17.92
N LEU A 287 28.10 -0.06 18.00
CA LEU A 287 27.29 -0.99 17.21
C LEU A 287 27.52 -0.78 15.71
N TYR A 288 27.51 0.49 15.28
CA TYR A 288 27.75 0.77 13.86
C TYR A 288 29.09 0.20 13.42
N GLU A 289 30.16 0.49 14.16
CA GLU A 289 31.48 0.03 13.76
C GLU A 289 31.57 -1.49 13.74
N THR A 290 31.01 -2.15 14.75
CA THR A 290 31.10 -3.60 14.82
C THR A 290 30.36 -4.27 13.68
N VAL A 291 29.15 -3.81 13.37
CA VAL A 291 28.40 -4.41 12.28
C VAL A 291 29.06 -4.10 10.95
N ASP A 292 29.65 -2.91 10.79
CA ASP A 292 30.39 -2.61 9.58
C ASP A 292 31.54 -3.59 9.39
N TYR A 293 32.30 -3.85 10.44
CA TYR A 293 33.42 -4.78 10.34
C TYR A 293 32.92 -6.19 10.01
N MET A 294 31.84 -6.63 10.67
CA MET A 294 31.33 -7.96 10.42
C MET A 294 30.85 -8.12 8.98
N LEU A 295 30.15 -7.12 8.46
CA LEU A 295 29.72 -7.17 7.06
C LEU A 295 30.91 -7.12 6.11
N SER A 296 31.95 -6.36 6.45
CA SER A 296 33.13 -6.31 5.61
C SER A 296 33.80 -7.68 5.52
N LEU A 297 33.88 -8.40 6.65
CA LEU A 297 34.50 -9.73 6.62
C LEU A 297 33.64 -10.73 5.87
N CYS A 298 32.35 -10.80 6.19
CA CYS A 298 31.42 -11.68 5.48
C CYS A 298 30.84 -10.92 4.31
N CYS A 299 31.26 -11.30 3.10
CA CYS A 299 31.17 -10.37 1.98
C CYS A 299 29.77 -9.86 1.72
N ASN A 300 28.87 -10.72 1.22
CA ASN A 300 27.53 -10.29 0.87
C ASN A 300 26.47 -11.23 1.41
N GLU A 301 26.85 -12.35 2.01
CA GLU A 301 25.93 -13.24 2.69
C GLU A 301 25.68 -12.83 4.12
N GLY A 302 26.29 -11.73 4.57
CA GLY A 302 26.10 -11.24 5.92
C GLY A 302 24.84 -10.42 6.14
N PHE A 303 24.16 -10.00 5.08
CA PHE A 303 22.91 -9.27 5.25
C PHE A 303 21.78 -10.19 5.67
N SER A 304 21.78 -11.43 5.17
CA SER A 304 20.86 -12.43 5.72
C SER A 304 21.11 -12.66 7.19
N LEU A 305 22.31 -12.34 7.67
CA LEU A 305 22.65 -12.43 9.08
C LEU A 305 22.27 -11.17 9.85
N VAL A 306 22.30 -10.02 9.18
CA VAL A 306 21.80 -8.78 9.76
C VAL A 306 20.28 -8.78 9.86
N LYS A 307 19.60 -9.61 9.08
CA LYS A 307 18.14 -9.66 9.12
C LYS A 307 17.57 -9.97 10.50
N GLU A 308 18.34 -10.63 11.37
CA GLU A 308 17.78 -11.15 12.61
C GLU A 308 17.78 -10.15 13.75
N PHE A 309 18.23 -8.91 13.51
CA PHE A 309 18.22 -7.90 14.57
C PHE A 309 16.80 -7.59 15.01
N GLU A 310 15.85 -7.55 14.07
CA GLU A 310 14.46 -7.33 14.41
C GLU A 310 13.93 -8.45 15.30
N GLY A 311 14.24 -9.70 14.96
CA GLY A 311 13.83 -10.82 15.79
C GLY A 311 14.44 -10.76 17.18
N PHE A 312 15.70 -10.34 17.27
CA PHE A 312 16.33 -10.22 18.57
C PHE A 312 15.64 -9.15 19.42
N ILE A 313 15.30 -8.02 18.82
CA ILE A 313 14.60 -6.97 19.57
C ILE A 313 13.21 -7.46 19.99
N MET A 314 12.53 -8.20 19.12
CA MET A 314 11.24 -8.78 19.47
C MET A 314 11.37 -9.72 20.65
N SER A 315 12.42 -10.55 20.66
CA SER A 315 12.62 -11.47 21.77
C SER A 315 12.88 -10.71 23.06
N GLU A 316 13.64 -9.61 22.99
CA GLU A 316 13.87 -8.79 24.18
C GLU A 316 12.56 -8.20 24.70
N ILE A 317 11.72 -7.70 23.80
CA ILE A 317 10.43 -7.16 24.22
C ILE A 317 9.59 -8.24 24.89
N LEU A 318 9.55 -9.43 24.30
CA LEU A 318 8.77 -10.52 24.88
C LEU A 318 9.30 -10.91 26.25
N ARG A 319 10.63 -10.95 26.41
CA ARG A 319 11.19 -11.18 27.74
C ARG A 319 10.72 -10.11 28.73
N ILE A 320 10.65 -8.86 28.28
CA ILE A 320 10.24 -7.78 29.18
C ILE A 320 8.78 -7.95 29.59
N THR A 321 7.90 -8.31 28.65
CA THR A 321 6.47 -8.19 28.87
C THR A 321 5.74 -9.49 29.21
N GLU A 322 6.37 -10.65 29.00
CA GLU A 322 5.64 -11.92 29.11
C GLU A 322 6.34 -12.87 30.07
N HIS A 323 5.70 -14.00 30.30
CA HIS A 323 6.12 -15.02 31.24
C HIS A 323 7.08 -15.96 30.52
N ALA A 324 7.98 -16.59 31.31
CA ALA A 324 9.17 -17.21 30.73
C ALA A 324 8.83 -18.22 29.65
N GLN A 325 7.67 -18.85 29.74
CA GLN A 325 7.33 -19.94 28.83
C GLN A 325 7.31 -19.49 27.37
N PHE A 326 6.65 -18.36 27.08
CA PHE A 326 6.59 -17.85 25.72
C PHE A 326 7.93 -17.26 25.27
N SER A 327 8.54 -16.47 26.15
CA SER A 327 9.75 -15.75 25.78
C SER A 327 10.91 -16.70 25.50
N THR A 328 11.09 -17.73 26.33
CA THR A 328 12.17 -18.67 26.11
C THR A 328 11.97 -19.45 24.82
N ARG A 329 10.73 -19.83 24.52
CA ARG A 329 10.45 -20.52 23.27
C ARG A 329 10.82 -19.65 22.07
N PHE A 330 10.40 -18.38 22.09
CA PHE A 330 10.74 -17.48 21.00
C PHE A 330 12.26 -17.33 20.86
N ARG A 331 12.94 -17.12 21.98
CA ARG A 331 14.39 -16.90 21.94
C ARG A 331 15.13 -18.11 21.41
N ASN A 332 14.76 -19.30 21.87
CA ASN A 332 15.43 -20.52 21.41
C ASN A 332 15.18 -20.74 19.92
N THR A 333 13.95 -20.54 19.46
CA THR A 333 13.67 -20.68 18.04
C THR A 333 14.52 -19.72 17.22
N LEU A 334 14.68 -18.48 17.70
CA LEU A 334 15.53 -17.52 16.99
C LEU A 334 16.98 -17.98 16.94
N LEU A 335 17.53 -18.38 18.09
CA LEU A 335 18.95 -18.70 18.17
C LEU A 335 19.30 -19.92 17.31
N ASN A 336 18.42 -20.92 17.28
CA ASN A 336 18.70 -22.11 16.49
C ASN A 336 18.87 -21.77 15.02
N GLY A 337 17.93 -21.00 14.46
CA GLY A 337 18.03 -20.62 13.06
C GLY A 337 19.23 -19.74 12.78
N LEU A 338 19.51 -18.80 13.69
CA LEU A 338 20.66 -17.93 13.49
C LEU A 338 21.96 -18.72 13.43
N THR A 339 22.11 -19.70 14.31
CA THR A 339 23.32 -20.52 14.29
C THR A 339 23.36 -21.44 13.08
N ASP A 340 22.21 -21.91 12.61
CA ASP A 340 22.18 -22.69 11.38
C ASP A 340 22.72 -21.88 10.20
N GLN A 341 22.23 -20.64 10.05
CA GLN A 341 22.73 -19.78 8.99
C GLN A 341 24.22 -19.51 9.15
N LEU A 342 24.66 -19.28 10.39
CA LEU A 342 26.08 -19.03 10.64
C LEU A 342 26.93 -20.19 10.18
N THR A 343 26.49 -21.42 10.47
CA THR A 343 27.22 -22.60 10.01
C THR A 343 27.24 -22.67 8.49
N LYS A 344 26.12 -22.36 7.84
CA LYS A 344 26.03 -22.54 6.39
C LYS A 344 26.70 -21.41 5.60
N LEU A 345 27.08 -20.29 6.23
CA LEU A 345 27.60 -19.16 5.49
C LEU A 345 28.75 -19.52 4.55
N LYS A 346 29.77 -20.20 5.06
CA LYS A 346 31.03 -20.33 4.34
C LYS A 346 30.86 -20.98 2.98
N ASN A 347 30.07 -22.06 2.92
CA ASN A 347 29.95 -22.81 1.68
C ASN A 347 29.25 -21.99 0.60
N LYS A 348 28.27 -21.17 0.97
CA LYS A 348 27.60 -20.32 -0.01
C LYS A 348 28.60 -19.42 -0.73
N ASN A 349 29.42 -18.71 0.04
CA ASN A 349 30.41 -17.82 -0.55
C ASN A 349 31.41 -18.60 -1.39
N ARG A 350 31.91 -19.71 -0.86
CA ARG A 350 32.91 -20.46 -1.60
C ARG A 350 32.34 -21.08 -2.87
N LEU A 351 31.03 -21.27 -2.93
CA LEU A 351 30.41 -21.81 -4.14
C LEU A 351 30.14 -20.70 -5.16
N ARG A 352 29.79 -19.50 -4.67
CA ARG A 352 29.48 -18.41 -5.59
C ARG A 352 30.72 -17.90 -6.32
N VAL A 353 31.86 -17.87 -5.64
CA VAL A 353 33.05 -17.20 -6.17
C VAL A 353 33.96 -18.19 -6.89
N HIS A 354 33.42 -19.34 -7.27
CA HIS A 354 34.22 -20.30 -8.01
C HIS A 354 34.56 -19.77 -9.39
N SER A 355 35.82 -19.96 -9.81
CA SER A 355 36.30 -19.52 -11.13
C SER A 355 36.12 -18.01 -11.30
N THR A 356 36.51 -17.25 -10.28
CA THR A 356 36.38 -15.80 -10.27
C THR A 356 37.67 -15.22 -9.73
N VAL A 357 37.85 -13.91 -9.93
CA VAL A 357 39.01 -13.21 -9.37
C VAL A 357 39.01 -13.20 -7.85
N LEU A 358 37.84 -13.35 -7.23
CA LEU A 358 37.71 -13.32 -5.78
C LEU A 358 37.85 -14.71 -5.15
N GLU A 359 38.12 -15.74 -5.95
CA GLU A 359 38.27 -17.08 -5.40
C GLU A 359 39.50 -17.21 -4.51
N ASN A 360 40.52 -16.38 -4.72
CA ASN A 360 41.75 -16.48 -3.93
C ASN A 360 41.68 -15.73 -2.61
N ASN A 361 40.66 -14.90 -2.40
CA ASN A 361 40.48 -14.25 -1.12
C ASN A 361 39.99 -15.24 -0.09
N ASP A 362 40.40 -15.04 1.16
CA ASP A 362 40.11 -15.97 2.25
C ASP A 362 38.87 -15.49 3.00
N TYR A 363 38.02 -16.44 3.37
CA TYR A 363 36.81 -16.17 4.12
C TYR A 363 37.05 -16.34 5.61
N PRO A 364 36.33 -15.63 6.47
CA PRO A 364 36.50 -15.83 7.91
C PRO A 364 36.06 -17.22 8.34
N MET A 365 36.66 -17.70 9.43
CA MET A 365 36.28 -18.99 10.00
C MET A 365 35.00 -18.84 10.81
N TYR A 366 34.52 -19.96 11.34
CA TYR A 366 33.28 -19.94 12.12
C TYR A 366 33.43 -19.10 13.38
N GLU A 367 34.56 -19.26 14.08
CA GLU A 367 34.68 -18.70 15.42
C GLU A 367 34.69 -17.18 15.40
N VAL A 368 35.38 -16.57 14.42
CA VAL A 368 35.47 -15.12 14.38
C VAL A 368 34.08 -14.50 14.13
N VAL A 369 33.33 -15.07 13.19
CA VAL A 369 31.99 -14.54 12.91
C VAL A 369 31.07 -14.77 14.10
N LEU A 370 31.23 -15.90 14.78
CA LEU A 370 30.43 -16.16 15.98
C LEU A 370 30.71 -15.10 17.04
N LYS A 371 31.98 -14.75 17.23
CA LYS A 371 32.33 -13.73 18.21
C LYS A 371 31.76 -12.37 17.80
N LEU A 372 31.80 -12.06 16.51
CA LEU A 372 31.23 -10.79 16.04
C LEU A 372 29.73 -10.72 16.31
N LEU A 373 29.01 -11.81 16.03
CA LEU A 373 27.58 -11.84 16.37
C LEU A 373 27.35 -11.68 17.86
N GLY A 374 28.16 -12.36 18.68
CA GLY A 374 28.02 -12.20 20.11
C GLY A 374 28.18 -10.76 20.54
N ASP A 375 29.22 -10.09 20.00
CA ASP A 375 29.47 -8.71 20.39
C ASP A 375 28.34 -7.79 19.96
N THR A 376 27.84 -7.95 18.73
CA THR A 376 26.78 -7.07 18.28
C THR A 376 25.48 -7.30 19.06
N LEU A 377 25.18 -8.55 19.40
CA LEU A 377 23.97 -8.82 20.17
C LEU A 377 24.12 -8.31 21.61
N ARG A 378 25.33 -8.37 22.18
CA ARG A 378 25.59 -7.66 23.43
C ARG A 378 25.31 -6.16 23.30
N CYS A 379 25.81 -5.54 22.24
CA CYS A 379 25.58 -4.10 22.06
C CYS A 379 24.10 -3.80 22.01
N ILE A 380 23.34 -4.61 21.25
CA ILE A 380 21.90 -4.38 21.14
C ILE A 380 21.22 -4.57 22.50
N LYS A 381 21.60 -5.63 23.22
CA LYS A 381 20.94 -5.92 24.48
C LYS A 381 21.22 -4.87 25.55
N LEU A 382 22.43 -4.30 25.55
CA LEU A 382 22.77 -3.29 26.54
C LEU A 382 22.09 -1.95 26.24
N LEU A 383 21.83 -1.67 24.97
CA LEU A 383 21.09 -0.45 24.62
C LEU A 383 19.67 -0.52 25.16
N ILE A 384 19.05 -1.70 25.09
CA ILE A 384 17.74 -1.94 25.69
C ILE A 384 18.01 -2.26 27.16
N ASN A 385 17.94 -1.25 28.02
CA ASN A 385 18.26 -1.41 29.44
C ASN A 385 17.04 -1.90 30.21
N LYS A 386 16.47 -3.01 29.74
CA LYS A 386 15.21 -3.54 30.25
C LYS A 386 14.06 -2.57 30.05
N ASN A 387 14.26 -1.56 29.19
CA ASN A 387 13.30 -0.49 28.99
C ASN A 387 12.54 -0.73 27.70
N LEU A 388 11.21 -0.70 27.77
CA LEU A 388 10.37 -0.95 26.61
C LEU A 388 10.36 0.21 25.63
N GLU A 389 10.72 1.42 26.07
CA GLU A 389 10.83 2.57 25.19
C GLU A 389 12.11 2.54 24.37
N ASN A 390 13.21 2.05 24.96
CA ASN A 390 14.45 1.89 24.21
C ASN A 390 14.30 0.82 23.14
N ALA A 391 13.62 -0.29 23.46
CA ALA A 391 13.44 -1.35 22.47
C ALA A 391 12.63 -0.85 21.28
N ALA A 392 11.54 -0.13 21.53
CA ALA A 392 10.76 0.44 20.44
C ALA A 392 11.55 1.51 19.71
N GLU A 393 12.42 2.20 20.43
CA GLU A 393 13.29 3.23 19.85
C GLU A 393 14.30 2.66 18.89
N LEU A 394 14.83 1.47 19.17
CA LEU A 394 15.91 0.87 18.41
C LEU A 394 15.45 0.20 17.11
N TYR A 395 14.21 0.42 16.70
CA TYR A 395 13.74 -0.15 15.44
C TYR A 395 14.32 0.56 14.23
N TYR A 396 15.09 1.62 14.42
CA TYR A 396 15.68 2.36 13.31
C TYR A 396 16.97 1.76 12.79
N ILE A 397 17.51 0.73 13.46
CA ILE A 397 18.80 0.17 13.03
C ILE A 397 18.65 -0.82 11.88
N PHE A 398 17.42 -1.11 11.45
CA PHE A 398 17.24 -2.01 10.32
C PHE A 398 17.71 -1.35 9.03
N ARG A 399 17.85 -0.02 9.04
CA ARG A 399 18.31 0.75 7.89
C ARG A 399 19.79 1.09 7.96
N ILE A 400 20.37 1.15 9.15
CA ILE A 400 21.57 1.95 9.39
C ILE A 400 22.85 1.25 8.93
N PHE A 401 22.75 0.13 8.24
CA PHE A 401 23.91 -0.66 7.87
C PHE A 401 24.11 -0.83 6.36
N GLY A 402 23.12 -0.45 5.57
CA GLY A 402 23.20 -0.58 4.12
C GLY A 402 22.22 -1.59 3.58
N HIS A 403 22.19 -1.70 2.26
CA HIS A 403 21.31 -2.63 1.58
C HIS A 403 22.11 -3.70 0.85
N PRO A 404 21.60 -4.93 0.77
CA PRO A 404 22.30 -5.97 0.03
C PRO A 404 22.16 -5.81 -1.47
N MET A 405 23.01 -6.53 -2.19
CA MET A 405 23.09 -6.48 -3.65
C MET A 405 22.33 -7.69 -4.19
N VAL A 406 21.24 -7.42 -4.93
CA VAL A 406 20.26 -8.45 -5.24
C VAL A 406 20.64 -9.16 -6.53
N ASP A 407 20.60 -10.48 -6.50
CA ASP A 407 20.88 -11.30 -7.68
C ASP A 407 19.59 -11.61 -8.40
N GLU A 408 19.50 -11.20 -9.67
CA GLU A 408 18.27 -11.34 -10.42
C GLU A 408 17.94 -12.80 -10.70
N ARG A 409 18.95 -13.59 -11.10
CA ARG A 409 18.75 -14.97 -11.52
C ARG A 409 18.82 -15.96 -10.38
N ASP A 410 19.14 -15.53 -9.17
CA ASP A 410 19.28 -16.45 -8.04
C ASP A 410 17.98 -16.59 -7.25
N ALA A 411 17.26 -15.48 -7.02
CA ALA A 411 15.97 -15.57 -6.36
C ALA A 411 14.98 -16.38 -7.18
N MET A 412 15.01 -16.19 -8.50
CA MET A 412 14.15 -16.96 -9.38
C MET A 412 14.43 -18.44 -9.27
N ASP A 413 15.71 -18.82 -9.25
CA ASP A 413 16.07 -20.22 -9.06
C ASP A 413 15.60 -20.73 -7.71
N ALA A 414 15.75 -19.90 -6.67
CA ALA A 414 15.38 -20.34 -5.33
C ALA A 414 13.89 -20.63 -5.23
N VAL A 415 13.06 -19.80 -5.87
CA VAL A 415 11.61 -20.02 -5.80
C VAL A 415 11.13 -21.05 -6.81
N LYS A 416 11.94 -21.38 -7.82
CA LYS A 416 11.50 -22.33 -8.84
C LYS A 416 11.04 -23.64 -8.22
N LEU A 417 11.88 -24.25 -7.39
CA LEU A 417 11.60 -25.61 -6.95
C LEU A 417 10.47 -25.64 -5.93
N ASN A 418 10.24 -24.51 -5.25
CA ASN A 418 9.03 -24.37 -4.43
C ASN A 418 7.78 -24.28 -5.30
N ASN A 419 7.86 -23.61 -6.45
CA ASN A 419 6.72 -23.46 -7.35
C ASN A 419 6.55 -24.63 -8.31
N GLU A 420 7.15 -25.79 -8.01
CA GLU A 420 7.17 -26.92 -8.93
C GLU A 420 6.73 -28.23 -8.29
N ILE A 421 6.95 -28.42 -7.00
CA ILE A 421 6.67 -29.71 -6.37
C ILE A 421 5.18 -30.00 -6.38
N THR A 422 4.83 -31.28 -6.52
CA THR A 422 3.46 -31.73 -6.40
C THR A 422 3.01 -31.74 -4.95
N LYS A 423 1.73 -31.46 -4.74
CA LYS A 423 1.17 -31.37 -3.41
C LYS A 423 0.00 -32.32 -3.27
N ILE A 424 -0.03 -33.08 -2.18
CA ILE A 424 -1.10 -34.03 -1.90
C ILE A 424 -2.12 -33.36 -1.01
N LEU A 425 -3.38 -33.37 -1.42
CA LEU A 425 -4.44 -32.65 -0.73
C LEU A 425 -5.56 -33.63 -0.34
N ARG A 426 -6.25 -33.26 0.73
CA ARG A 426 -7.39 -34.04 1.23
C ARG A 426 -8.67 -33.44 0.68
N LEU A 427 -9.53 -34.28 0.10
CA LEU A 427 -10.78 -33.80 -0.45
C LEU A 427 -11.69 -33.19 0.62
N GLU A 428 -11.73 -33.80 1.81
CA GLU A 428 -12.69 -33.36 2.83
C GLU A 428 -12.38 -31.93 3.29
N SER A 429 -11.12 -31.66 3.61
CA SER A 429 -10.75 -30.30 4.02
C SER A 429 -10.92 -29.32 2.86
N LEU A 430 -10.65 -29.78 1.64
CA LEU A 430 -10.79 -28.94 0.47
C LEU A 430 -12.24 -28.50 0.28
N THR A 431 -13.19 -29.42 0.52
CA THR A 431 -14.60 -29.05 0.41
C THR A 431 -15.08 -28.26 1.62
N GLU A 432 -14.49 -28.49 2.80
CA GLU A 432 -14.88 -27.70 3.96
C GLU A 432 -14.49 -26.24 3.80
N LEU A 433 -13.33 -25.96 3.20
CA LEU A 433 -12.95 -24.57 2.93
C LEU A 433 -13.95 -23.90 1.99
N ARG A 434 -14.37 -24.62 0.94
CA ARG A 434 -15.35 -24.09 0.00
C ARG A 434 -16.68 -23.83 0.71
N GLY A 435 -17.10 -24.75 1.58
CA GLY A 435 -18.32 -24.53 2.34
C GLY A 435 -18.25 -23.30 3.22
N ALA A 436 -17.10 -23.09 3.87
CA ALA A 436 -16.94 -21.90 4.70
C ALA A 436 -17.01 -20.62 3.86
N PHE A 437 -16.40 -20.63 2.68
CA PHE A 437 -16.51 -19.48 1.78
C PHE A 437 -17.97 -19.21 1.41
N ILE A 438 -18.70 -20.26 1.03
CA ILE A 438 -20.10 -20.09 0.65
C ILE A 438 -20.90 -19.56 1.83
N LEU A 439 -20.59 -20.02 3.04
CA LEU A 439 -21.30 -19.54 4.21
C LEU A 439 -21.03 -18.06 4.47
N ARG A 440 -19.78 -17.62 4.27
CA ARG A 440 -19.49 -16.19 4.40
C ARG A 440 -20.32 -15.39 3.40
N ILE A 441 -20.42 -15.87 2.16
CA ILE A 441 -21.21 -15.15 1.16
C ILE A 441 -22.67 -15.09 1.57
N ILE A 442 -23.22 -16.22 2.03
CA ILE A 442 -24.61 -16.26 2.46
C ILE A 442 -24.85 -15.26 3.58
N LYS A 443 -23.97 -15.25 4.58
CA LYS A 443 -24.12 -14.34 5.70
C LYS A 443 -24.06 -12.89 5.24
N GLY A 444 -23.12 -12.57 4.33
CA GLY A 444 -23.02 -11.20 3.86
C GLY A 444 -24.29 -10.73 3.18
N PHE A 445 -24.84 -11.54 2.28
CA PHE A 445 -26.08 -11.15 1.62
C PHE A 445 -27.25 -11.09 2.61
N VAL A 446 -27.33 -12.03 3.56
CA VAL A 446 -28.45 -12.01 4.50
C VAL A 446 -28.39 -10.78 5.38
N ASP A 447 -27.17 -10.35 5.75
CA ASP A 447 -27.04 -9.18 6.60
C ASP A 447 -27.28 -7.89 5.82
N ASN A 448 -26.76 -7.80 4.59
CA ASN A 448 -26.85 -6.55 3.84
C ASN A 448 -28.16 -6.41 3.08
N ASN A 449 -28.62 -7.49 2.44
CA ASN A 449 -29.81 -7.44 1.59
C ASN A 449 -31.02 -8.12 2.22
N LYS A 450 -30.86 -8.74 3.38
CA LYS A 450 -31.96 -9.44 4.05
C LYS A 450 -32.55 -10.54 3.18
N ARG A 451 -31.71 -11.20 2.39
CA ARG A 451 -32.16 -12.32 1.58
C ARG A 451 -30.98 -13.20 1.20
N TRP A 452 -31.30 -14.43 0.79
CA TRP A 452 -30.33 -15.37 0.24
C TRP A 452 -29.97 -15.00 -1.19
N PRO A 453 -28.75 -15.31 -1.65
CA PRO A 453 -28.45 -15.20 -3.08
C PRO A 453 -29.27 -16.19 -3.90
N LYS A 454 -29.47 -15.85 -5.16
CA LYS A 454 -30.17 -16.75 -6.06
C LYS A 454 -29.42 -18.07 -6.18
N ILE A 455 -30.15 -19.18 -6.02
CA ILE A 455 -29.58 -20.51 -6.04
C ILE A 455 -30.08 -21.23 -7.29
N LYS A 456 -29.16 -21.79 -8.06
CA LYS A 456 -29.56 -22.46 -9.31
C LYS A 456 -30.58 -23.56 -9.05
N ASN A 457 -30.26 -24.47 -8.13
CA ASN A 457 -31.09 -25.64 -7.86
C ASN A 457 -31.35 -25.70 -6.36
N LEU A 458 -32.61 -25.51 -5.98
CA LEU A 458 -33.00 -25.62 -4.57
C LEU A 458 -33.42 -27.04 -4.23
N LYS A 459 -32.59 -27.99 -4.64
CA LYS A 459 -32.82 -29.40 -4.38
C LYS A 459 -31.58 -30.11 -3.88
N VAL A 460 -30.47 -29.40 -3.68
CA VAL A 460 -29.26 -29.97 -3.11
C VAL A 460 -29.24 -29.66 -1.62
N LEU A 461 -30.36 -29.16 -1.09
CA LEU A 461 -30.47 -28.74 0.29
C LEU A 461 -31.31 -29.76 1.07
N SER A 462 -30.84 -30.10 2.26
CA SER A 462 -31.62 -30.92 3.18
C SER A 462 -32.75 -30.08 3.79
N LYS A 463 -33.56 -30.70 4.63
CA LYS A 463 -34.69 -29.98 5.22
C LYS A 463 -34.22 -28.84 6.11
N ARG A 464 -33.15 -29.07 6.87
CA ARG A 464 -32.65 -28.03 7.77
C ARG A 464 -32.27 -26.78 6.99
N TRP A 465 -31.43 -26.94 5.97
CA TRP A 465 -31.02 -25.78 5.18
C TRP A 465 -32.16 -25.26 4.31
N THR A 466 -33.13 -26.11 3.96
CA THR A 466 -34.29 -25.61 3.23
C THR A 466 -35.11 -24.66 4.08
N MET A 467 -35.35 -25.01 5.36
CA MET A 467 -36.09 -24.07 6.20
C MET A 467 -35.26 -22.85 6.54
N TYR A 468 -33.93 -23.00 6.66
CA TYR A 468 -33.09 -21.82 6.82
C TYR A 468 -33.16 -20.92 5.61
N PHE A 469 -33.31 -21.50 4.42
CA PHE A 469 -33.49 -20.71 3.20
C PHE A 469 -34.83 -20.00 3.20
N LYS A 470 -35.89 -20.70 3.59
CA LYS A 470 -37.22 -20.08 3.61
C LYS A 470 -37.28 -18.95 4.63
N ALA A 471 -36.65 -19.12 5.80
CA ALA A 471 -36.73 -18.11 6.84
C ALA A 471 -35.80 -16.93 6.60
N LYS A 472 -34.85 -17.04 5.67
CA LYS A 472 -33.95 -15.95 5.31
C LYS A 472 -33.00 -15.58 6.44
N ASN A 473 -32.51 -16.58 7.19
CA ASN A 473 -31.50 -16.38 8.21
C ASN A 473 -30.53 -17.55 8.17
N TYR A 474 -29.52 -17.51 9.05
CA TYR A 474 -28.48 -18.52 9.11
C TYR A 474 -28.25 -18.96 10.54
N PRO A 475 -27.67 -20.15 10.75
CA PRO A 475 -27.44 -20.64 12.10
C PRO A 475 -26.34 -19.86 12.82
N SER A 476 -26.34 -20.00 14.14
CA SER A 476 -25.32 -19.39 14.99
C SER A 476 -24.06 -20.25 15.00
N GLN A 477 -22.97 -19.68 15.54
CA GLN A 477 -21.70 -20.37 15.54
C GLN A 477 -21.74 -21.63 16.40
N LEU A 478 -22.57 -21.65 17.44
CA LEU A 478 -22.69 -22.84 18.28
C LEU A 478 -23.23 -24.03 17.50
N GLU A 479 -23.99 -23.76 16.44
CA GLU A 479 -24.40 -24.77 15.48
C GLU A 479 -23.31 -24.84 14.39
N LEU A 480 -23.63 -25.39 13.22
CA LEU A 480 -22.67 -25.46 12.11
C LEU A 480 -21.50 -26.39 12.45
N SER A 481 -21.83 -27.67 12.54
CA SER A 481 -20.81 -28.71 12.62
C SER A 481 -20.14 -28.86 11.26
N GLU A 482 -19.30 -29.88 11.11
CA GLU A 482 -18.57 -30.07 9.85
C GLU A 482 -19.49 -30.50 8.72
N GLN A 483 -20.44 -31.40 9.01
CA GLN A 483 -21.33 -31.88 7.97
C GLN A 483 -22.09 -30.72 7.33
N ASP A 484 -22.31 -29.65 8.09
CA ASP A 484 -22.96 -28.47 7.51
C ASP A 484 -22.10 -27.84 6.42
N PHE A 485 -20.79 -27.73 6.66
CA PHE A 485 -19.89 -27.24 5.63
C PHE A 485 -19.87 -28.18 4.43
N LEU A 486 -19.83 -29.49 4.69
CA LEU A 486 -19.79 -30.45 3.59
C LEU A 486 -21.02 -30.33 2.70
N GLU A 487 -22.20 -30.20 3.31
CA GLU A 487 -23.43 -30.11 2.52
C GLU A 487 -23.74 -28.70 2.05
N LEU A 488 -23.03 -27.68 2.55
CA LEU A 488 -23.12 -26.35 1.97
C LEU A 488 -22.25 -26.22 0.73
N ALA A 489 -21.16 -27.00 0.66
CA ALA A 489 -20.29 -26.92 -0.51
C ALA A 489 -20.95 -27.42 -1.80
N ALA A 490 -22.22 -27.82 -1.77
CA ALA A 490 -22.92 -28.31 -2.94
C ALA A 490 -23.72 -27.22 -3.65
N ILE A 491 -23.69 -25.99 -3.16
CA ILE A 491 -24.56 -24.93 -3.65
C ILE A 491 -23.88 -24.19 -4.79
N GLN A 492 -24.66 -23.86 -5.82
CA GLN A 492 -24.20 -23.07 -6.95
C GLN A 492 -25.04 -21.80 -7.03
N PHE A 493 -24.37 -20.66 -7.08
CA PHE A 493 -25.05 -19.38 -7.15
C PHE A 493 -25.37 -19.00 -8.60
N GLU A 494 -26.26 -18.02 -8.75
CA GLU A 494 -26.56 -17.39 -10.01
C GLU A 494 -25.99 -15.98 -10.04
N GLN A 495 -26.07 -15.33 -11.19
CA GLN A 495 -25.44 -14.03 -11.37
C GLN A 495 -26.09 -12.99 -10.47
N GLU A 496 -25.31 -12.44 -9.54
CA GLU A 496 -25.75 -11.35 -8.69
C GLU A 496 -25.06 -10.02 -9.01
N PHE A 497 -23.91 -10.06 -9.67
CA PHE A 497 -23.15 -8.88 -10.05
C PHE A 497 -22.97 -8.87 -11.56
N SER A 498 -22.22 -7.89 -12.06
CA SER A 498 -22.03 -7.73 -13.49
C SER A 498 -20.66 -7.14 -13.75
N VAL A 499 -20.18 -7.35 -14.97
CA VAL A 499 -18.93 -6.76 -15.44
C VAL A 499 -19.28 -5.53 -16.27
N PRO A 500 -18.70 -4.36 -15.99
CA PRO A 500 -19.07 -3.17 -16.77
C PRO A 500 -18.77 -3.34 -18.24
N GLU A 501 -19.68 -2.85 -19.09
CA GLU A 501 -19.50 -2.96 -20.53
C GLU A 501 -18.41 -2.02 -21.03
N LYS A 502 -18.42 -0.77 -20.57
CA LYS A 502 -17.39 0.18 -20.93
C LYS A 502 -16.15 -0.01 -20.07
N THR A 503 -15.00 0.21 -20.68
CA THR A 503 -13.73 0.14 -19.95
C THR A 503 -13.59 1.37 -19.07
N ASN A 504 -13.23 1.16 -17.81
CA ASN A 504 -13.01 2.26 -16.87
C ASN A 504 -11.63 2.86 -17.14
N LEU A 505 -11.59 4.05 -17.74
CA LEU A 505 -10.33 4.68 -18.07
C LEU A 505 -9.55 5.07 -16.82
N GLU A 506 -10.23 5.25 -15.69
CA GLU A 506 -9.54 5.57 -14.45
C GLU A 506 -8.89 4.33 -13.81
N MET A 507 -9.24 3.14 -14.28
CA MET A 507 -8.69 1.90 -13.77
C MET A 507 -7.45 1.47 -14.55
N VAL A 508 -7.56 1.43 -15.87
CA VAL A 508 -6.45 0.94 -16.69
C VAL A 508 -5.29 1.94 -16.68
N LEU A 509 -5.60 3.23 -16.73
CA LEU A 509 -4.58 4.26 -16.91
C LEU A 509 -3.79 4.47 -15.62
N ASN A 510 -2.49 4.24 -15.70
CA ASN A 510 -1.58 4.46 -14.58
C ASN A 510 -0.18 4.63 -15.15
N ASP A 511 0.72 5.16 -14.31
CA ASP A 511 2.11 5.36 -14.72
C ASP A 511 2.93 4.15 -14.26
N LYS A 512 2.84 3.07 -15.03
CA LYS A 512 3.50 1.82 -14.67
C LYS A 512 4.19 1.26 -15.91
N ALA A 513 4.87 0.13 -15.72
CA ALA A 513 5.58 -0.55 -16.78
C ALA A 513 4.89 -1.85 -17.14
N ILE A 514 5.03 -2.26 -18.40
CA ILE A 514 4.46 -3.50 -18.90
C ILE A 514 5.53 -4.24 -19.69
N SER A 515 5.32 -5.54 -19.85
CA SER A 515 6.25 -6.38 -20.59
C SER A 515 5.99 -6.30 -22.09
N PRO A 516 7.00 -6.53 -22.91
CA PRO A 516 6.77 -6.69 -24.35
C PRO A 516 6.11 -8.02 -24.64
N PRO A 517 5.56 -8.21 -25.84
CA PRO A 517 5.04 -9.53 -26.20
C PRO A 517 6.15 -10.57 -26.27
N LYS A 518 5.79 -11.82 -26.56
CA LYS A 518 6.78 -12.89 -26.58
C LYS A 518 7.87 -12.63 -27.60
N ARG A 519 7.48 -12.25 -28.82
CA ARG A 519 8.45 -12.15 -29.90
C ARG A 519 9.30 -10.90 -29.81
N LEU A 520 8.76 -9.80 -29.33
CA LEU A 520 9.52 -8.56 -29.18
C LEU A 520 10.08 -8.42 -27.76
N ILE A 521 10.76 -9.46 -27.29
CA ILE A 521 11.34 -9.44 -25.95
C ILE A 521 12.84 -9.19 -25.96
N TRP A 522 13.50 -9.34 -27.10
CA TRP A 522 14.93 -9.05 -27.19
C TRP A 522 15.23 -7.56 -27.14
N SER A 523 14.21 -6.72 -27.01
CA SER A 523 14.38 -5.28 -26.91
C SER A 523 14.79 -4.83 -25.51
N VAL A 524 14.81 -5.73 -24.52
CA VAL A 524 15.17 -5.36 -23.16
C VAL A 524 16.65 -5.50 -22.87
N TYR A 525 17.43 -6.09 -23.78
CA TYR A 525 18.85 -6.28 -23.60
C TYR A 525 19.64 -5.44 -24.61
N PRO A 526 20.86 -5.03 -24.26
CA PRO A 526 21.68 -4.31 -25.24
C PRO A 526 21.94 -5.15 -26.48
N LYS A 527 22.07 -4.46 -27.61
CA LYS A 527 22.33 -5.14 -28.88
C LYS A 527 23.65 -5.91 -28.85
N ASN A 528 24.66 -5.39 -28.14
CA ASN A 528 25.96 -6.04 -28.11
C ASN A 528 25.91 -7.41 -27.45
N TYR A 529 24.88 -7.70 -26.66
CA TYR A 529 24.80 -8.91 -25.89
C TYR A 529 24.08 -10.05 -26.62
N LEU A 530 23.71 -9.85 -27.89
CA LEU A 530 22.90 -10.82 -28.61
C LEU A 530 23.61 -11.26 -29.89
N PRO A 531 23.33 -12.47 -30.37
CA PRO A 531 23.95 -12.92 -31.63
C PRO A 531 23.45 -12.11 -32.81
N GLU A 532 24.08 -12.34 -33.96
CA GLU A 532 23.74 -11.57 -35.16
C GLU A 532 22.40 -12.02 -35.73
N THR A 533 22.16 -13.33 -35.80
CA THR A 533 20.89 -13.82 -36.34
C THR A 533 19.71 -13.33 -35.52
N ILE A 534 19.85 -13.35 -34.18
CA ILE A 534 18.80 -12.83 -33.31
C ILE A 534 18.53 -11.36 -33.64
N LYS A 535 19.59 -10.59 -33.81
CA LYS A 535 19.43 -9.16 -34.07
C LYS A 535 18.74 -8.91 -35.41
N ASN A 536 19.13 -9.65 -36.44
CA ASN A 536 18.51 -9.46 -37.75
C ASN A 536 17.03 -9.83 -37.71
N ARG A 537 16.70 -10.95 -37.10
CA ARG A 537 15.30 -11.33 -37.04
C ARG A 537 14.50 -10.39 -36.14
N TYR A 538 15.11 -9.83 -35.11
CA TYR A 538 14.40 -8.87 -34.27
C TYR A 538 14.12 -7.58 -35.05
N LEU A 539 15.09 -7.13 -35.86
CA LEU A 539 14.85 -5.97 -36.71
C LEU A 539 13.74 -6.26 -37.71
N GLU A 540 13.69 -7.47 -38.26
CA GLU A 540 12.60 -7.82 -39.15
C GLU A 540 11.25 -7.81 -38.41
N GLU A 541 11.21 -8.35 -37.20
CA GLU A 541 9.97 -8.45 -36.46
C GLU A 541 9.46 -7.09 -36.01
N THR A 542 10.34 -6.20 -35.58
CA THR A 542 9.89 -4.90 -35.09
C THR A 542 9.33 -4.01 -36.19
N PHE A 543 9.55 -4.37 -37.46
CA PHE A 543 8.94 -3.66 -38.57
C PHE A 543 7.47 -4.02 -38.75
N ASN A 544 7.07 -5.23 -38.36
CA ASN A 544 5.68 -5.66 -38.52
C ASN A 544 4.81 -5.29 -37.35
N ALA A 545 5.38 -4.79 -36.25
CA ALA A 545 4.62 -4.50 -35.05
C ALA A 545 4.08 -3.07 -35.08
N SER A 546 2.95 -2.88 -34.41
CA SER A 546 2.37 -1.56 -34.27
C SER A 546 3.05 -0.79 -33.15
N ASP A 547 2.83 0.52 -33.13
CA ASP A 547 3.47 1.37 -32.14
C ASP A 547 3.01 1.06 -30.72
N SER A 548 1.84 0.44 -30.56
CA SER A 548 1.39 0.07 -29.22
C SER A 548 2.12 -1.18 -28.72
N LEU A 549 2.41 -2.13 -29.62
CA LEU A 549 3.24 -3.28 -29.27
C LEU A 549 4.72 -2.98 -29.46
N LYS A 550 5.15 -1.83 -28.94
CA LYS A 550 6.57 -1.51 -28.85
C LYS A 550 6.88 -0.73 -27.58
N THR A 551 5.91 -0.53 -26.71
CA THR A 551 6.06 0.32 -25.54
C THR A 551 6.19 -0.51 -24.28
N ARG A 552 6.96 -0.01 -23.34
CA ARG A 552 7.13 -0.63 -22.03
C ARG A 552 6.49 0.21 -20.94
N ARG A 553 5.53 1.07 -21.32
CA ARG A 553 4.81 1.92 -20.39
C ARG A 553 3.32 1.83 -20.69
N VAL A 554 2.50 1.94 -19.65
CA VAL A 554 1.05 1.85 -19.82
C VAL A 554 0.52 3.10 -20.54
N LEU A 555 0.96 4.27 -20.11
CA LEU A 555 0.45 5.51 -20.69
C LEU A 555 0.73 5.56 -22.18
N GLU A 556 1.95 5.24 -22.59
CA GLU A 556 2.26 5.20 -24.02
C GLU A 556 1.55 4.03 -24.70
N TYR A 557 1.27 2.97 -23.96
CA TYR A 557 0.55 1.84 -24.54
C TYR A 557 -0.86 2.24 -24.95
N TYR A 558 -1.50 3.12 -24.17
CA TYR A 558 -2.87 3.51 -24.47
C TYR A 558 -2.94 4.74 -25.36
N LEU A 559 -2.17 5.79 -25.04
CA LEU A 559 -2.24 7.03 -25.82
C LEU A 559 -1.81 6.81 -27.26
N LYS A 560 -0.95 5.83 -27.51
CA LYS A 560 -0.44 5.55 -28.84
C LYS A 560 -1.29 4.53 -29.59
N ASP A 561 -2.38 4.07 -29.00
CA ASP A 561 -3.22 3.07 -29.66
C ASP A 561 -4.04 3.70 -30.76
N ASN A 562 -4.00 3.09 -31.94
CA ASN A 562 -4.67 3.61 -33.12
C ASN A 562 -6.07 3.02 -33.32
N LYS A 563 -6.36 1.88 -32.71
CA LYS A 563 -7.64 1.19 -32.89
C LYS A 563 -8.25 0.83 -31.55
N PHE A 564 -8.14 1.74 -30.57
CA PHE A 564 -8.67 1.46 -29.25
C PHE A 564 -10.20 1.44 -29.27
N ASP A 565 -10.78 0.57 -28.45
CA ASP A 565 -12.22 0.43 -28.34
C ASP A 565 -12.57 0.14 -26.88
N GLN A 566 -13.56 0.86 -26.36
CA GLN A 566 -13.92 0.71 -24.95
C GLN A 566 -14.77 -0.52 -24.66
N LYS A 567 -15.34 -1.14 -25.68
CA LYS A 567 -16.13 -2.35 -25.50
C LYS A 567 -15.32 -3.62 -25.75
N GLU A 568 -14.00 -3.49 -25.92
CA GLU A 568 -13.18 -4.63 -26.28
C GLU A 568 -12.92 -5.53 -25.07
N LEU A 569 -12.76 -4.94 -23.88
CA LEU A 569 -12.41 -5.73 -22.71
C LEU A 569 -13.53 -6.67 -22.30
N LYS A 570 -14.78 -6.24 -22.41
CA LYS A 570 -15.90 -7.12 -22.07
C LYS A 570 -15.92 -8.36 -22.96
N SER A 571 -15.76 -8.19 -24.27
CA SER A 571 -15.72 -9.33 -25.17
C SER A 571 -14.49 -10.18 -24.92
N TYR A 572 -13.36 -9.54 -24.61
CA TYR A 572 -12.13 -10.28 -24.31
C TYR A 572 -12.34 -11.20 -23.11
N VAL A 573 -12.99 -10.69 -22.06
CA VAL A 573 -13.22 -11.48 -20.86
C VAL A 573 -14.24 -12.58 -21.14
N VAL A 574 -15.34 -12.24 -21.81
CA VAL A 574 -16.42 -13.20 -21.99
C VAL A 574 -16.00 -14.33 -22.92
N ARG A 575 -15.21 -14.02 -23.96
CA ARG A 575 -14.78 -15.02 -24.92
C ARG A 575 -13.52 -15.77 -24.49
N GLN A 576 -12.91 -15.39 -23.37
CA GLN A 576 -11.72 -16.06 -22.85
C GLN A 576 -10.65 -16.16 -23.93
N GLU A 577 -10.32 -14.99 -24.49
CA GLU A 577 -9.32 -14.90 -25.56
C GLU A 577 -7.90 -14.76 -25.00
N TYR A 578 -7.71 -15.14 -23.74
CA TYR A 578 -6.40 -15.14 -23.10
C TYR A 578 -5.89 -16.54 -22.78
N LEU A 579 -6.67 -17.58 -23.03
CA LEU A 579 -6.31 -18.92 -22.56
C LEU A 579 -5.12 -19.48 -23.34
N ASN A 580 -5.16 -19.41 -24.66
CA ASN A 580 -4.08 -19.92 -25.51
C ASN A 580 -3.52 -18.74 -26.28
N ASP A 581 -2.59 -18.02 -25.65
CA ASP A 581 -1.96 -16.84 -26.21
C ASP A 581 -0.48 -17.14 -26.38
N LYS A 582 -0.05 -17.32 -27.63
CA LYS A 582 1.36 -17.58 -27.87
C LYS A 582 2.22 -16.40 -27.48
N GLU A 583 1.69 -15.18 -27.57
CA GLU A 583 2.45 -13.98 -27.23
C GLU A 583 2.21 -13.55 -25.79
N HIS A 584 2.33 -14.49 -24.85
CA HIS A 584 2.17 -14.20 -23.44
C HIS A 584 3.44 -14.62 -22.70
N ILE A 585 3.86 -13.78 -21.76
CA ILE A 585 5.15 -13.96 -21.11
C ILE A 585 5.09 -13.24 -19.78
N VAL A 586 5.83 -13.76 -18.79
CA VAL A 586 5.98 -13.12 -17.49
C VAL A 586 7.45 -12.77 -17.31
N SER A 587 7.75 -11.48 -17.20
CA SER A 587 9.09 -11.00 -16.97
C SER A 587 9.30 -10.71 -15.50
N LEU A 588 10.53 -10.84 -15.04
CA LEU A 588 10.89 -10.64 -13.64
C LEU A 588 12.11 -9.73 -13.61
N THR A 589 11.86 -8.42 -13.58
CA THR A 589 12.95 -7.45 -13.57
C THR A 589 13.76 -7.49 -12.29
N GLY A 590 13.25 -8.13 -11.25
CA GLY A 590 14.03 -8.32 -10.04
C GLY A 590 14.09 -7.14 -9.11
N LYS A 591 13.37 -6.06 -9.41
CA LYS A 591 13.24 -4.99 -8.43
C LYS A 591 12.57 -5.54 -7.20
N GLU A 592 13.10 -5.17 -6.03
CA GLU A 592 12.63 -5.74 -4.77
C GLU A 592 12.54 -4.63 -3.75
N ARG A 593 12.40 -5.02 -2.49
CA ARG A 593 12.33 -4.12 -1.36
C ARG A 593 13.49 -4.43 -0.41
N GLU A 594 13.44 -3.80 0.77
CA GLU A 594 14.58 -3.78 1.67
C GLU A 594 15.02 -5.17 2.10
N LEU A 595 16.33 -5.31 2.32
CA LEU A 595 16.89 -6.37 3.15
C LEU A 595 16.25 -7.73 2.84
N SER A 596 16.53 -8.19 1.62
CA SER A 596 16.10 -9.53 1.22
C SER A 596 16.95 -9.96 0.03
N VAL A 597 17.41 -11.21 0.09
CA VAL A 597 18.23 -11.76 -1.00
C VAL A 597 17.42 -11.99 -2.26
N GLY A 598 16.09 -12.02 -2.17
CA GLY A 598 15.28 -12.21 -3.35
C GLY A 598 13.82 -11.83 -3.18
N ARG A 599 13.32 -11.00 -4.09
CA ARG A 599 11.90 -10.67 -4.17
C ARG A 599 11.68 -10.13 -5.58
N MET A 600 11.12 -10.95 -6.45
CA MET A 600 11.01 -10.62 -7.86
C MET A 600 9.73 -9.84 -8.12
N PHE A 601 9.86 -8.71 -8.81
CA PHE A 601 8.72 -7.92 -9.25
C PHE A 601 8.27 -8.43 -10.62
N ALA A 602 7.09 -9.06 -10.66
CA ALA A 602 6.59 -9.65 -11.89
C ALA A 602 6.00 -8.59 -12.80
N MET A 603 5.97 -8.89 -14.09
CA MET A 603 5.48 -7.94 -15.08
C MET A 603 4.95 -8.70 -16.28
N GLN A 604 3.95 -8.12 -16.93
CA GLN A 604 3.09 -8.79 -17.89
C GLN A 604 2.86 -7.86 -19.08
N PRO A 605 2.50 -8.41 -20.24
CA PRO A 605 2.02 -7.55 -21.33
C PRO A 605 0.67 -6.93 -20.99
N GLY A 606 0.34 -5.87 -21.75
CA GLY A 606 -0.80 -5.04 -21.38
C GLY A 606 -2.13 -5.78 -21.41
N LYS A 607 -2.30 -6.67 -22.39
CA LYS A 607 -3.60 -7.31 -22.58
C LYS A 607 -4.04 -8.08 -21.33
N GLN A 608 -3.17 -8.94 -20.80
CA GLN A 608 -3.50 -9.68 -19.59
C GLN A 608 -3.37 -8.83 -18.34
N ARG A 609 -2.61 -7.74 -18.41
CA ARG A 609 -2.59 -6.78 -17.31
C ARG A 609 -3.97 -6.19 -17.09
N GLN A 610 -4.70 -5.94 -18.17
CA GLN A 610 -6.10 -5.50 -18.05
C GLN A 610 -6.94 -6.51 -17.28
N ILE A 611 -6.79 -7.80 -17.60
CA ILE A 611 -7.57 -8.84 -16.95
C ILE A 611 -7.24 -8.93 -15.46
N GLN A 612 -5.95 -8.88 -15.14
CA GLN A 612 -5.54 -8.92 -13.74
C GLN A 612 -6.15 -7.76 -12.97
N ILE A 613 -6.05 -6.55 -13.52
CA ILE A 613 -6.59 -5.37 -12.85
C ILE A 613 -8.09 -5.50 -12.67
N LEU A 614 -8.79 -5.95 -13.72
CA LEU A 614 -10.24 -6.06 -13.65
C LEU A 614 -10.68 -7.05 -12.59
N ALA A 615 -10.03 -8.21 -12.53
CA ALA A 615 -10.39 -9.21 -11.52
C ALA A 615 -10.14 -8.68 -10.12
N GLU A 616 -9.00 -8.03 -9.90
CA GLU A 616 -8.71 -7.48 -8.58
C GLU A 616 -9.76 -6.45 -8.19
N LYS A 617 -10.13 -5.56 -9.12
CA LYS A 617 -11.11 -4.53 -8.82
C LYS A 617 -12.48 -5.13 -8.52
N LEU A 618 -12.90 -6.12 -9.30
CA LEU A 618 -14.21 -6.72 -9.05
C LEU A 618 -14.26 -7.38 -7.69
N LEU A 619 -13.20 -8.10 -7.32
CA LEU A 619 -13.18 -8.70 -5.98
C LEU A 619 -13.21 -7.62 -4.90
N ALA A 620 -12.43 -6.55 -5.08
CA ALA A 620 -12.40 -5.49 -4.08
C ALA A 620 -13.77 -4.84 -3.91
N ASP A 621 -14.46 -4.59 -5.02
CA ASP A 621 -15.73 -3.88 -4.96
C ASP A 621 -16.85 -4.76 -4.41
N ASN A 622 -16.93 -6.01 -4.85
CA ASN A 622 -18.12 -6.83 -4.59
C ASN A 622 -17.94 -7.82 -3.46
N ILE A 623 -16.79 -8.50 -3.38
CA ILE A 623 -16.65 -9.66 -2.51
C ILE A 623 -15.74 -9.42 -1.31
N VAL A 624 -14.82 -8.45 -1.37
CA VAL A 624 -13.99 -8.16 -0.19
C VAL A 624 -14.84 -7.67 0.97
N PRO A 625 -15.87 -6.82 0.78
CA PRO A 625 -16.90 -6.73 1.80
C PRO A 625 -17.41 -8.12 2.10
N PHE A 626 -18.02 -8.35 3.25
CA PHE A 626 -18.33 -9.67 3.80
C PHE A 626 -17.12 -10.24 4.53
N PHE A 627 -15.97 -9.58 4.49
CA PHE A 627 -14.76 -10.03 5.16
C PHE A 627 -14.16 -8.85 5.92
N PRO A 628 -14.80 -8.43 7.02
CA PRO A 628 -14.31 -7.25 7.75
C PRO A 628 -12.91 -7.42 8.32
N GLU A 629 -12.42 -8.66 8.45
CA GLU A 629 -11.10 -8.87 9.04
C GLU A 629 -10.01 -8.21 8.20
N THR A 630 -10.13 -8.29 6.88
CA THR A 630 -9.09 -7.75 6.00
C THR A 630 -9.33 -6.29 5.63
N LEU A 631 -10.53 -5.94 5.18
CA LEU A 631 -10.76 -4.60 4.67
C LEU A 631 -10.54 -3.54 5.73
N THR A 632 -10.92 -3.82 6.98
CA THR A 632 -10.82 -2.85 8.05
C THR A 632 -9.44 -2.85 8.72
N LYS A 633 -8.48 -3.58 8.16
CA LYS A 633 -7.20 -3.77 8.85
C LYS A 633 -6.56 -2.44 9.23
N TYR A 634 -6.48 -1.50 8.29
CA TYR A 634 -5.72 -0.27 8.47
C TYR A 634 -6.68 0.87 8.78
N GLY A 635 -6.74 1.27 10.05
CA GLY A 635 -7.42 2.48 10.44
C GLY A 635 -8.42 2.32 11.56
N ASP A 636 -9.17 1.23 11.56
CA ASP A 636 -10.20 1.01 12.57
C ASP A 636 -10.01 -0.28 13.35
N LEU A 637 -9.79 -1.40 12.66
CA LEU A 637 -9.87 -2.71 13.30
C LEU A 637 -8.81 -2.88 14.39
N ASP A 638 -7.52 -2.84 14.01
CA ASP A 638 -6.48 -3.27 14.94
C ASP A 638 -6.02 -2.15 15.86
N LEU A 639 -5.91 -0.93 15.34
CA LEU A 639 -5.29 0.15 16.12
C LEU A 639 -6.10 0.45 17.38
N GLN A 640 -7.42 0.50 17.26
CA GLN A 640 -8.27 0.95 18.37
C GLN A 640 -9.44 0.02 18.68
N ARG A 641 -10.01 -0.66 17.69
CA ARG A 641 -11.27 -1.35 17.88
C ARG A 641 -11.14 -2.60 18.76
N ILE A 642 -10.14 -3.45 18.49
CA ILE A 642 -10.03 -4.70 19.23
C ILE A 642 -9.77 -4.43 20.71
N MET A 643 -8.88 -3.48 21.00
CA MET A 643 -8.68 -3.03 22.38
C MET A 643 -9.48 -1.76 22.65
N TYR A 663 -12.71 -19.92 34.46
CA TYR A 663 -11.67 -19.08 33.87
C TYR A 663 -11.73 -19.16 32.34
N ILE A 664 -11.38 -18.07 31.68
CA ILE A 664 -11.40 -17.99 30.22
C ILE A 664 -9.95 -17.79 29.77
N ALA A 665 -9.34 -18.85 29.25
CA ALA A 665 -7.98 -18.78 28.77
C ALA A 665 -7.91 -18.01 27.46
N ARG A 666 -6.86 -17.22 27.29
CA ARG A 666 -6.70 -16.35 26.14
C ARG A 666 -5.26 -16.47 25.63
N ALA A 667 -5.11 -16.44 24.31
CA ALA A 667 -3.78 -16.60 23.70
C ALA A 667 -3.79 -15.98 22.31
N SER A 668 -2.63 -16.01 21.66
CA SER A 668 -2.46 -15.38 20.36
C SER A 668 -1.47 -16.18 19.53
N ILE A 669 -1.69 -16.18 18.22
CA ILE A 669 -0.82 -16.82 17.24
C ILE A 669 -0.56 -15.83 16.10
N VAL A 670 0.68 -15.72 15.67
CA VAL A 670 1.06 -14.65 14.74
C VAL A 670 1.72 -15.21 13.48
N THR A 671 1.23 -16.34 12.98
CA THR A 671 1.75 -16.94 11.76
C THR A 671 1.97 -15.90 10.67
N ASP A 672 3.02 -16.08 9.89
CA ASP A 672 3.36 -15.22 8.77
C ASP A 672 2.73 -15.73 7.49
N LEU A 673 2.51 -14.82 6.54
CA LEU A 673 1.94 -15.15 5.24
C LEU A 673 2.69 -14.43 4.12
N SER A 674 4.01 -14.27 4.29
CA SER A 674 4.80 -13.55 3.30
C SER A 674 5.01 -14.38 2.04
N LYS A 675 5.51 -15.61 2.20
CA LYS A 675 5.68 -16.53 1.07
C LYS A 675 4.46 -17.42 0.90
N PHE A 676 3.29 -16.78 0.85
CA PHE A 676 2.01 -17.49 0.85
C PHE A 676 1.57 -17.89 -0.54
N ASN A 677 1.96 -17.13 -1.57
CA ASN A 677 1.46 -17.33 -2.92
C ASN A 677 2.08 -18.54 -3.61
N GLN A 678 3.32 -18.89 -3.28
CA GLN A 678 4.01 -19.93 -4.02
C GLN A 678 3.57 -21.34 -3.63
N ALA A 679 2.82 -21.49 -2.54
CA ALA A 679 2.28 -22.79 -2.16
C ALA A 679 0.87 -23.03 -2.71
N PHE A 680 0.26 -22.02 -3.33
CA PHE A 680 -1.06 -22.17 -3.91
C PHE A 680 -0.97 -22.86 -5.27
N ARG A 681 -2.00 -23.64 -5.57
CA ARG A 681 -2.14 -24.31 -6.86
C ARG A 681 -3.53 -24.05 -7.39
N TYR A 682 -3.81 -24.55 -8.60
CA TYR A 682 -5.15 -24.35 -9.16
C TYR A 682 -6.21 -25.01 -8.30
N GLU A 683 -5.93 -26.23 -7.81
CA GLU A 683 -6.92 -26.96 -7.03
C GLU A 683 -7.25 -26.27 -5.71
N THR A 684 -6.37 -25.40 -5.21
CA THR A 684 -6.60 -24.72 -3.96
C THR A 684 -7.19 -23.31 -4.12
N THR A 685 -7.12 -22.75 -5.32
CA THR A 685 -7.69 -21.43 -5.61
C THR A 685 -9.04 -21.52 -6.30
N ALA A 686 -9.23 -22.54 -7.14
CA ALA A 686 -10.45 -22.63 -7.93
C ALA A 686 -11.67 -22.88 -7.07
N ILE A 687 -11.53 -23.59 -5.95
CA ILE A 687 -12.71 -23.95 -5.15
C ILE A 687 -13.47 -22.72 -4.70
N CYS A 688 -12.80 -21.56 -4.66
CA CYS A 688 -13.45 -20.29 -4.32
C CYS A 688 -13.53 -19.32 -5.49
N ALA A 689 -12.55 -19.31 -6.38
CA ALA A 689 -12.67 -18.51 -7.59
C ALA A 689 -13.88 -18.93 -8.41
N ASP A 690 -14.31 -20.20 -8.28
CA ASP A 690 -15.51 -20.66 -8.96
C ASP A 690 -16.75 -20.00 -8.38
N VAL A 691 -16.81 -19.86 -7.06
CA VAL A 691 -17.94 -19.15 -6.45
C VAL A 691 -17.95 -17.70 -6.91
N ALA A 692 -16.76 -17.08 -6.99
CA ALA A 692 -16.70 -15.71 -7.49
C ALA A 692 -17.20 -15.63 -8.93
N ASP A 693 -16.80 -16.57 -9.78
CA ASP A 693 -17.26 -16.61 -11.16
C ASP A 693 -18.76 -16.78 -11.24
N GLU A 694 -19.32 -17.67 -10.43
CA GLU A 694 -20.76 -17.89 -10.43
C GLU A 694 -21.50 -16.62 -10.03
N LEU A 695 -21.00 -15.93 -9.00
CA LEU A 695 -21.65 -14.69 -8.58
C LEU A 695 -21.58 -13.63 -9.69
N HIS A 696 -20.46 -13.56 -10.40
CA HIS A 696 -20.29 -12.57 -11.45
C HIS A 696 -20.72 -13.05 -12.83
N GLY A 697 -21.09 -14.33 -12.96
CA GLY A 697 -21.62 -14.84 -14.21
C GLY A 697 -20.59 -15.21 -15.24
N THR A 698 -19.31 -15.03 -14.98
CA THR A 698 -18.26 -15.28 -15.95
C THR A 698 -17.86 -16.76 -15.95
N GLN A 699 -17.03 -17.12 -16.93
CA GLN A 699 -16.58 -18.50 -17.10
C GLN A 699 -15.25 -18.75 -16.39
N SER A 700 -14.23 -17.98 -16.73
CA SER A 700 -12.93 -18.08 -16.07
C SER A 700 -12.30 -16.69 -16.07
N LEU A 701 -12.55 -15.94 -15.01
CA LEU A 701 -11.95 -14.62 -14.82
C LEU A 701 -11.25 -14.47 -13.49
N PHE A 702 -11.62 -15.26 -12.48
CA PHE A 702 -11.01 -15.21 -11.18
C PHE A 702 -10.02 -16.34 -10.93
N CYS A 703 -9.85 -17.22 -11.91
CA CYS A 703 -8.83 -18.28 -11.87
C CYS A 703 -8.00 -18.28 -13.15
N TRP A 704 -7.79 -17.09 -13.73
CA TRP A 704 -6.99 -16.96 -14.94
C TRP A 704 -5.53 -17.33 -14.68
N LEU A 705 -5.00 -16.98 -13.49
CA LEU A 705 -3.57 -17.09 -13.24
C LEU A 705 -3.09 -18.53 -13.41
N HIS A 706 -3.73 -19.46 -12.70
CA HIS A 706 -3.30 -20.85 -12.75
C HIS A 706 -3.74 -21.53 -14.04
N LEU A 707 -4.46 -20.84 -14.90
CA LEU A 707 -4.82 -21.36 -16.20
C LEU A 707 -3.84 -20.94 -17.29
N ILE A 708 -3.23 -19.75 -17.19
CA ILE A 708 -2.38 -19.23 -18.23
C ILE A 708 -0.90 -19.31 -17.85
N VAL A 709 -0.55 -19.04 -16.58
CA VAL A 709 0.87 -18.96 -16.22
C VAL A 709 1.59 -20.27 -16.47
N PRO A 710 1.04 -21.45 -16.15
CA PRO A 710 1.78 -22.69 -16.41
C PRO A 710 2.12 -22.92 -17.87
N MET A 711 1.47 -22.23 -18.80
CA MET A 711 1.67 -22.46 -20.23
C MET A 711 2.77 -21.60 -20.84
N THR A 712 3.35 -20.67 -20.08
CA THR A 712 4.30 -19.71 -20.64
C THR A 712 5.69 -19.90 -20.02
N THR A 713 6.60 -18.99 -20.34
CA THR A 713 7.99 -19.05 -19.92
C THR A 713 8.28 -17.92 -18.94
N MET A 714 8.95 -18.25 -17.85
CA MET A 714 9.49 -17.27 -16.92
C MET A 714 10.85 -16.82 -17.45
N ILE A 715 11.08 -15.51 -17.51
CA ILE A 715 12.19 -14.95 -18.28
C ILE A 715 13.27 -14.36 -17.38
N CYS A 716 12.90 -13.47 -16.46
CA CYS A 716 13.87 -12.62 -15.75
C CYS A 716 14.61 -11.73 -16.74
N ALA A 717 13.85 -10.78 -17.31
CA ALA A 717 14.35 -9.85 -18.31
C ALA A 717 14.81 -8.55 -17.63
N TYR A 718 16.00 -8.61 -17.03
CA TYR A 718 16.67 -7.42 -16.55
C TYR A 718 17.60 -6.88 -17.63
N ARG A 719 17.88 -5.57 -17.54
CA ARG A 719 18.58 -4.86 -18.61
C ARG A 719 19.85 -5.61 -19.03
N HIS A 720 20.64 -6.04 -18.05
CA HIS A 720 21.95 -6.60 -18.39
C HIS A 720 21.90 -8.11 -18.57
N ALA A 721 21.55 -8.85 -17.52
CA ALA A 721 21.64 -10.30 -17.52
C ALA A 721 20.87 -10.93 -18.69
N PRO A 722 21.54 -11.42 -19.73
CA PRO A 722 20.81 -12.05 -20.83
C PRO A 722 20.68 -13.54 -20.61
N PRO A 723 19.85 -14.22 -21.38
CA PRO A 723 19.88 -15.69 -21.40
C PRO A 723 20.95 -16.20 -22.37
N GLU A 724 21.34 -17.46 -22.16
CA GLU A 724 22.31 -18.11 -23.03
C GLU A 724 21.54 -18.84 -24.12
N THR A 725 21.27 -18.12 -25.20
CA THR A 725 20.59 -18.70 -26.35
C THR A 725 21.59 -19.33 -27.31
N LYS A 726 21.17 -20.40 -27.97
CA LYS A 726 21.98 -21.08 -28.96
C LYS A 726 21.88 -20.46 -30.34
N GLY A 727 21.32 -19.26 -30.44
CA GLY A 727 21.10 -18.61 -31.70
C GLY A 727 19.68 -18.70 -32.23
N GLU A 728 18.69 -18.91 -31.36
CA GLU A 728 17.32 -19.12 -31.78
C GLU A 728 16.40 -18.08 -31.15
N TYR A 729 15.44 -17.60 -31.94
CA TYR A 729 14.62 -16.46 -31.57
C TYR A 729 13.53 -16.81 -30.57
N ASP A 730 12.96 -18.01 -30.65
CA ASP A 730 11.78 -18.35 -29.87
C ASP A 730 12.20 -18.72 -28.45
N ILE A 731 11.65 -18.01 -27.46
CA ILE A 731 11.99 -18.25 -26.06
C ILE A 731 11.47 -19.60 -25.60
N ASP A 732 10.29 -20.01 -26.10
CA ASP A 732 9.72 -21.28 -25.68
C ASP A 732 10.53 -22.48 -26.15
N LYS A 733 11.45 -22.26 -27.09
CA LYS A 733 12.31 -23.35 -27.55
C LYS A 733 13.66 -23.40 -26.85
N ILE A 734 14.05 -22.32 -26.17
CA ILE A 734 15.36 -22.27 -25.51
C ILE A 734 15.34 -23.18 -24.29
N GLU A 735 16.41 -23.95 -24.12
CA GLU A 735 16.49 -24.87 -22.99
C GLU A 735 16.53 -24.10 -21.68
N GLU A 736 15.92 -24.68 -20.66
CA GLU A 736 15.81 -24.03 -19.36
C GLU A 736 17.20 -23.76 -18.77
N GLN A 737 17.37 -22.56 -18.23
CA GLN A 737 18.65 -22.09 -17.71
C GLN A 737 18.47 -21.57 -16.29
N SER A 738 19.51 -20.91 -15.78
CA SER A 738 19.43 -20.27 -14.48
C SER A 738 18.43 -19.12 -14.47
N GLY A 739 18.05 -18.60 -15.63
CA GLY A 739 17.11 -17.51 -15.69
C GLY A 739 15.82 -17.82 -16.42
N LEU A 740 15.67 -19.05 -16.92
CA LEU A 740 14.49 -19.46 -17.66
C LEU A 740 13.92 -20.76 -17.10
N TYR A 741 12.60 -20.81 -16.99
CA TYR A 741 11.89 -22.07 -16.80
C TYR A 741 10.44 -21.85 -17.19
N ARG A 742 9.71 -22.95 -17.38
CA ARG A 742 8.41 -22.91 -18.03
C ARG A 742 7.24 -23.30 -17.12
N TYR A 743 7.30 -24.46 -16.49
CA TYR A 743 6.12 -24.99 -15.80
C TYR A 743 6.07 -24.43 -14.38
N HIS A 744 5.46 -23.26 -14.25
CA HIS A 744 5.32 -22.56 -12.98
C HIS A 744 3.92 -22.83 -12.46
N MET A 745 3.81 -23.79 -11.54
CA MET A 745 2.52 -24.23 -11.03
C MET A 745 1.98 -23.38 -9.89
N GLY A 746 2.82 -22.55 -9.27
CA GLY A 746 2.41 -21.73 -8.15
C GLY A 746 1.82 -20.41 -8.59
N GLY A 747 1.71 -19.49 -7.62
CA GLY A 747 1.13 -18.19 -7.85
C GLY A 747 2.19 -17.10 -7.87
N ILE A 748 1.88 -16.01 -8.57
CA ILE A 748 2.75 -14.84 -8.63
C ILE A 748 2.39 -13.92 -7.48
N GLU A 749 3.37 -13.13 -7.03
CA GLU A 749 3.21 -12.37 -5.81
C GLU A 749 2.34 -11.13 -6.05
N GLY A 750 1.21 -11.07 -5.36
CA GLY A 750 0.36 -9.89 -5.37
C GLY A 750 -0.69 -9.86 -6.46
N TRP A 751 -0.66 -10.79 -7.41
CA TRP A 751 -1.59 -10.73 -8.53
C TRP A 751 -2.99 -11.20 -8.16
N CYS A 752 -3.12 -12.08 -7.17
CA CYS A 752 -4.42 -12.54 -6.69
C CYS A 752 -4.46 -12.50 -5.17
N GLN A 753 -3.99 -11.40 -4.58
CA GLN A 753 -3.80 -11.34 -3.14
C GLN A 753 -5.13 -11.38 -2.39
N LYS A 754 -6.15 -10.69 -2.90
CA LYS A 754 -7.42 -10.62 -2.17
C LYS A 754 -8.07 -11.99 -2.05
N LEU A 755 -8.07 -12.77 -3.13
CA LEU A 755 -8.67 -14.10 -3.08
C LEU A 755 -7.95 -15.00 -2.08
N TRP A 756 -6.61 -14.98 -2.10
CA TRP A 756 -5.84 -15.80 -1.17
C TRP A 756 -6.09 -15.36 0.26
N THR A 757 -6.20 -14.06 0.50
CA THR A 757 -6.53 -13.57 1.83
C THR A 757 -7.89 -14.09 2.28
N MET A 758 -8.88 -14.06 1.39
CA MET A 758 -10.20 -14.56 1.76
C MET A 758 -10.17 -16.04 2.09
N GLU A 759 -9.41 -16.82 1.32
CA GLU A 759 -9.29 -18.25 1.62
C GLU A 759 -8.61 -18.48 2.96
N ALA A 760 -7.56 -17.70 3.26
CA ALA A 760 -6.89 -17.82 4.55
C ALA A 760 -7.85 -17.51 5.70
N ILE A 761 -8.69 -16.49 5.52
CA ILE A 761 -9.68 -16.15 6.54
C ILE A 761 -10.69 -17.29 6.69
N SER A 762 -11.18 -17.83 5.58
CA SER A 762 -12.24 -18.84 5.64
C SER A 762 -11.74 -20.19 6.17
N LEU A 763 -10.44 -20.45 6.09
CA LEU A 763 -9.91 -21.67 6.68
C LEU A 763 -10.04 -21.65 8.21
N LEU A 764 -9.84 -20.47 8.81
CA LEU A 764 -9.95 -20.38 10.26
C LEU A 764 -11.37 -20.56 10.74
N ASP A 765 -12.37 -20.27 9.90
CA ASP A 765 -13.75 -20.58 10.27
C ASP A 765 -13.94 -22.07 10.47
N VAL A 766 -13.43 -22.88 9.54
CA VAL A 766 -13.51 -24.32 9.68
C VAL A 766 -12.73 -24.78 10.91
N VAL A 767 -11.54 -24.21 11.12
CA VAL A 767 -10.74 -24.61 12.28
C VAL A 767 -11.49 -24.31 13.56
N SER A 768 -12.09 -23.12 13.66
CA SER A 768 -12.83 -22.74 14.86
C SER A 768 -14.03 -23.64 15.08
N VAL A 769 -14.73 -24.00 14.01
CA VAL A 769 -15.88 -24.88 14.14
C VAL A 769 -15.45 -26.26 14.64
N LYS A 770 -14.38 -26.80 14.07
CA LYS A 770 -13.92 -28.13 14.48
C LYS A 770 -13.65 -28.19 15.98
N THR A 771 -12.83 -27.26 16.47
CA THR A 771 -12.68 -27.04 17.90
C THR A 771 -13.87 -26.21 18.37
N ARG A 772 -13.80 -25.67 19.58
CA ARG A 772 -14.87 -24.83 20.09
C ARG A 772 -14.29 -23.58 20.75
N CYS A 773 -13.31 -22.96 20.09
CA CYS A 773 -12.71 -21.73 20.56
C CYS A 773 -13.30 -20.53 19.82
N GLN A 774 -13.09 -19.35 20.40
CA GLN A 774 -13.49 -18.10 19.78
C GLN A 774 -12.26 -17.44 19.19
N MET A 775 -12.23 -17.31 17.87
CA MET A 775 -11.07 -16.77 17.15
C MET A 775 -11.44 -15.44 16.50
N THR A 776 -10.56 -14.47 16.63
CA THR A 776 -10.66 -13.23 15.89
C THR A 776 -9.35 -13.02 15.13
N SER A 777 -9.46 -12.74 13.84
CA SER A 777 -8.30 -12.65 12.96
C SER A 777 -8.13 -11.22 12.48
N LEU A 778 -6.90 -10.71 12.56
CA LEU A 778 -6.50 -9.43 12.01
C LEU A 778 -5.40 -9.67 11.00
N LEU A 779 -5.50 -9.04 9.84
CA LEU A 779 -4.50 -9.17 8.77
C LEU A 779 -3.78 -7.83 8.64
N ASN A 780 -2.71 -7.66 9.42
CA ASN A 780 -1.92 -6.43 9.43
C ASN A 780 -0.71 -6.65 8.53
N GLY A 781 -0.85 -6.24 7.27
CA GLY A 781 0.22 -6.41 6.31
C GLY A 781 0.33 -7.83 5.80
N ASP A 782 1.48 -8.45 6.02
CA ASP A 782 1.71 -9.84 5.63
C ASP A 782 1.62 -10.81 6.79
N ASN A 783 1.25 -10.34 7.98
CA ASN A 783 1.09 -11.18 9.15
C ASN A 783 -0.39 -11.44 9.41
N GLN A 784 -0.68 -12.65 9.88
CA GLN A 784 -2.01 -13.02 10.32
C GLN A 784 -1.98 -13.19 11.84
N SER A 785 -2.81 -12.42 12.54
CA SER A 785 -2.87 -12.43 13.99
C SER A 785 -4.19 -13.05 14.42
N ILE A 786 -4.11 -14.21 15.07
CA ILE A 786 -5.28 -14.96 15.51
C ILE A 786 -5.32 -14.88 17.02
N ASP A 787 -6.32 -14.18 17.56
CA ASP A 787 -6.55 -14.06 18.98
C ASP A 787 -7.62 -15.06 19.39
N VAL A 788 -7.26 -15.97 20.30
CA VAL A 788 -8.09 -17.12 20.62
C VAL A 788 -8.50 -17.06 22.08
N SER A 789 -9.75 -17.39 22.36
CA SER A 789 -10.30 -17.44 23.71
C SER A 789 -11.08 -18.73 23.89
N LYS A 790 -11.06 -19.26 25.11
CA LYS A 790 -11.84 -20.46 25.41
C LYS A 790 -12.06 -20.64 26.91
N PRO A 791 -13.29 -20.89 27.37
CA PRO A 791 -13.48 -21.24 28.78
C PRO A 791 -12.80 -22.56 29.11
N VAL A 792 -11.75 -22.48 29.93
CA VAL A 792 -10.95 -23.67 30.22
C VAL A 792 -11.73 -24.65 31.09
N LYS A 793 -12.45 -24.14 32.09
CA LYS A 793 -13.27 -24.97 32.98
C LYS A 793 -12.46 -26.07 33.64
N LEU A 794 -11.18 -25.80 33.88
CA LEU A 794 -10.30 -26.76 34.56
C LEU A 794 -9.33 -25.96 35.42
N SER A 795 -9.50 -26.05 36.74
CA SER A 795 -8.70 -25.28 37.69
C SER A 795 -8.38 -26.18 38.87
N GLU A 796 -7.94 -25.57 39.97
CA GLU A 796 -7.55 -26.21 41.22
C GLU A 796 -6.17 -26.84 41.13
N GLY A 797 -5.53 -26.83 39.94
CA GLY A 797 -4.16 -27.28 39.80
C GLY A 797 -3.25 -26.13 39.44
N LEU A 798 -2.90 -26.02 38.17
CA LEU A 798 -2.17 -24.87 37.67
C LEU A 798 -3.18 -23.80 37.26
N ASP A 799 -3.04 -22.59 37.80
CA ASP A 799 -4.17 -21.67 37.86
C ASP A 799 -4.40 -20.90 36.56
N GLU A 800 -3.45 -20.07 36.15
CA GLU A 800 -3.78 -19.08 35.13
C GLU A 800 -2.80 -19.01 33.96
N VAL A 801 -1.49 -19.13 34.22
CA VAL A 801 -0.53 -18.99 33.13
C VAL A 801 -0.41 -20.30 32.36
N LYS A 802 -0.41 -21.42 33.07
CA LYS A 802 -0.35 -22.72 32.40
C LYS A 802 -1.57 -22.96 31.53
N ALA A 803 -2.75 -22.48 31.95
CA ALA A 803 -3.94 -22.63 31.12
C ALA A 803 -3.77 -21.88 29.79
N ASP A 804 -3.28 -20.65 29.86
CA ASP A 804 -3.04 -19.90 28.62
C ASP A 804 -2.01 -20.61 27.75
N TYR A 805 -0.94 -21.11 28.36
CA TYR A 805 0.09 -21.79 27.58
C TYR A 805 -0.47 -23.04 26.90
N ARG A 806 -1.26 -23.83 27.63
CA ARG A 806 -1.84 -25.03 27.04
C ARG A 806 -2.79 -24.70 25.89
N LEU A 807 -3.62 -23.67 26.08
CA LEU A 807 -4.52 -23.26 24.99
C LEU A 807 -3.71 -22.83 23.78
N ALA A 808 -2.66 -22.04 24.00
CA ALA A 808 -1.85 -21.58 22.87
C ALA A 808 -1.21 -22.74 22.13
N VAL A 809 -0.65 -23.71 22.86
CA VAL A 809 0.01 -24.85 22.21
C VAL A 809 -1.00 -25.68 21.43
N LYS A 810 -2.15 -25.96 22.04
CA LYS A 810 -3.15 -26.78 21.37
C LYS A 810 -3.65 -26.09 20.09
N MET A 811 -3.94 -24.80 20.16
CA MET A 811 -4.45 -24.11 18.99
C MET A 811 -3.37 -23.94 17.93
N LEU A 812 -2.10 -23.80 18.34
CA LEU A 812 -1.01 -23.79 17.37
C LEU A 812 -0.97 -25.10 16.61
N LYS A 813 -1.07 -26.23 17.31
CA LYS A 813 -1.09 -27.52 16.62
C LYS A 813 -2.27 -27.59 15.66
N GLU A 814 -3.45 -27.17 16.10
CA GLU A 814 -4.64 -27.24 15.25
C GLU A 814 -4.47 -26.39 13.99
N ILE A 815 -3.98 -25.15 14.15
CA ILE A 815 -3.84 -24.25 13.01
C ILE A 815 -2.80 -24.79 12.04
N ARG A 816 -1.68 -25.29 12.55
CA ARG A 816 -0.65 -25.83 11.66
C ARG A 816 -1.16 -27.04 10.90
N ASP A 817 -1.92 -27.92 11.57
CA ASP A 817 -2.51 -29.06 10.87
C ASP A 817 -3.49 -28.61 9.80
N ALA A 818 -4.31 -27.60 10.10
CA ALA A 818 -5.27 -27.11 9.12
C ALA A 818 -4.56 -26.53 7.90
N TYR A 819 -3.49 -25.77 8.12
CA TYR A 819 -2.75 -25.22 6.99
C TYR A 819 -2.03 -26.30 6.19
N ARG A 820 -1.54 -27.35 6.87
CA ARG A 820 -0.85 -28.42 6.16
C ARG A 820 -1.78 -29.17 5.21
N ASN A 821 -3.01 -29.43 5.63
CA ASN A 821 -3.94 -30.19 4.80
C ASN A 821 -4.26 -29.49 3.49
N ILE A 822 -4.07 -28.17 3.41
CA ILE A 822 -4.35 -27.42 2.19
C ILE A 822 -3.15 -27.29 1.27
N GLY A 823 -1.96 -27.65 1.75
CA GLY A 823 -0.76 -27.61 0.92
C GLY A 823 0.29 -26.63 1.39
N HIS A 824 0.10 -25.93 2.51
CA HIS A 824 1.07 -24.99 3.02
C HIS A 824 1.78 -25.61 4.22
N LYS A 825 3.10 -25.68 4.16
CA LYS A 825 3.92 -26.26 5.22
C LYS A 825 4.56 -25.10 5.98
N LEU A 826 3.89 -24.66 7.05
CA LEU A 826 4.39 -23.54 7.83
C LEU A 826 5.74 -23.88 8.44
N LYS A 827 6.69 -22.96 8.32
CA LYS A 827 8.00 -23.14 8.92
C LYS A 827 7.94 -22.82 10.41
N GLU A 828 8.82 -23.47 11.17
CA GLU A 828 8.83 -23.28 12.63
C GLU A 828 9.25 -21.87 13.00
N GLY A 829 10.06 -21.22 12.16
CA GLY A 829 10.62 -19.92 12.50
C GLY A 829 9.75 -18.73 12.18
N GLU A 830 8.58 -18.94 11.57
CA GLU A 830 7.74 -17.84 11.15
C GLU A 830 6.46 -17.70 11.96
N THR A 831 6.04 -18.74 12.66
CA THR A 831 4.84 -18.71 13.49
C THR A 831 5.23 -18.86 14.96
N TYR A 832 4.65 -18.02 15.82
CA TYR A 832 4.94 -18.05 17.24
C TYR A 832 3.67 -17.79 18.03
N ILE A 833 3.70 -18.16 19.31
CA ILE A 833 2.56 -18.04 20.20
C ILE A 833 2.89 -17.00 21.27
N SER A 834 1.85 -16.36 21.79
CA SER A 834 2.00 -15.32 22.81
C SER A 834 0.75 -15.26 23.65
N ARG A 835 0.79 -14.43 24.69
CA ARG A 835 -0.38 -14.27 25.55
C ARG A 835 -1.30 -13.16 25.05
N ASP A 836 -0.74 -12.13 24.43
CA ASP A 836 -1.54 -11.04 23.87
C ASP A 836 -0.81 -10.44 22.67
N LEU A 837 -1.59 -9.93 21.72
CA LEU A 837 -1.02 -9.31 20.53
C LEU A 837 -0.16 -8.11 20.94
N GLN A 838 1.04 -8.04 20.37
CA GLN A 838 1.98 -7.00 20.76
C GLN A 838 2.75 -6.37 19.61
N PHE A 839 2.54 -6.80 18.36
CA PHE A 839 3.23 -6.23 17.21
C PHE A 839 2.26 -6.04 16.05
N ILE A 840 1.06 -5.55 16.34
CA ILE A 840 0.07 -5.31 15.30
C ILE A 840 0.51 -4.12 14.47
N SER A 841 0.56 -4.30 13.15
CA SER A 841 0.97 -3.24 12.23
C SER A 841 2.33 -2.65 12.60
N LYS A 842 3.13 -3.40 13.36
CA LYS A 842 4.48 -2.98 13.73
C LYS A 842 4.47 -1.75 14.64
N VAL A 843 3.56 -1.72 15.62
CA VAL A 843 3.60 -0.73 16.69
C VAL A 843 3.57 -1.47 18.01
N ILE A 844 4.46 -1.08 18.93
CA ILE A 844 4.62 -1.75 20.21
C ILE A 844 3.68 -1.07 21.21
N GLN A 845 2.58 -1.72 21.53
CA GLN A 845 1.62 -1.24 22.52
C GLN A 845 1.48 -2.29 23.62
N SER A 846 1.71 -1.87 24.85
CA SER A 846 1.63 -2.76 26.01
C SER A 846 0.79 -2.11 27.09
N GLU A 847 -0.16 -2.87 27.64
CA GLU A 847 -1.00 -2.42 28.75
C GLU A 847 -1.72 -1.12 28.42
N GLY A 848 -2.01 -0.89 27.14
CA GLY A 848 -2.72 0.30 26.72
C GLY A 848 -1.85 1.51 26.44
N VAL A 849 -0.54 1.41 26.63
CA VAL A 849 0.39 2.49 26.36
C VAL A 849 1.17 2.14 25.11
N MET A 850 1.27 3.09 24.18
CA MET A 850 1.97 2.90 22.93
C MET A 850 3.36 3.51 23.03
N HIS A 851 4.37 2.76 22.60
CA HIS A 851 5.76 3.23 22.62
C HIS A 851 6.20 3.49 21.19
N PRO A 852 6.52 4.73 20.82
CA PRO A 852 6.72 5.06 19.42
C PRO A 852 8.15 4.81 18.93
N THR A 853 8.31 4.88 17.62
CA THR A 853 9.61 4.84 16.96
C THR A 853 9.81 6.22 16.33
N PRO A 854 10.12 7.24 17.12
CA PRO A 854 10.19 8.60 16.59
C PRO A 854 11.24 8.78 15.52
N ILE A 855 12.50 8.43 15.80
CA ILE A 855 13.55 8.60 14.81
C ILE A 855 13.64 7.37 13.92
N LYS A 856 12.69 7.24 13.03
CA LYS A 856 12.71 6.30 11.92
C LYS A 856 12.26 6.92 10.62
N LYS A 857 11.42 7.95 10.66
CA LYS A 857 11.01 8.71 9.49
C LYS A 857 11.87 9.93 9.24
N VAL A 858 12.79 10.25 10.16
CA VAL A 858 13.64 11.43 10.05
C VAL A 858 15.09 11.04 9.78
N LEU A 859 15.34 9.79 9.38
CA LEU A 859 16.72 9.37 9.14
C LEU A 859 17.30 10.05 7.90
N ARG A 860 16.48 10.22 6.85
CA ARG A 860 16.94 10.76 5.57
C ARG A 860 16.52 12.21 5.36
N VAL A 861 16.28 12.96 6.43
CA VAL A 861 15.96 14.37 6.27
C VAL A 861 17.22 15.13 5.86
N GLY A 862 17.11 15.92 4.80
CA GLY A 862 18.23 16.63 4.26
C GLY A 862 17.86 17.42 3.03
N PRO A 863 18.85 17.97 2.34
CA PRO A 863 18.54 18.84 1.18
C PRO A 863 18.05 18.03 -0.02
N TRP A 864 17.06 18.59 -0.71
CA TRP A 864 16.55 18.03 -1.96
C TRP A 864 16.00 16.61 -1.77
N ILE A 865 15.00 16.50 -0.89
CA ILE A 865 14.34 15.23 -0.62
C ILE A 865 12.94 15.28 -1.22
N ASN A 866 12.55 14.18 -1.87
CA ASN A 866 11.18 14.02 -2.38
C ASN A 866 10.84 15.10 -3.40
N THR A 867 11.77 15.35 -4.33
CA THR A 867 11.57 16.32 -5.40
C THR A 867 12.00 15.70 -6.72
N ILE A 868 11.07 15.63 -7.66
CA ILE A 868 11.40 15.09 -8.99
C ILE A 868 12.45 15.96 -9.66
N LEU A 869 12.25 17.28 -9.62
CA LEU A 869 13.23 18.27 -10.04
C LEU A 869 13.52 19.13 -8.83
N ASP A 870 14.79 19.48 -8.62
CA ASP A 870 15.17 20.02 -7.32
C ASP A 870 14.55 21.39 -7.11
N ASP A 871 13.36 21.43 -6.51
CA ASP A 871 12.66 22.67 -6.21
C ASP A 871 12.54 22.86 -4.70
N ILE A 872 12.80 24.07 -4.25
CA ILE A 872 12.92 24.33 -2.82
C ILE A 872 11.58 24.18 -2.10
N LYS A 873 10.47 24.55 -2.76
CA LYS A 873 9.17 24.50 -2.10
C LYS A 873 8.84 23.10 -1.61
N THR A 874 8.91 22.12 -2.50
CA THR A 874 8.60 20.73 -2.14
C THR A 874 9.58 20.17 -1.13
N SER A 875 10.87 20.49 -1.28
CA SER A 875 11.88 19.99 -0.34
C SER A 875 11.63 20.54 1.06
N ALA A 876 11.32 21.82 1.18
CA ALA A 876 11.02 22.41 2.48
C ALA A 876 9.75 21.80 3.07
N GLU A 877 8.73 21.60 2.24
CA GLU A 877 7.51 20.97 2.73
C GLU A 877 7.79 19.58 3.26
N SER A 878 8.63 18.81 2.55
CA SER A 878 8.97 17.46 3.00
C SER A 878 9.75 17.50 4.31
N ILE A 879 10.69 18.43 4.44
CA ILE A 879 11.45 18.55 5.69
C ILE A 879 10.49 18.80 6.84
N GLY A 880 9.58 19.76 6.68
CA GLY A 880 8.64 20.06 7.75
C GLY A 880 7.75 18.88 8.07
N SER A 881 7.24 18.20 7.04
CA SER A 881 6.36 17.06 7.26
C SER A 881 7.06 15.94 8.01
N LEU A 882 8.31 15.64 7.63
CA LEU A 882 9.05 14.57 8.29
C LEU A 882 9.39 14.93 9.72
N CYS A 883 9.73 16.19 9.99
CA CYS A 883 10.10 16.58 11.34
C CYS A 883 8.90 16.78 12.26
N GLN A 884 7.70 16.96 11.71
CA GLN A 884 6.51 17.06 12.54
C GLN A 884 6.17 15.75 13.23
N GLU A 885 6.74 14.63 12.75
CA GLU A 885 6.48 13.33 13.37
C GLU A 885 7.15 13.21 14.73
N LEU A 886 8.28 13.88 14.93
CA LEU A 886 8.88 13.92 16.26
C LEU A 886 7.97 14.59 17.28
N GLU A 887 7.00 15.37 16.84
CA GLU A 887 5.96 15.92 17.70
C GLU A 887 4.74 15.04 17.80
N PHE A 888 4.26 14.52 16.67
CA PHE A 888 3.05 13.70 16.70
C PHE A 888 3.29 12.38 17.43
N ARG A 889 4.23 11.58 16.95
CA ARG A 889 4.51 10.31 17.60
C ARG A 889 5.32 10.51 18.87
N GLY A 890 6.49 11.13 18.76
CA GLY A 890 7.22 11.50 19.95
C GLY A 890 6.53 12.63 20.69
N GLU A 891 6.89 12.77 21.97
CA GLU A 891 6.27 13.78 22.82
C GLU A 891 7.18 14.97 23.08
N SER A 892 8.00 15.35 22.09
CA SER A 892 8.95 16.45 22.23
C SER A 892 8.72 17.44 21.09
N ILE A 893 8.51 18.71 21.42
CA ILE A 893 8.36 19.74 20.41
C ILE A 893 9.69 20.43 20.15
N ILE A 894 10.55 20.51 21.17
CA ILE A 894 11.84 21.20 21.03
C ILE A 894 12.76 20.43 20.08
N VAL A 895 12.79 19.10 20.20
CA VAL A 895 13.64 18.30 19.32
C VAL A 895 13.23 18.49 17.86
N SER A 896 11.93 18.45 17.61
CA SER A 896 11.44 18.64 16.25
C SER A 896 11.77 20.04 15.73
N LEU A 897 11.58 21.07 16.56
CA LEU A 897 11.95 22.42 16.16
C LEU A 897 13.42 22.49 15.77
N ILE A 898 14.28 21.94 16.62
CA ILE A 898 15.71 22.06 16.38
C ILE A 898 16.10 21.38 15.08
N LEU A 899 15.64 20.13 14.88
CA LEU A 899 15.99 19.42 13.66
C LEU A 899 15.46 20.12 12.43
N ARG A 900 14.19 20.56 12.49
CA ARG A 900 13.56 21.19 11.33
C ARG A 900 14.29 22.47 10.95
N ASN A 901 14.59 23.33 11.93
CA ASN A 901 15.26 24.59 11.60
C ASN A 901 16.69 24.36 11.16
N PHE A 902 17.38 23.37 11.74
CA PHE A 902 18.72 23.02 11.27
C PHE A 902 18.70 22.71 9.77
N TRP A 903 17.81 21.80 9.35
CA TRP A 903 17.84 21.39 7.95
C TRP A 903 17.25 22.45 7.03
N LEU A 904 16.27 23.22 7.48
CA LEU A 904 15.76 24.32 6.66
C LEU A 904 16.82 25.39 6.44
N TYR A 905 17.56 25.75 7.48
CA TYR A 905 18.64 26.72 7.31
C TYR A 905 19.70 26.19 6.36
N ASN A 906 20.03 24.91 6.46
CA ASN A 906 20.96 24.34 5.49
C ASN A 906 20.42 24.47 4.07
N LEU A 907 19.14 24.16 3.88
CA LEU A 907 18.56 24.19 2.53
C LEU A 907 18.57 25.59 1.95
N TYR A 908 18.04 26.57 2.68
CA TYR A 908 17.83 27.89 2.10
C TYR A 908 19.14 28.65 1.89
N MET A 909 20.01 28.66 2.89
CA MET A 909 21.13 29.58 2.92
C MET A 909 22.45 28.94 2.52
N HIS A 910 22.46 27.65 2.18
CA HIS A 910 23.73 26.99 1.84
C HIS A 910 23.64 26.18 0.56
N GLU A 911 22.45 25.66 0.23
CA GLU A 911 22.30 24.78 -0.92
C GLU A 911 21.65 25.45 -2.12
N SER A 912 21.05 26.62 -1.95
CA SER A 912 20.43 27.33 -3.06
C SER A 912 21.43 28.07 -3.93
N LYS A 913 22.67 28.23 -3.48
CA LYS A 913 23.66 28.95 -4.28
C LYS A 913 24.04 28.16 -5.53
N GLN A 914 23.89 26.84 -5.49
CA GLN A 914 24.27 25.95 -6.59
C GLN A 914 23.10 25.03 -6.89
N HIS A 915 22.38 25.31 -7.97
CA HIS A 915 21.29 24.47 -8.43
C HIS A 915 21.67 23.83 -9.77
N PRO A 916 21.42 22.53 -9.95
CA PRO A 916 21.83 21.90 -11.22
C PRO A 916 21.19 22.53 -12.45
N LEU A 917 19.94 22.96 -12.35
CA LEU A 917 19.18 23.48 -13.49
C LEU A 917 19.04 25.00 -13.48
N ALA A 918 19.08 25.64 -12.32
CA ALA A 918 18.83 27.07 -12.23
C ALA A 918 20.10 27.89 -12.03
N GLY A 919 21.16 27.28 -11.50
CA GLY A 919 22.38 28.02 -11.21
C GLY A 919 22.25 28.87 -9.97
N LYS A 920 22.82 30.07 -9.99
CA LYS A 920 22.75 30.98 -8.86
C LYS A 920 21.42 31.71 -8.77
N GLN A 921 20.58 31.63 -9.81
CA GLN A 921 19.39 32.48 -9.87
C GLN A 921 18.58 32.40 -8.59
N LEU A 922 18.29 31.18 -8.12
CA LEU A 922 17.45 31.04 -6.95
C LEU A 922 17.96 31.90 -5.80
N PHE A 923 19.24 31.78 -5.49
CA PHE A 923 19.76 32.52 -4.34
C PHE A 923 19.55 34.02 -4.53
N LYS A 924 19.83 34.52 -5.73
CA LYS A 924 19.61 35.94 -5.99
C LYS A 924 18.18 36.31 -5.67
N GLN A 925 17.22 35.54 -6.18
CA GLN A 925 15.82 35.82 -5.87
C GLN A 925 15.62 35.87 -4.36
N LEU A 926 16.11 34.85 -3.65
CA LEU A 926 15.97 34.82 -2.21
C LEU A 926 16.56 36.07 -1.58
N ASN A 927 17.71 36.51 -2.07
CA ASN A 927 18.37 37.66 -1.46
C ASN A 927 17.62 38.95 -1.75
N LYS A 928 16.78 38.98 -2.79
CA LYS A 928 15.96 40.16 -3.04
C LYS A 928 14.78 40.20 -2.09
N THR A 929 14.04 39.09 -1.99
CA THR A 929 12.94 39.02 -1.02
C THR A 929 13.43 39.35 0.38
N LEU A 930 14.64 38.90 0.74
CA LEU A 930 15.17 39.19 2.06
C LEU A 930 15.41 40.69 2.25
N THR A 931 15.80 41.40 1.19
CA THR A 931 16.00 42.83 1.31
C THR A 931 14.67 43.54 1.54
N SER A 932 13.68 43.24 0.70
CA SER A 932 12.41 43.95 0.78
C SER A 932 11.82 43.90 2.19
N VAL A 933 11.72 42.69 2.76
CA VAL A 933 11.15 42.57 4.10
C VAL A 933 11.90 43.47 5.07
N GLN A 934 13.23 43.46 4.99
CA GLN A 934 14.01 44.33 5.86
C GLN A 934 13.56 45.77 5.70
N ARG A 935 13.55 46.25 4.45
CA ARG A 935 13.15 47.63 4.20
C ARG A 935 11.73 47.90 4.68
N PHE A 936 10.88 46.87 4.69
CA PHE A 936 9.52 47.07 5.16
C PHE A 936 9.45 47.13 6.68
N PHE A 937 10.30 46.37 7.37
CA PHE A 937 10.22 46.28 8.83
C PHE A 937 11.33 47.04 9.53
N GLU A 938 12.30 47.58 8.79
CA GLU A 938 13.38 48.38 9.36
C GLU A 938 14.19 47.57 10.36
N ILE A 939 14.63 46.38 9.92
CA ILE A 939 15.50 45.54 10.72
C ILE A 939 16.93 46.02 10.54
N LYS A 940 17.61 46.29 11.66
CA LYS A 940 18.98 46.81 11.60
C LYS A 940 19.98 45.74 11.21
N ARG A 941 19.84 44.53 11.76
CA ARG A 941 20.82 43.47 11.58
C ARG A 941 20.32 42.49 10.53
N GLU A 942 21.15 42.24 9.51
CA GLU A 942 20.78 41.31 8.45
C GLU A 942 20.66 39.88 8.94
N ASN A 943 21.22 39.57 10.11
CA ASN A 943 21.18 38.20 10.60
C ASN A 943 19.81 37.87 11.19
N GLU A 944 19.09 38.86 11.72
CA GLU A 944 17.80 38.64 12.35
C GLU A 944 16.62 38.90 11.42
N VAL A 945 16.87 39.22 10.15
CA VAL A 945 15.80 39.28 9.18
C VAL A 945 15.52 37.89 8.58
N VAL A 946 16.55 37.04 8.50
CA VAL A 946 16.34 35.66 8.09
C VAL A 946 15.52 34.92 9.13
N ASP A 947 15.76 35.21 10.41
CA ASP A 947 14.98 34.59 11.47
C ASP A 947 13.51 34.92 11.32
N LEU A 948 13.19 36.19 11.07
CA LEU A 948 11.80 36.59 10.86
C LEU A 948 11.22 35.94 9.62
N TRP A 949 11.97 35.96 8.51
CA TRP A 949 11.46 35.40 7.27
C TRP A 949 11.16 33.92 7.41
N MET A 950 11.94 33.19 8.20
CA MET A 950 11.78 31.75 8.30
C MET A 950 10.66 31.35 9.25
N ASN A 951 9.96 32.30 9.85
CA ASN A 951 8.80 32.03 10.69
C ASN A 951 7.50 32.53 10.08
N ILE A 952 7.53 32.99 8.83
CA ILE A 952 6.33 33.46 8.15
C ILE A 952 5.80 32.29 7.33
N PRO A 953 4.48 32.10 7.20
CA PRO A 953 3.98 30.96 6.44
C PRO A 953 4.36 31.04 4.97
N MET A 954 4.42 29.87 4.33
CA MET A 954 4.73 29.82 2.91
C MET A 954 3.64 30.46 2.06
N GLN A 955 2.39 30.44 2.54
CA GLN A 955 1.30 30.99 1.74
C GLN A 955 1.45 32.48 1.48
N PHE A 956 2.16 33.20 2.34
CA PHE A 956 2.42 34.62 2.16
C PHE A 956 3.77 34.88 1.52
N GLY A 957 4.54 33.83 1.23
CA GLY A 957 5.84 33.98 0.62
C GLY A 957 7.04 33.78 1.53
N GLY A 958 6.82 33.42 2.80
CA GLY A 958 7.91 33.12 3.69
C GLY A 958 8.35 31.67 3.63
N GLY A 959 9.39 31.35 4.40
CA GLY A 959 9.78 29.97 4.57
C GLY A 959 9.42 29.41 5.92
N ASP A 960 8.30 28.70 6.01
CA ASP A 960 7.88 28.09 7.26
C ASP A 960 6.86 26.98 6.96
N PRO A 961 7.30 25.75 6.71
CA PRO A 961 6.34 24.73 6.28
C PRO A 961 5.62 24.06 7.42
N VAL A 962 5.25 24.82 8.45
CA VAL A 962 4.39 24.34 9.52
C VAL A 962 3.65 25.53 10.10
N VAL A 963 2.31 25.49 10.07
CA VAL A 963 1.52 26.57 10.63
C VAL A 963 1.34 26.35 12.12
N PHE A 964 1.08 27.45 12.84
CA PHE A 964 1.09 27.41 14.29
C PHE A 964 0.13 26.36 14.84
N TYR A 965 -1.10 26.31 14.34
CA TYR A 965 -2.11 25.45 14.92
C TYR A 965 -1.73 23.98 14.84
N ARG A 966 -0.83 23.61 13.93
CA ARG A 966 -0.55 22.19 13.70
C ARG A 966 0.08 21.51 14.91
N SER A 967 0.61 22.29 15.84
CA SER A 967 1.18 21.73 17.07
C SER A 967 0.13 21.48 18.14
N PHE A 968 -1.12 21.89 17.93
CA PHE A 968 -2.19 21.73 18.91
C PHE A 968 -3.35 20.92 18.40
N TYR A 969 -3.79 21.14 17.16
CA TYR A 969 -4.77 20.28 16.52
C TYR A 969 -4.38 20.07 15.08
N ARG A 970 -4.83 18.95 14.50
CA ARG A 970 -4.30 18.50 13.22
C ARG A 970 -5.07 19.04 12.03
N ARG A 971 -6.40 19.11 12.11
CA ARG A 971 -7.23 19.51 10.97
C ARG A 971 -8.02 20.77 11.31
N THR A 972 -8.28 21.57 10.28
CA THR A 972 -9.01 22.83 10.44
C THR A 972 -9.63 23.20 9.11
N PRO A 973 -10.74 23.93 9.11
CA PRO A 973 -11.13 24.68 7.91
C PRO A 973 -10.41 26.02 7.89
N ASP A 974 -10.42 26.67 6.74
CA ASP A 974 -9.93 28.04 6.62
C ASP A 974 -8.45 28.14 7.01
N PHE A 975 -7.60 27.56 6.15
CA PHE A 975 -6.16 27.73 6.31
C PHE A 975 -5.77 29.21 6.39
N LEU A 976 -6.50 30.07 5.68
CA LEU A 976 -6.12 31.48 5.62
C LEU A 976 -6.18 32.14 7.00
N THR A 977 -7.23 31.83 7.78
CA THR A 977 -7.33 32.41 9.11
C THR A 977 -6.21 31.92 10.01
N GLU A 978 -5.83 30.65 9.87
CA GLU A 978 -4.72 30.11 10.64
C GLU A 978 -3.41 30.83 10.30
N ALA A 979 -3.17 31.05 9.01
CA ALA A 979 -1.95 31.77 8.61
C ALA A 979 -1.98 33.21 9.14
N ILE A 980 -3.13 33.86 9.07
CA ILE A 980 -3.24 35.23 9.58
C ILE A 980 -2.95 35.26 11.07
N SER A 981 -3.50 34.31 11.83
CA SER A 981 -3.27 34.27 13.27
C SER A 981 -1.79 34.01 13.59
N HIS A 982 -1.17 33.10 12.85
CA HIS A 982 0.25 32.83 13.05
C HIS A 982 1.07 34.09 12.84
N VAL A 983 0.84 34.80 11.74
CA VAL A 983 1.60 36.01 11.46
C VAL A 983 1.32 37.08 12.52
N ASP A 984 0.08 37.16 12.99
CA ASP A 984 -0.27 38.16 13.99
C ASP A 984 0.48 37.91 15.30
N ILE A 985 0.51 36.66 15.76
CA ILE A 985 1.23 36.37 17.00
C ILE A 985 2.73 36.57 16.80
N LEU A 986 3.24 36.21 15.62
CA LEU A 986 4.67 36.39 15.34
C LEU A 986 5.05 37.87 15.42
N LEU A 987 4.24 38.76 14.84
CA LEU A 987 4.52 40.18 14.93
C LEU A 987 4.28 40.71 16.33
N LYS A 988 3.37 40.09 17.09
CA LYS A 988 3.12 40.53 18.45
C LYS A 988 4.33 40.27 19.36
N ILE A 989 4.94 39.09 19.26
CA ILE A 989 6.08 38.79 20.12
C ILE A 989 7.35 39.49 19.68
N SER A 990 7.41 39.97 18.43
CA SER A 990 8.64 40.49 17.84
C SER A 990 8.87 41.90 18.35
N ALA A 991 9.57 42.01 19.48
CA ALA A 991 9.91 43.31 20.06
C ALA A 991 11.17 43.89 19.42
N ASN A 992 11.16 43.91 18.11
CA ASN A 992 12.29 44.35 17.29
C ASN A 992 11.85 45.32 16.21
N ILE A 993 10.59 45.26 15.80
CA ILE A 993 10.03 46.16 14.80
C ILE A 993 9.13 47.18 15.48
N LYS A 994 8.82 48.25 14.76
CA LYS A 994 7.94 49.28 15.29
C LYS A 994 6.49 48.84 15.21
N ASN A 995 5.67 49.37 16.13
CA ASN A 995 4.28 48.96 16.20
C ASN A 995 3.51 49.37 14.93
N GLU A 996 3.95 50.44 14.28
CA GLU A 996 3.26 50.90 13.08
C GLU A 996 3.36 49.88 11.96
N THR A 997 4.52 49.25 11.80
CA THR A 997 4.71 48.33 10.67
C THR A 997 3.95 47.03 10.86
N LYS A 998 3.80 46.55 12.09
CA LYS A 998 3.12 45.28 12.29
C LYS A 998 1.63 45.38 12.00
N VAL A 999 1.05 46.57 12.10
CA VAL A 999 -0.33 46.76 11.65
C VAL A 999 -0.35 47.10 10.17
N SER A 1000 0.73 47.68 9.65
CA SER A 1000 0.81 48.00 8.23
C SER A 1000 1.00 46.77 7.36
N PHE A 1001 1.50 45.67 7.92
CA PHE A 1001 1.63 44.44 7.15
C PHE A 1001 0.26 43.95 6.68
N PHE A 1002 -0.74 44.01 7.56
CA PHE A 1002 -2.07 43.55 7.17
C PHE A 1002 -2.72 44.50 6.19
N LYS A 1003 -2.45 45.81 6.29
CA LYS A 1003 -2.93 46.74 5.27
C LYS A 1003 -2.30 46.44 3.91
N ALA A 1004 -1.01 46.09 3.91
CA ALA A 1004 -0.36 45.68 2.66
C ALA A 1004 -1.00 44.40 2.13
N LEU A 1005 -1.29 43.46 3.02
CA LEU A 1005 -1.91 42.20 2.59
C LEU A 1005 -3.28 42.44 1.98
N LEU A 1006 -4.05 43.37 2.55
CA LEU A 1006 -5.39 43.66 2.06
C LEU A 1006 -5.39 44.55 0.82
N SER A 1007 -4.27 45.15 0.45
CA SER A 1007 -4.19 45.99 -0.74
C SER A 1007 -4.11 45.09 -1.96
N ILE A 1008 -5.22 44.95 -2.68
CA ILE A 1008 -5.37 43.96 -3.72
C ILE A 1008 -5.81 44.63 -5.02
N GLU A 1009 -5.60 43.92 -6.13
CA GLU A 1009 -5.94 44.39 -7.46
C GLU A 1009 -7.05 43.50 -8.01
N LYS A 1010 -8.06 43.26 -7.18
CA LYS A 1010 -9.07 42.22 -7.40
C LYS A 1010 -9.69 42.23 -8.79
N ASN A 1011 -9.51 43.32 -9.54
CA ASN A 1011 -10.15 43.46 -10.85
C ASN A 1011 -9.49 42.47 -11.81
N GLU A 1012 -10.01 41.25 -11.80
CA GLU A 1012 -9.50 40.17 -12.64
C GLU A 1012 -10.68 39.24 -12.95
N ARG A 1013 -10.43 38.21 -13.75
CA ARG A 1013 -11.49 37.32 -14.21
C ARG A 1013 -11.87 36.35 -13.09
N ALA A 1014 -13.15 36.39 -12.69
CA ALA A 1014 -13.64 35.56 -11.60
C ALA A 1014 -14.31 34.31 -12.17
N THR A 1015 -13.46 33.34 -12.54
CA THR A 1015 -13.95 32.05 -13.01
C THR A 1015 -14.22 31.15 -11.82
N LEU A 1016 -15.41 30.55 -11.79
CA LEU A 1016 -15.84 29.75 -10.66
C LEU A 1016 -15.32 28.32 -10.70
N THR A 1017 -14.58 27.94 -11.74
CA THR A 1017 -13.99 26.60 -11.76
C THR A 1017 -12.83 26.50 -10.78
N THR A 1018 -12.16 27.62 -10.49
CA THR A 1018 -11.11 27.63 -9.49
C THR A 1018 -11.65 27.23 -8.12
N LEU A 1019 -12.82 27.76 -7.76
CA LEU A 1019 -13.43 27.40 -6.48
C LEU A 1019 -13.95 25.98 -6.49
N MET A 1020 -14.42 25.49 -7.64
CA MET A 1020 -14.84 24.10 -7.74
C MET A 1020 -13.67 23.16 -7.50
N ARG A 1021 -12.50 23.47 -8.07
CA ARG A 1021 -11.32 22.65 -7.82
C ARG A 1021 -10.83 22.82 -6.39
N ASP A 1022 -10.81 24.06 -5.89
CA ASP A 1022 -10.25 24.37 -4.58
C ASP A 1022 -11.17 25.35 -3.87
N PRO A 1023 -12.09 24.87 -3.03
CA PRO A 1023 -13.03 25.79 -2.37
C PRO A 1023 -12.36 26.87 -1.54
N GLN A 1024 -11.16 26.62 -1.01
CA GLN A 1024 -10.44 27.57 -0.18
C GLN A 1024 -9.43 28.38 -0.97
N ALA A 1025 -9.72 28.67 -2.23
CA ALA A 1025 -8.79 29.37 -3.10
C ALA A 1025 -8.96 30.88 -2.96
N VAL A 1026 -7.86 31.60 -3.16
CA VAL A 1026 -7.85 33.06 -3.17
C VAL A 1026 -7.44 33.53 -4.56
N GLY A 1027 -7.94 34.69 -4.95
CA GLY A 1027 -7.70 35.24 -6.26
C GLY A 1027 -6.80 36.47 -6.24
N SER A 1028 -6.63 37.05 -7.43
CA SER A 1028 -5.86 38.28 -7.60
C SER A 1028 -4.38 38.08 -7.29
N GLU A 1029 -3.88 36.88 -7.62
CA GLU A 1029 -2.46 36.57 -7.51
C GLU A 1029 -1.93 36.75 -6.08
N ARG A 1030 -2.81 36.65 -5.08
CA ARG A 1030 -2.38 36.58 -3.69
C ARG A 1030 -2.02 35.16 -3.27
N GLN A 1031 -2.26 34.19 -4.15
CA GLN A 1031 -1.98 32.79 -3.86
C GLN A 1031 -0.64 32.40 -4.46
N ALA A 1032 -0.13 31.25 -4.01
CA ALA A 1032 1.07 30.67 -4.61
C ALA A 1032 0.66 29.67 -5.70
N LYS A 1033 1.31 29.78 -6.85
CA LYS A 1033 0.98 28.91 -7.97
C LYS A 1033 1.49 27.49 -7.74
N VAL A 1034 0.84 26.53 -8.38
CA VAL A 1034 1.13 25.11 -8.20
C VAL A 1034 1.49 24.49 -9.54
N THR A 1035 1.92 23.23 -9.49
CA THR A 1035 2.40 22.55 -10.69
C THR A 1035 1.26 22.15 -11.61
N SER A 1036 0.12 21.75 -11.03
CA SER A 1036 -1.01 21.30 -11.85
C SER A 1036 -1.50 22.43 -12.75
N ASP A 1037 -1.64 23.63 -12.21
CA ASP A 1037 -2.23 24.72 -12.96
C ASP A 1037 -1.32 25.19 -14.09
N ILE A 1038 -0.01 25.03 -13.95
CA ILE A 1038 0.90 25.45 -15.01
C ILE A 1038 1.15 24.33 -16.02
N ASN A 1039 1.03 23.07 -15.62
CA ASN A 1039 1.22 21.97 -16.55
C ASN A 1039 -0.07 21.53 -17.23
N ARG A 1040 -1.23 22.08 -16.83
CA ARG A 1040 -2.48 21.69 -17.46
C ARG A 1040 -2.46 21.94 -18.96
N THR A 1041 -2.06 23.14 -19.37
CA THR A 1041 -2.09 23.48 -20.79
C THR A 1041 -1.13 22.61 -21.59
N ALA A 1042 0.07 22.37 -21.06
CA ALA A 1042 1.02 21.51 -21.76
C ALA A 1042 0.49 20.10 -21.89
N VAL A 1043 -0.10 19.56 -20.81
CA VAL A 1043 -0.62 18.20 -20.87
C VAL A 1043 -1.75 18.11 -21.89
N THR A 1044 -2.65 19.09 -21.90
CA THR A 1044 -3.75 19.06 -22.86
C THR A 1044 -3.24 19.18 -24.29
N SER A 1045 -2.25 20.04 -24.53
CA SER A 1045 -1.70 20.19 -25.86
C SER A 1045 -1.01 18.91 -26.33
N ILE A 1046 -0.34 18.21 -25.41
CA ILE A 1046 0.28 16.95 -25.78
C ILE A 1046 -0.77 15.90 -26.08
N LEU A 1047 -1.79 15.78 -25.22
CA LEU A 1047 -2.83 14.79 -25.43
C LEU A 1047 -3.60 15.03 -26.72
N SER A 1048 -3.73 16.29 -27.14
CA SER A 1048 -4.48 16.58 -28.35
C SER A 1048 -3.83 15.96 -29.58
N LEU A 1049 -2.50 15.83 -29.58
CA LEU A 1049 -1.77 15.24 -30.70
C LEU A 1049 -1.39 13.80 -30.34
N SER A 1050 -2.37 12.91 -30.38
CA SER A 1050 -2.12 11.50 -30.13
C SER A 1050 -2.93 10.67 -31.10
N PRO A 1051 -2.44 9.48 -31.47
CA PRO A 1051 -3.20 8.63 -32.40
C PRO A 1051 -4.57 8.23 -31.89
N ASN A 1052 -4.74 8.06 -30.58
CA ASN A 1052 -6.02 7.67 -30.02
C ASN A 1052 -7.05 8.78 -30.25
N GLN A 1053 -8.12 8.45 -30.98
CA GLN A 1053 -9.13 9.47 -31.31
C GLN A 1053 -9.86 9.95 -30.07
N LEU A 1054 -10.21 9.04 -29.16
CA LEU A 1054 -10.98 9.42 -27.98
C LEU A 1054 -10.22 10.45 -27.15
N PHE A 1055 -8.96 10.17 -26.86
CA PHE A 1055 -8.16 11.08 -26.04
C PHE A 1055 -7.95 12.41 -26.74
N SER A 1056 -7.69 12.39 -28.04
CA SER A 1056 -7.47 13.64 -28.76
C SER A 1056 -8.71 14.50 -28.75
N ASP A 1057 -9.88 13.90 -28.99
CA ASP A 1057 -11.12 14.67 -28.95
C ASP A 1057 -11.39 15.25 -27.57
N SER A 1058 -11.19 14.43 -26.52
CA SER A 1058 -11.41 14.93 -25.18
C SER A 1058 -10.48 16.10 -24.87
N ALA A 1059 -9.20 15.98 -25.24
CA ALA A 1059 -8.25 17.05 -24.98
C ALA A 1059 -8.54 18.29 -25.80
N ILE A 1060 -9.12 18.13 -26.99
CA ILE A 1060 -9.47 19.28 -27.81
C ILE A 1060 -10.64 20.03 -27.18
N HIS A 1061 -11.62 19.31 -26.65
CA HIS A 1061 -12.78 19.96 -26.03
C HIS A 1061 -12.54 20.37 -24.58
N TYR A 1062 -11.40 19.99 -24.00
CA TYR A 1062 -11.14 20.27 -22.58
C TYR A 1062 -11.24 21.76 -22.25
N SER A 1063 -10.63 22.61 -23.06
CA SER A 1063 -10.58 24.03 -22.73
C SER A 1063 -11.99 24.63 -22.70
N ARG A 1064 -12.80 24.33 -23.70
CA ARG A 1064 -14.16 24.86 -23.72
C ARG A 1064 -14.99 24.30 -22.57
N ASN A 1065 -14.84 23.01 -22.27
CA ASN A 1065 -15.61 22.46 -21.15
C ASN A 1065 -15.19 23.09 -19.84
N GLU A 1066 -13.89 23.36 -19.66
CA GLU A 1066 -13.43 24.05 -18.46
C GLU A 1066 -14.04 25.44 -18.37
N GLU A 1067 -14.05 26.16 -19.49
CA GLU A 1067 -14.60 27.52 -19.49
C GLU A 1067 -16.10 27.52 -19.27
N GLU A 1068 -16.79 26.42 -19.63
CA GLU A 1068 -18.25 26.37 -19.54
C GLU A 1068 -18.75 25.82 -18.22
N VAL A 1069 -17.99 24.94 -17.57
CA VAL A 1069 -18.44 24.36 -16.30
C VAL A 1069 -18.59 25.44 -15.23
N GLY A 1070 -17.85 26.54 -15.36
CA GLY A 1070 -17.97 27.61 -14.39
C GLY A 1070 -19.16 28.52 -14.64
N ILE A 1071 -19.74 28.47 -15.83
CA ILE A 1071 -20.86 29.35 -16.16
C ILE A 1071 -22.19 28.79 -15.66
N ILE A 1072 -22.23 27.52 -15.25
CA ILE A 1072 -23.50 26.90 -14.89
C ILE A 1072 -24.14 27.61 -13.71
N ALA A 1073 -23.33 28.00 -12.71
CA ALA A 1073 -23.85 28.55 -11.47
C ALA A 1073 -23.32 29.96 -11.22
N GLU A 1074 -22.97 30.69 -12.28
CA GLU A 1074 -22.41 32.02 -12.08
C GLU A 1074 -23.42 32.98 -11.49
N ASN A 1075 -24.67 32.94 -11.94
CA ASN A 1075 -25.70 33.86 -11.46
C ASN A 1075 -26.50 33.25 -10.32
N ILE A 1076 -25.80 32.75 -9.29
CA ILE A 1076 -26.40 32.21 -8.09
C ILE A 1076 -25.74 32.88 -6.90
N THR A 1077 -26.55 33.39 -5.97
CA THR A 1077 -26.04 34.09 -4.80
C THR A 1077 -26.76 33.58 -3.56
N PRO A 1078 -26.05 33.41 -2.43
CA PRO A 1078 -24.61 33.57 -2.24
C PRO A 1078 -23.81 32.41 -2.82
N VAL A 1079 -22.50 32.59 -2.95
CA VAL A 1079 -21.64 31.53 -3.49
C VAL A 1079 -21.24 30.62 -2.33
N TYR A 1080 -21.49 29.31 -2.50
CA TYR A 1080 -21.11 28.30 -1.51
C TYR A 1080 -20.09 27.38 -2.14
N PRO A 1081 -18.79 27.59 -1.93
CA PRO A 1081 -17.78 26.83 -2.69
C PRO A 1081 -17.88 25.32 -2.53
N HIS A 1082 -18.36 24.83 -1.37
CA HIS A 1082 -18.48 23.38 -1.20
C HIS A 1082 -19.66 22.82 -1.99
N GLY A 1083 -20.76 23.56 -2.10
CA GLY A 1083 -21.82 23.16 -3.02
C GLY A 1083 -21.36 23.16 -4.46
N LEU A 1084 -20.51 24.13 -4.82
CA LEU A 1084 -19.90 24.12 -6.15
C LEU A 1084 -19.03 22.89 -6.32
N ARG A 1085 -18.31 22.48 -5.27
CA ARG A 1085 -17.52 21.25 -5.34
C ARG A 1085 -18.42 20.04 -5.60
N VAL A 1086 -19.57 19.98 -4.92
CA VAL A 1086 -20.49 18.87 -5.13
C VAL A 1086 -20.98 18.85 -6.59
N LEU A 1087 -21.38 20.02 -7.10
CA LEU A 1087 -21.82 20.12 -8.48
C LEU A 1087 -20.72 19.71 -9.44
N TYR A 1088 -19.48 20.10 -9.15
CA TYR A 1088 -18.33 19.70 -9.95
C TYR A 1088 -18.19 18.18 -9.96
N GLU A 1089 -18.30 17.55 -8.79
CA GLU A 1089 -18.18 16.10 -8.71
C GLU A 1089 -19.31 15.39 -9.44
N SER A 1090 -20.45 16.07 -9.61
CA SER A 1090 -21.59 15.45 -10.27
C SER A 1090 -21.45 15.35 -11.78
N LEU A 1091 -20.40 15.94 -12.37
CA LEU A 1091 -20.24 16.01 -13.82
C LEU A 1091 -19.06 15.16 -14.30
N PRO A 1092 -19.12 14.64 -15.53
CA PRO A 1092 -18.00 13.83 -16.03
C PRO A 1092 -16.69 14.58 -16.15
N PHE A 1093 -16.74 15.90 -16.34
CA PHE A 1093 -15.51 16.69 -16.45
C PHE A 1093 -14.58 16.40 -15.29
N HIS A 1094 -15.13 16.31 -14.08
CA HIS A 1094 -14.38 15.91 -12.90
C HIS A 1094 -13.39 14.80 -13.21
N LYS A 1095 -13.89 13.67 -13.72
CA LYS A 1095 -13.02 12.52 -13.94
C LYS A 1095 -11.91 12.85 -14.93
N ALA A 1096 -12.24 13.56 -16.01
CA ALA A 1096 -11.19 13.96 -16.94
C ALA A 1096 -10.13 14.79 -16.23
N GLU A 1097 -10.57 15.71 -15.38
CA GLU A 1097 -9.62 16.57 -14.66
C GLU A 1097 -8.70 15.76 -13.76
N LYS A 1098 -9.10 14.53 -13.40
CA LYS A 1098 -8.17 13.65 -12.68
C LYS A 1098 -7.07 13.15 -13.60
N VAL A 1099 -7.44 12.64 -14.78
CA VAL A 1099 -6.45 12.03 -15.66
C VAL A 1099 -5.35 13.02 -15.98
N VAL A 1100 -5.72 14.26 -16.31
CA VAL A 1100 -4.72 15.28 -16.61
C VAL A 1100 -3.76 15.43 -15.43
N ASN A 1101 -4.31 15.53 -14.22
CA ASN A 1101 -3.45 15.69 -13.05
C ASN A 1101 -2.56 14.48 -12.83
N MET A 1102 -2.97 13.30 -13.31
CA MET A 1102 -2.11 12.13 -13.19
C MET A 1102 -0.97 12.17 -14.20
N ILE A 1103 -1.18 12.85 -15.34
CA ILE A 1103 -0.12 12.98 -16.33
C ILE A 1103 0.75 14.21 -16.11
N SER A 1104 0.28 15.20 -15.34
CA SER A 1104 1.10 16.38 -15.07
C SER A 1104 2.32 16.02 -14.24
N GLY A 1105 2.19 15.06 -13.33
CA GLY A 1105 3.30 14.61 -12.53
C GLY A 1105 4.05 13.44 -13.12
N THR A 1106 4.77 13.65 -14.21
CA THR A 1106 5.56 12.61 -14.84
C THR A 1106 7.01 13.01 -15.09
N LYS A 1107 7.38 14.26 -14.77
CA LYS A 1107 8.75 14.73 -14.88
C LYS A 1107 9.16 14.99 -16.32
N SER A 1108 8.32 14.58 -17.28
CA SER A 1108 8.57 14.90 -18.69
C SER A 1108 7.24 14.80 -19.42
N ILE A 1109 6.63 15.95 -19.70
CA ILE A 1109 5.34 15.98 -20.38
C ILE A 1109 5.51 15.96 -21.89
N THR A 1110 6.52 16.66 -22.41
CA THR A 1110 6.69 16.84 -23.85
C THR A 1110 7.39 15.65 -24.52
N ASN A 1111 7.80 14.65 -23.74
CA ASN A 1111 8.42 13.45 -24.30
C ASN A 1111 7.55 12.21 -24.09
N LEU A 1112 6.24 12.39 -23.85
CA LEU A 1112 5.37 11.23 -23.67
C LEU A 1112 5.32 10.37 -24.92
N LEU A 1113 5.22 11.00 -26.10
CA LEU A 1113 5.05 10.29 -27.35
C LEU A 1113 6.37 10.01 -28.05
N GLN A 1114 7.50 10.33 -27.41
CA GLN A 1114 8.83 9.97 -27.91
C GLN A 1114 9.51 9.08 -26.88
N ARG A 1115 10.32 8.14 -27.38
CA ARG A 1115 11.06 7.22 -26.52
C ARG A 1115 12.41 7.84 -26.23
N THR A 1116 12.48 8.66 -25.19
CA THR A 1116 13.70 9.37 -24.82
C THR A 1116 14.11 9.14 -23.38
N SER A 1117 13.15 9.06 -22.45
CA SER A 1117 13.45 8.90 -21.02
C SER A 1117 14.37 10.01 -20.53
N ALA A 1118 14.24 11.20 -21.09
CA ALA A 1118 15.04 12.35 -20.71
C ALA A 1118 14.13 13.55 -20.55
N ILE A 1119 14.57 14.51 -19.75
CA ILE A 1119 13.80 15.72 -19.46
C ILE A 1119 14.05 16.73 -20.57
N ASN A 1120 12.98 17.22 -21.17
CA ASN A 1120 13.10 18.19 -22.25
C ASN A 1120 13.35 19.59 -21.69
N GLY A 1121 13.91 20.45 -22.55
CA GLY A 1121 14.23 21.80 -22.13
C GLY A 1121 13.01 22.63 -21.74
N GLU A 1122 11.88 22.42 -22.43
CA GLU A 1122 10.68 23.17 -22.12
C GLU A 1122 10.21 22.91 -20.70
N ASP A 1123 10.24 21.64 -20.28
CA ASP A 1123 9.83 21.29 -18.93
C ASP A 1123 10.74 21.95 -17.90
N ILE A 1124 12.05 21.95 -18.16
CA ILE A 1124 13.00 22.57 -17.25
C ILE A 1124 12.73 24.06 -17.13
N ASP A 1125 12.51 24.73 -18.27
CA ASP A 1125 12.24 26.15 -18.24
C ASP A 1125 10.96 26.45 -17.46
N ARG A 1126 9.91 25.66 -17.68
CA ARG A 1126 8.66 25.86 -16.94
C ARG A 1126 8.89 25.70 -15.44
N ALA A 1127 9.57 24.63 -15.04
CA ALA A 1127 9.79 24.38 -13.62
C ALA A 1127 10.60 25.48 -12.98
N VAL A 1128 11.66 25.94 -13.68
CA VAL A 1128 12.50 26.99 -13.12
C VAL A 1128 11.72 28.29 -13.02
N SER A 1129 10.87 28.59 -14.01
CA SER A 1129 10.08 29.81 -13.95
C SER A 1129 9.12 29.77 -12.76
N MET A 1130 8.45 28.64 -12.54
CA MET A 1130 7.58 28.52 -11.37
C MET A 1130 8.36 28.69 -10.07
N MET A 1131 9.51 28.02 -9.98
CA MET A 1131 10.31 28.07 -8.76
C MET A 1131 10.76 29.49 -8.46
N LEU A 1132 11.19 30.21 -9.49
CA LEU A 1132 11.70 31.56 -9.33
C LEU A 1132 10.59 32.57 -9.09
N GLU A 1133 9.39 32.31 -9.61
CA GLU A 1133 8.27 33.22 -9.40
C GLU A 1133 7.58 33.03 -8.06
N ASN A 1134 7.64 31.84 -7.46
CA ASN A 1134 7.11 31.70 -6.10
C ASN A 1134 8.07 32.19 -5.02
N LEU A 1135 9.30 32.53 -5.37
CA LEU A 1135 10.24 33.04 -4.37
C LEU A 1135 10.16 34.54 -4.19
N GLY A 1136 9.37 35.24 -5.01
CA GLY A 1136 9.21 36.67 -4.89
C GLY A 1136 7.82 37.12 -4.44
N LEU A 1137 6.99 36.17 -4.00
CA LEU A 1137 5.62 36.51 -3.62
C LEU A 1137 5.60 37.49 -2.45
N LEU A 1138 6.41 37.23 -1.43
CA LEU A 1138 6.45 38.12 -0.27
C LEU A 1138 6.93 39.52 -0.66
N SER A 1139 7.92 39.58 -1.56
CA SER A 1139 8.37 40.88 -2.06
C SER A 1139 7.25 41.57 -2.83
N ARG A 1140 6.46 40.81 -3.57
CA ARG A 1140 5.39 41.41 -4.36
C ARG A 1140 4.29 41.98 -3.48
N ILE A 1141 3.88 41.25 -2.43
CA ILE A 1141 2.78 41.73 -1.61
C ILE A 1141 3.16 42.94 -0.77
N LEU A 1142 4.42 43.08 -0.38
CA LEU A 1142 4.84 44.17 0.48
C LEU A 1142 5.15 45.44 -0.30
N SER A 1143 5.03 45.42 -1.63
CA SER A 1143 5.47 46.56 -2.43
C SER A 1143 4.47 47.72 -2.33
N VAL A 1144 3.17 47.42 -2.32
CA VAL A 1144 2.13 48.44 -2.39
C VAL A 1144 1.32 48.41 -1.09
N VAL A 1145 1.19 49.57 -0.47
CA VAL A 1145 0.45 49.72 0.78
C VAL A 1145 -0.56 50.86 0.61
N VAL A 1146 -1.81 50.61 0.98
CA VAL A 1146 -2.86 51.61 0.94
C VAL A 1146 -3.18 52.01 2.37
N ASP A 1147 -3.14 53.32 2.65
CA ASP A 1147 -3.27 53.83 4.00
C ASP A 1147 -4.72 54.17 4.36
N SER A 1148 -5.67 53.90 3.47
CA SER A 1148 -7.08 54.16 3.70
C SER A 1148 -7.84 52.86 3.95
N ILE A 1149 -7.18 51.91 4.61
CA ILE A 1149 -7.77 50.62 4.96
C ILE A 1149 -7.84 50.54 6.47
N GLU A 1150 -9.01 50.16 6.98
CA GLU A 1150 -9.25 50.10 8.42
C GLU A 1150 -9.13 48.67 8.90
N ILE A 1151 -8.24 48.44 9.86
CA ILE A 1151 -8.10 47.11 10.46
C ILE A 1151 -9.07 47.00 11.63
N PRO A 1152 -9.84 45.91 11.73
CA PRO A 1152 -10.81 45.79 12.83
C PRO A 1152 -10.15 45.48 14.16
N ILE A 1153 -9.68 46.51 14.86
CA ILE A 1153 -9.07 46.31 16.17
C ILE A 1153 -10.14 45.92 17.19
N LYS A 1154 -9.73 45.14 18.18
CA LYS A 1154 -10.63 44.59 19.18
C LYS A 1154 -10.62 45.49 20.43
N SER A 1155 -11.53 45.20 21.37
CA SER A 1155 -11.57 45.90 22.64
C SER A 1155 -10.48 45.42 23.59
N ASN A 1156 -9.77 44.37 23.23
CA ASN A 1156 -8.60 43.90 23.95
C ASN A 1156 -7.31 44.56 23.49
N GLY A 1157 -7.38 45.42 22.47
CA GLY A 1157 -6.19 45.97 21.86
C GLY A 1157 -5.59 45.10 20.79
N ARG A 1158 -6.24 43.99 20.46
CA ARG A 1158 -5.76 43.07 19.43
C ARG A 1158 -6.63 43.22 18.19
N LEU A 1159 -6.14 42.68 17.09
CA LEU A 1159 -6.86 42.74 15.83
C LEU A 1159 -7.62 41.45 15.59
N ILE A 1160 -8.79 41.58 14.96
CA ILE A 1160 -9.66 40.43 14.70
C ILE A 1160 -9.17 39.75 13.44
N CYS A 1161 -8.66 38.52 13.58
CA CYS A 1161 -8.10 37.81 12.44
C CYS A 1161 -9.19 37.25 11.53
N CYS A 1162 -10.33 36.85 12.10
CA CYS A 1162 -11.40 36.29 11.30
C CYS A 1162 -11.98 37.34 10.35
N GLN A 1163 -12.17 38.57 10.83
CA GLN A 1163 -12.69 39.62 9.97
C GLN A 1163 -11.71 39.98 8.86
N ILE A 1164 -10.42 40.05 9.18
CA ILE A 1164 -9.41 40.34 8.16
C ILE A 1164 -9.40 39.24 7.11
N SER A 1165 -9.48 37.98 7.55
CA SER A 1165 -9.52 36.86 6.60
C SER A 1165 -10.75 36.94 5.70
N ARG A 1166 -11.92 37.24 6.29
CA ARG A 1166 -13.14 37.34 5.50
C ARG A 1166 -13.05 38.48 4.50
N THR A 1167 -12.52 39.63 4.91
CA THR A 1167 -12.38 40.75 4.00
C THR A 1167 -11.42 40.42 2.87
N LEU A 1168 -10.29 39.76 3.18
CA LEU A 1168 -9.34 39.40 2.15
C LEU A 1168 -9.96 38.43 1.15
N ARG A 1169 -10.72 37.44 1.64
CA ARG A 1169 -11.36 36.49 0.75
C ARG A 1169 -12.41 37.17 -0.13
N GLU A 1170 -13.23 38.04 0.45
CA GLU A 1170 -14.27 38.71 -0.32
C GLU A 1170 -13.68 39.65 -1.36
N THR A 1171 -12.66 40.41 -0.99
CA THR A 1171 -12.09 41.40 -1.90
C THR A 1171 -11.43 40.71 -3.10
N SER A 1172 -10.72 39.61 -2.87
CA SER A 1172 -10.03 38.93 -3.96
C SER A 1172 -10.97 38.31 -4.98
N TRP A 1173 -12.27 38.24 -4.69
CA TRP A 1173 -13.26 37.71 -5.62
C TRP A 1173 -14.26 38.77 -6.04
N ASN A 1174 -13.88 40.04 -6.01
CA ASN A 1174 -14.73 41.16 -6.42
C ASN A 1174 -15.99 41.28 -5.56
N ASN A 1175 -15.88 40.95 -4.27
CA ASN A 1175 -16.98 41.16 -3.32
C ASN A 1175 -18.24 40.42 -3.76
N MET A 1176 -18.14 39.08 -3.76
CA MET A 1176 -19.24 38.24 -4.22
C MET A 1176 -19.90 37.45 -3.09
N GLU A 1177 -19.71 37.87 -1.84
CA GLU A 1177 -20.44 37.35 -0.69
C GLU A 1177 -20.40 35.81 -0.64
N ILE A 1178 -19.19 35.30 -0.40
CA ILE A 1178 -19.03 33.89 -0.10
C ILE A 1178 -19.67 33.59 1.26
N VAL A 1179 -20.04 32.34 1.47
CA VAL A 1179 -20.55 31.88 2.76
C VAL A 1179 -20.11 30.44 2.98
N GLY A 1180 -19.90 30.07 4.24
CA GLY A 1180 -19.64 28.69 4.61
C GLY A 1180 -18.19 28.28 4.58
N VAL A 1181 -17.25 29.21 4.51
CA VAL A 1181 -15.83 28.88 4.44
C VAL A 1181 -15.02 29.50 5.57
N THR A 1182 -15.49 30.58 6.19
CA THR A 1182 -14.73 31.28 7.22
C THR A 1182 -15.05 30.71 8.59
N SER A 1183 -14.02 30.56 9.42
CA SER A 1183 -14.18 30.04 10.77
C SER A 1183 -12.99 30.51 11.61
N PRO A 1184 -13.22 30.86 12.88
CA PRO A 1184 -12.11 31.37 13.70
C PRO A 1184 -11.09 30.28 14.02
N SER A 1185 -9.88 30.73 14.31
CA SER A 1185 -8.81 29.85 14.77
C SER A 1185 -8.86 29.76 16.28
N ILE A 1186 -8.78 28.54 16.82
CA ILE A 1186 -8.81 28.36 18.26
C ILE A 1186 -7.66 29.09 18.93
N THR A 1187 -6.61 29.41 18.18
CA THR A 1187 -5.43 30.04 18.75
C THR A 1187 -5.62 31.53 18.99
N THR A 1188 -6.64 32.14 18.39
CA THR A 1188 -6.84 33.59 18.48
C THR A 1188 -8.22 33.99 18.99
N CYS A 1189 -9.20 33.10 18.97
CA CYS A 1189 -10.52 33.40 19.50
C CYS A 1189 -10.74 32.85 20.90
N MET A 1190 -9.70 32.34 21.56
CA MET A 1190 -9.82 31.66 22.83
C MET A 1190 -8.65 32.06 23.72
N ASP A 1191 -8.92 32.30 25.00
CA ASP A 1191 -7.90 32.68 25.96
C ASP A 1191 -7.79 31.60 27.03
N VAL A 1192 -6.57 31.12 27.27
CA VAL A 1192 -6.34 29.98 28.14
C VAL A 1192 -5.79 30.46 29.47
N ILE A 1193 -6.43 30.03 30.56
CA ILE A 1193 -5.89 30.31 31.89
C ILE A 1193 -6.02 29.07 32.76
N TYR A 1194 -5.50 29.16 33.99
CA TYR A 1194 -5.25 28.00 34.83
C TYR A 1194 -5.85 28.27 36.20
N ALA A 1195 -6.81 27.46 36.61
CA ALA A 1195 -7.51 27.68 37.88
C ALA A 1195 -8.08 26.35 38.35
N THR A 1196 -8.96 26.40 39.35
CA THR A 1196 -9.63 25.22 39.92
C THR A 1196 -11.12 25.56 40.08
N SER A 1197 -11.89 25.29 39.02
CA SER A 1197 -13.35 25.49 39.05
C SER A 1197 -13.71 26.91 39.46
N SER A 1198 -12.97 27.89 38.95
CA SER A 1198 -13.25 29.29 39.27
C SER A 1198 -12.81 30.15 38.08
N HIS A 1199 -13.75 30.48 37.21
CA HIS A 1199 -13.52 31.43 36.13
C HIS A 1199 -14.82 31.65 35.38
N LEU A 1200 -14.80 32.60 34.43
CA LEU A 1200 -16.03 33.12 33.83
C LEU A 1200 -16.33 32.38 32.53
N LYS A 1201 -17.05 31.26 32.67
CA LYS A 1201 -17.77 30.63 31.56
C LYS A 1201 -16.84 30.28 30.40
N GLY A 1202 -15.95 29.31 30.67
CA GLY A 1202 -15.13 28.72 29.64
C GLY A 1202 -15.26 27.21 29.66
N ILE A 1203 -14.64 26.57 28.67
CA ILE A 1203 -14.58 25.11 28.64
C ILE A 1203 -13.45 24.65 29.53
N ILE A 1204 -13.73 23.67 30.38
CA ILE A 1204 -12.81 23.23 31.42
C ILE A 1204 -12.24 21.87 31.05
N ILE A 1205 -10.92 21.74 31.17
CA ILE A 1205 -10.21 20.49 30.95
C ILE A 1205 -9.57 20.11 32.27
N GLU A 1206 -9.88 18.90 32.76
CA GLU A 1206 -9.46 18.41 34.07
C GLU A 1206 -8.70 17.10 33.92
N LYS A 1207 -7.82 16.85 34.87
CA LYS A 1207 -6.95 15.68 34.88
C LYS A 1207 -7.47 14.67 35.90
N PHE A 1208 -7.61 13.41 35.47
CA PHE A 1208 -8.17 12.38 36.35
C PHE A 1208 -7.28 12.14 37.56
N SER A 1209 -5.97 11.99 37.34
CA SER A 1209 -5.07 11.53 38.37
C SER A 1209 -4.52 12.71 39.17
N THR A 1210 -3.63 12.41 40.12
CA THR A 1210 -2.96 13.43 40.93
C THR A 1210 -1.47 13.52 40.64
N ASP A 1211 -0.91 12.58 39.89
CA ASP A 1211 0.52 12.59 39.62
C ASP A 1211 0.91 13.82 38.79
N ARG A 1212 2.16 14.23 38.93
CA ARG A 1212 2.64 15.43 38.26
C ARG A 1212 2.59 15.27 36.75
N THR A 1213 3.18 14.20 36.23
CA THR A 1213 3.33 14.01 34.79
C THR A 1213 2.26 13.05 34.27
N THR A 1214 2.19 12.93 32.94
CA THR A 1214 1.16 12.10 32.32
C THR A 1214 1.68 11.29 31.14
N ARG A 1215 2.94 11.45 30.73
CA ARG A 1215 3.53 10.61 29.69
C ARG A 1215 3.58 9.16 30.15
N GLY A 1216 3.31 8.25 29.23
CA GLY A 1216 3.47 6.83 29.51
C GLY A 1216 2.39 6.24 30.37
N GLN A 1217 1.31 6.96 30.64
CA GLN A 1217 0.19 6.46 31.41
C GLN A 1217 -1.04 6.36 30.53
N ARG A 1218 -2.03 5.62 31.04
CA ARG A 1218 -3.34 5.52 30.42
C ARG A 1218 -4.40 5.83 31.47
N GLY A 1219 -5.54 6.34 31.03
CA GLY A 1219 -6.59 6.76 31.93
C GLY A 1219 -7.86 5.96 31.77
N PRO A 1220 -8.81 6.15 32.69
CA PRO A 1220 -10.08 5.42 32.60
C PRO A 1220 -10.91 5.77 31.38
N LYS A 1221 -10.79 6.98 30.87
CA LYS A 1221 -11.64 7.42 29.76
C LYS A 1221 -11.24 6.69 28.47
N SER A 1222 -12.16 6.70 27.51
CA SER A 1222 -11.89 6.18 26.19
C SER A 1222 -11.14 7.21 25.35
N PRO A 1223 -10.37 6.77 24.35
CA PRO A 1223 -9.61 7.72 23.54
C PRO A 1223 -10.53 8.74 22.87
N TRP A 1224 -10.04 9.98 22.78
CA TRP A 1224 -10.80 11.06 22.17
C TRP A 1224 -10.48 11.13 20.68
N VAL A 1225 -11.46 10.82 19.85
CA VAL A 1225 -11.41 11.05 18.41
C VAL A 1225 -12.53 12.02 18.07
N GLY A 1226 -12.19 13.10 17.37
CA GLY A 1226 -13.17 14.11 17.07
C GLY A 1226 -13.93 13.82 15.80
N SER A 1227 -15.11 13.23 15.93
CA SER A 1227 -15.94 12.89 14.79
C SER A 1227 -16.93 14.02 14.51
N SER A 1228 -17.60 13.93 13.36
CA SER A 1228 -18.45 15.00 12.88
C SER A 1228 -19.94 14.75 13.04
N THR A 1229 -20.36 13.50 13.22
CA THR A 1229 -21.78 13.14 13.33
C THR A 1229 -22.60 13.90 12.30
N GLN A 1230 -22.31 13.61 11.04
CA GLN A 1230 -22.82 14.38 9.91
C GLN A 1230 -23.98 13.67 9.22
N GLU A 1231 -24.85 14.47 8.60
CA GLU A 1231 -25.84 14.00 7.62
C GLU A 1231 -26.72 12.90 8.21
N LYS A 1232 -27.56 13.30 9.17
CA LYS A 1232 -28.65 12.43 9.58
C LYS A 1232 -29.42 12.03 8.33
N LYS A 1233 -29.38 10.75 7.97
CA LYS A 1233 -29.70 10.30 6.62
C LYS A 1233 -30.86 9.30 6.67
N LEU A 1234 -31.83 9.49 5.77
CA LEU A 1234 -32.92 8.54 5.58
C LEU A 1234 -32.66 7.78 4.28
N VAL A 1235 -31.84 6.74 4.38
CA VAL A 1235 -31.44 5.94 3.22
C VAL A 1235 -32.65 5.20 2.66
N PRO A 1236 -32.72 4.95 1.34
CA PRO A 1236 -33.84 4.16 0.81
C PRO A 1236 -33.69 2.68 1.12
N VAL A 1237 -34.58 1.86 0.57
CA VAL A 1237 -34.54 0.41 0.76
C VAL A 1237 -34.75 -0.21 -0.63
N TYR A 1238 -33.66 -0.59 -1.28
CA TYR A 1238 -33.71 -1.20 -2.61
C TYR A 1238 -32.43 -2.00 -2.82
N ASN A 1239 -32.40 -2.72 -3.94
CA ASN A 1239 -31.21 -3.48 -4.30
C ASN A 1239 -30.17 -2.56 -4.93
N ARG A 1240 -28.96 -2.57 -4.38
CA ARG A 1240 -27.85 -1.77 -4.90
C ARG A 1240 -26.71 -2.64 -5.38
N GLN A 1241 -26.91 -3.96 -5.46
CA GLN A 1241 -25.83 -4.87 -5.79
C GLN A 1241 -25.49 -4.83 -7.28
N ILE A 1242 -26.49 -4.68 -8.14
CA ILE A 1242 -26.26 -4.67 -9.58
C ILE A 1242 -25.50 -3.43 -10.03
N LEU A 1243 -25.59 -2.33 -9.28
CA LEU A 1243 -24.97 -1.07 -9.69
C LEU A 1243 -23.49 -1.08 -9.34
N SER A 1244 -22.68 -0.62 -10.28
CA SER A 1244 -21.25 -0.45 -10.02
C SER A 1244 -21.02 0.64 -8.99
N LYS A 1245 -19.78 0.75 -8.53
CA LYS A 1245 -19.45 1.76 -7.53
C LYS A 1245 -19.60 3.17 -8.09
N GLN A 1246 -19.20 3.36 -9.35
CA GLN A 1246 -19.27 4.69 -9.96
C GLN A 1246 -20.71 5.18 -10.05
N GLN A 1247 -21.65 4.31 -10.39
CA GLN A 1247 -23.05 4.70 -10.42
C GLN A 1247 -23.57 5.06 -9.03
N ARG A 1248 -23.13 4.33 -8.01
CA ARG A 1248 -23.51 4.68 -6.65
C ARG A 1248 -22.99 6.06 -6.25
N GLU A 1249 -21.74 6.36 -6.63
CA GLU A 1249 -21.20 7.69 -6.37
C GLU A 1249 -21.99 8.77 -7.10
N GLN A 1250 -22.41 8.49 -8.33
CA GLN A 1250 -23.26 9.44 -9.05
C GLN A 1250 -24.56 9.69 -8.31
N LEU A 1251 -25.20 8.63 -7.83
CA LEU A 1251 -26.46 8.80 -7.09
C LEU A 1251 -26.23 9.62 -5.82
N GLU A 1252 -25.13 9.35 -5.11
CA GLU A 1252 -24.83 10.12 -3.90
C GLU A 1252 -24.62 11.60 -4.23
N ALA A 1253 -23.88 11.89 -5.30
CA ALA A 1253 -23.65 13.28 -5.67
C ALA A 1253 -24.95 13.98 -6.04
N ILE A 1254 -25.82 13.31 -6.79
CA ILE A 1254 -27.09 13.91 -7.16
C ILE A 1254 -27.95 14.15 -5.93
N GLY A 1255 -27.92 13.22 -4.97
CA GLY A 1255 -28.66 13.44 -3.73
C GLY A 1255 -28.17 14.65 -2.96
N LYS A 1256 -26.84 14.81 -2.87
CA LYS A 1256 -26.29 15.99 -2.20
C LYS A 1256 -26.70 17.27 -2.93
N MET A 1257 -26.66 17.25 -4.26
CA MET A 1257 -27.09 18.41 -5.03
C MET A 1257 -28.53 18.76 -4.72
N ARG A 1258 -29.40 17.76 -4.68
CA ARG A 1258 -30.80 18.01 -4.38
C ARG A 1258 -30.98 18.57 -2.97
N TRP A 1259 -30.20 18.07 -2.01
CA TRP A 1259 -30.33 18.52 -0.63
C TRP A 1259 -29.87 19.97 -0.46
N VAL A 1260 -28.70 20.31 -0.97
CA VAL A 1260 -28.13 21.63 -0.69
C VAL A 1260 -28.97 22.72 -1.34
N TYR A 1261 -29.33 22.54 -2.60
CA TYR A 1261 -30.10 23.52 -3.35
C TYR A 1261 -31.56 23.09 -3.39
N LYS A 1262 -32.44 23.89 -2.80
CA LYS A 1262 -33.87 23.64 -2.82
C LYS A 1262 -34.59 24.94 -3.09
N GLY A 1263 -35.58 24.91 -3.97
CA GLY A 1263 -36.30 26.11 -4.35
C GLY A 1263 -35.55 27.02 -5.28
N THR A 1264 -34.33 26.67 -5.65
CA THR A 1264 -33.56 27.47 -6.59
C THR A 1264 -34.11 27.27 -7.99
N PRO A 1265 -34.45 28.33 -8.73
CA PRO A 1265 -34.97 28.15 -10.09
C PRO A 1265 -33.98 27.38 -10.96
N GLY A 1266 -34.53 26.48 -11.79
CA GLY A 1266 -33.73 25.68 -12.69
C GLY A 1266 -33.08 24.46 -12.08
N LEU A 1267 -33.34 24.16 -10.81
CA LEU A 1267 -32.70 23.01 -10.17
C LEU A 1267 -33.18 21.70 -10.78
N ARG A 1268 -34.49 21.53 -10.92
CA ARG A 1268 -35.02 20.27 -11.42
C ARG A 1268 -34.59 20.01 -12.85
N ARG A 1269 -34.59 21.04 -13.69
CA ARG A 1269 -34.14 20.87 -15.07
C ARG A 1269 -32.67 20.51 -15.14
N LEU A 1270 -31.84 21.15 -14.31
CA LEU A 1270 -30.42 20.81 -14.27
C LEU A 1270 -30.21 19.38 -13.82
N LEU A 1271 -30.96 18.95 -12.79
CA LEU A 1271 -30.83 17.58 -12.31
C LEU A 1271 -31.26 16.58 -13.37
N ASN A 1272 -32.33 16.89 -14.11
CA ASN A 1272 -32.75 16.03 -15.20
C ASN A 1272 -31.69 15.93 -16.27
N LYS A 1273 -31.08 17.07 -16.63
CA LYS A 1273 -30.00 17.04 -17.62
C LYS A 1273 -28.84 16.19 -17.16
N ILE A 1274 -28.44 16.34 -15.89
CA ILE A 1274 -27.31 15.56 -15.38
C ILE A 1274 -27.65 14.08 -15.37
N CYS A 1275 -28.87 13.73 -14.94
CA CYS A 1275 -29.25 12.33 -14.87
C CYS A 1275 -29.28 11.71 -16.26
N LEU A 1276 -29.84 12.41 -17.24
CA LEU A 1276 -29.87 11.87 -18.60
C LEU A 1276 -28.46 11.75 -19.16
N GLY A 1277 -27.59 12.73 -18.90
CA GLY A 1277 -26.24 12.67 -19.42
C GLY A 1277 -25.42 11.54 -18.83
N SER A 1278 -25.52 11.33 -17.52
CA SER A 1278 -24.66 10.38 -16.84
C SER A 1278 -25.25 8.98 -16.80
N LEU A 1279 -26.42 8.82 -16.19
CA LEU A 1279 -27.03 7.51 -16.01
C LEU A 1279 -27.98 7.13 -17.13
N GLY A 1280 -28.29 8.05 -18.05
CA GLY A 1280 -29.09 7.72 -19.21
C GLY A 1280 -30.58 7.62 -18.96
N ILE A 1281 -31.06 7.91 -17.77
CA ILE A 1281 -32.49 7.85 -17.45
C ILE A 1281 -32.91 9.12 -16.73
N SER A 1282 -34.21 9.38 -16.77
CA SER A 1282 -34.75 10.66 -16.33
C SER A 1282 -34.56 10.84 -14.82
N TYR A 1283 -34.73 12.09 -14.39
CA TYR A 1283 -34.56 12.42 -12.98
C TYR A 1283 -35.74 11.94 -12.14
N LYS A 1284 -36.93 11.87 -12.71
CA LYS A 1284 -38.08 11.37 -11.96
C LYS A 1284 -38.11 9.84 -11.87
N CYS A 1285 -37.31 9.15 -12.69
CA CYS A 1285 -37.17 7.72 -12.58
C CYS A 1285 -36.07 7.30 -11.61
N VAL A 1286 -35.19 8.22 -11.22
CA VAL A 1286 -34.17 7.93 -10.22
C VAL A 1286 -34.50 8.52 -8.86
N LYS A 1287 -35.54 9.33 -8.76
CA LYS A 1287 -35.92 9.92 -7.48
C LYS A 1287 -36.08 8.88 -6.37
N PRO A 1288 -36.75 7.75 -6.57
CA PRO A 1288 -36.82 6.74 -5.49
C PRO A 1288 -35.46 6.22 -5.08
N LEU A 1289 -34.50 6.16 -6.00
CA LEU A 1289 -33.18 5.61 -5.67
C LEU A 1289 -32.31 6.57 -4.88
N LEU A 1290 -32.63 7.86 -4.88
CA LEU A 1290 -31.79 8.85 -4.25
C LEU A 1290 -31.98 8.86 -2.73
N PRO A 1291 -30.92 9.11 -1.98
CA PRO A 1291 -31.07 9.25 -0.52
C PRO A 1291 -31.77 10.54 -0.14
N ARG A 1292 -32.41 10.52 1.01
CA ARG A 1292 -33.17 11.66 1.52
C ARG A 1292 -32.51 12.16 2.81
N PHE A 1293 -31.91 13.34 2.74
CA PHE A 1293 -31.39 13.98 3.94
C PHE A 1293 -32.48 14.79 4.63
N MET A 1294 -32.51 14.69 5.95
CA MET A 1294 -33.45 15.46 6.77
C MET A 1294 -32.62 16.28 7.75
N SER A 1295 -32.28 17.49 7.32
CA SER A 1295 -31.48 18.42 8.10
C SER A 1295 -31.54 19.77 7.41
N VAL A 1296 -31.50 20.84 8.20
CA VAL A 1296 -31.66 22.18 7.65
C VAL A 1296 -30.33 22.89 7.42
N ASN A 1297 -29.30 22.59 8.20
CA ASN A 1297 -28.01 23.29 8.13
C ASN A 1297 -27.01 22.37 7.44
N PHE A 1298 -26.89 22.53 6.13
CA PHE A 1298 -25.85 21.84 5.37
C PHE A 1298 -24.50 22.56 5.46
N LEU A 1299 -24.48 23.81 5.90
CA LEU A 1299 -23.21 24.47 6.19
C LEU A 1299 -22.46 23.75 7.30
N HIS A 1300 -23.18 23.01 8.14
CA HIS A 1300 -22.62 22.26 9.25
C HIS A 1300 -22.50 20.77 8.96
N ARG A 1301 -23.51 20.19 8.32
CA ARG A 1301 -23.62 18.73 8.20
C ARG A 1301 -23.11 18.19 6.86
N LEU A 1302 -22.91 19.04 5.85
CA LEU A 1302 -22.54 18.54 4.53
C LEU A 1302 -21.23 17.77 4.62
N SER A 1303 -21.21 16.58 4.00
CA SER A 1303 -20.03 15.76 3.92
C SER A 1303 -19.58 15.69 2.47
N VAL A 1304 -18.35 16.14 2.21
CA VAL A 1304 -17.81 16.20 0.85
C VAL A 1304 -16.30 16.29 0.98
N SER A 1305 -15.60 15.85 -0.05
CA SER A 1305 -14.15 16.05 -0.09
C SER A 1305 -13.85 17.55 -0.02
N SER A 1306 -12.67 17.88 0.50
CA SER A 1306 -12.24 19.24 0.77
C SER A 1306 -12.84 19.75 2.08
N ARG A 1307 -13.59 18.92 2.79
CA ARG A 1307 -14.23 19.31 4.06
C ARG A 1307 -13.88 18.26 5.10
N PRO A 1308 -13.00 18.56 6.07
CA PRO A 1308 -12.52 17.52 6.97
C PRO A 1308 -13.64 16.88 7.76
N MET A 1309 -13.52 15.57 7.97
CA MET A 1309 -14.52 14.79 8.68
C MET A 1309 -14.04 14.24 10.01
N GLU A 1310 -12.81 14.59 10.42
CA GLU A 1310 -12.31 14.26 11.74
C GLU A 1310 -11.49 15.45 12.24
N PHE A 1311 -11.47 15.63 13.56
CA PHE A 1311 -10.73 16.73 14.20
C PHE A 1311 -9.93 16.19 15.36
N PRO A 1312 -8.90 15.40 15.10
CA PRO A 1312 -8.08 14.84 16.18
C PRO A 1312 -7.06 15.84 16.70
N ALA A 1313 -6.60 15.57 17.92
CA ALA A 1313 -5.57 16.38 18.56
C ALA A 1313 -4.19 15.96 18.06
N SER A 1314 -3.20 16.80 18.36
CA SER A 1314 -1.82 16.51 17.98
C SER A 1314 -1.10 15.74 19.09
N VAL A 1315 -1.73 14.67 19.56
CA VAL A 1315 -1.12 13.77 20.54
C VAL A 1315 -1.61 12.36 20.27
N PRO A 1316 -0.82 11.37 20.67
CA PRO A 1316 -1.24 9.98 20.46
C PRO A 1316 -2.48 9.64 21.27
N ALA A 1317 -3.19 8.61 20.79
CA ALA A 1317 -4.53 8.32 21.32
C ALA A 1317 -4.50 7.99 22.81
N TYR A 1318 -3.51 7.21 23.26
CA TYR A 1318 -3.53 6.77 24.65
C TYR A 1318 -3.44 7.96 25.58
N ARG A 1319 -2.82 9.05 25.13
CA ARG A 1319 -2.59 10.21 25.98
C ARG A 1319 -3.88 10.99 26.24
N THR A 1320 -4.89 10.83 25.39
CA THR A 1320 -6.15 11.54 25.53
C THR A 1320 -7.11 10.84 26.49
N THR A 1321 -6.77 9.65 26.96
CA THR A 1321 -7.66 8.84 27.78
C THR A 1321 -7.65 9.25 29.24
N ASN A 1322 -6.84 10.22 29.62
CA ASN A 1322 -6.65 10.60 31.01
C ASN A 1322 -6.88 12.09 31.24
N TYR A 1323 -7.77 12.68 30.43
CA TYR A 1323 -8.33 14.00 30.67
C TYR A 1323 -9.82 13.93 30.41
N HIS A 1324 -10.59 14.81 31.06
CA HIS A 1324 -12.01 14.92 30.76
C HIS A 1324 -12.42 16.39 30.76
N PHE A 1325 -13.47 16.70 30.00
CA PHE A 1325 -13.82 18.07 29.68
C PHE A 1325 -15.27 18.36 30.06
N ASP A 1326 -15.51 19.62 30.42
CA ASP A 1326 -16.85 20.14 30.72
C ASP A 1326 -17.10 21.38 29.89
N THR A 1327 -18.25 21.41 29.21
CA THR A 1327 -18.58 22.50 28.29
C THR A 1327 -19.89 23.20 28.65
N SER A 1328 -20.42 22.98 29.84
CA SER A 1328 -21.68 23.64 30.21
C SER A 1328 -21.52 25.15 30.32
N PRO A 1329 -20.52 25.70 31.02
CA PRO A 1329 -20.45 27.17 31.15
C PRO A 1329 -20.29 27.88 29.83
N ILE A 1330 -19.49 27.34 28.91
CA ILE A 1330 -19.32 27.98 27.61
C ILE A 1330 -20.61 27.92 26.82
N ASN A 1331 -21.37 26.82 26.95
CA ASN A 1331 -22.67 26.75 26.32
C ASN A 1331 -23.60 27.84 26.87
N GLN A 1332 -23.58 28.04 28.18
CA GLN A 1332 -24.40 29.09 28.76
C GLN A 1332 -24.01 30.46 28.22
N ALA A 1333 -22.70 30.73 28.13
CA ALA A 1333 -22.25 32.02 27.61
C ALA A 1333 -22.67 32.21 26.16
N LEU A 1334 -22.49 31.19 25.33
CA LEU A 1334 -22.85 31.30 23.92
C LEU A 1334 -24.36 31.50 23.75
N SER A 1335 -25.16 30.76 24.52
CA SER A 1335 -26.61 30.95 24.45
C SER A 1335 -27.01 32.34 24.94
N GLU A 1336 -26.27 32.89 25.90
CA GLU A 1336 -26.54 34.25 26.35
C GLU A 1336 -26.27 35.25 25.23
N ARG A 1337 -25.16 35.08 24.50
CA ARG A 1337 -24.82 36.02 23.45
C ARG A 1337 -25.64 35.76 22.19
N PHE A 1338 -25.50 34.57 21.61
CA PHE A 1338 -26.26 34.18 20.44
C PHE A 1338 -27.55 33.48 20.86
N GLY A 1339 -28.34 33.08 19.88
CA GLY A 1339 -29.54 32.33 20.16
C GLY A 1339 -29.26 30.87 20.34
N ASN A 1340 -30.14 30.02 19.83
CA ASN A 1340 -29.93 28.58 19.79
C ASN A 1340 -29.39 28.11 18.45
N GLU A 1341 -29.08 29.04 17.56
CA GLU A 1341 -28.66 28.70 16.20
C GLU A 1341 -27.15 28.42 16.15
N ASP A 1342 -26.70 28.02 14.96
CA ASP A 1342 -25.33 27.58 14.78
C ASP A 1342 -24.37 28.77 14.71
N ILE A 1343 -23.09 28.47 14.93
CA ILE A 1343 -22.02 29.47 14.92
C ILE A 1343 -20.81 28.89 14.20
N ASN A 1344 -19.80 29.75 14.01
CA ASN A 1344 -18.60 29.34 13.28
C ASN A 1344 -17.71 28.39 14.07
N LEU A 1345 -17.66 28.54 15.39
CA LEU A 1345 -16.69 27.81 16.19
C LEU A 1345 -16.89 26.31 16.08
N VAL A 1346 -15.80 25.59 15.85
CA VAL A 1346 -15.81 24.13 15.82
C VAL A 1346 -15.52 23.62 17.24
N PHE A 1347 -16.32 22.66 17.69
CA PHE A 1347 -16.32 22.21 19.08
C PHE A 1347 -15.33 21.07 19.31
N GLN A 1348 -15.35 20.06 18.42
CA GLN A 1348 -14.33 19.02 18.47
C GLN A 1348 -12.95 19.64 18.50
N ASN A 1349 -12.76 20.70 17.73
CA ASN A 1349 -11.44 21.29 17.55
C ASN A 1349 -11.02 22.05 18.80
N ALA A 1350 -11.96 22.70 19.49
CA ALA A 1350 -11.65 23.33 20.76
C ALA A 1350 -11.22 22.31 21.80
N ILE A 1351 -11.92 21.16 21.87
CA ILE A 1351 -11.53 20.14 22.83
C ILE A 1351 -10.14 19.58 22.49
N SER A 1352 -9.88 19.36 21.20
CA SER A 1352 -8.57 18.87 20.78
C SER A 1352 -7.47 19.84 21.20
N CYS A 1353 -7.69 21.15 20.98
CA CYS A 1353 -6.70 22.14 21.36
C CYS A 1353 -6.48 22.13 22.87
N GLY A 1354 -7.55 21.99 23.65
CA GLY A 1354 -7.38 21.92 25.10
C GLY A 1354 -6.51 20.75 25.54
N ILE A 1355 -6.76 19.57 24.97
CA ILE A 1355 -5.95 18.41 25.32
C ILE A 1355 -4.49 18.63 24.94
N SER A 1356 -4.25 19.13 23.73
CA SER A 1356 -2.88 19.38 23.32
C SER A 1356 -2.19 20.42 24.19
N ILE A 1357 -2.94 21.41 24.69
CA ILE A 1357 -2.35 22.37 25.62
C ILE A 1357 -1.95 21.66 26.91
N MET A 1358 -2.82 20.79 27.42
CA MET A 1358 -2.45 20.01 28.60
C MET A 1358 -1.13 19.28 28.38
N SER A 1359 -0.94 18.67 27.23
CA SER A 1359 0.30 17.96 26.93
C SER A 1359 1.51 18.89 26.79
N VAL A 1360 1.35 20.00 26.06
CA VAL A 1360 2.49 20.86 25.75
C VAL A 1360 2.96 21.60 27.00
N VAL A 1361 2.04 21.98 27.88
CA VAL A 1361 2.45 22.65 29.11
C VAL A 1361 3.32 21.74 29.95
N GLU A 1362 2.94 20.46 30.05
CA GLU A 1362 3.76 19.50 30.77
C GLU A 1362 5.11 19.31 30.09
N GLN A 1363 5.14 19.34 28.76
CA GLN A 1363 6.42 19.28 28.06
C GLN A 1363 7.32 20.44 28.46
N LEU A 1364 6.81 21.67 28.38
CA LEU A 1364 7.66 22.84 28.57
C LEU A 1364 7.98 23.09 30.04
N THR A 1365 7.01 22.88 30.93
CA THR A 1365 7.23 22.92 32.36
C THR A 1365 7.01 21.52 32.93
N GLY A 1366 7.83 21.14 33.90
CA GLY A 1366 7.79 19.76 34.38
C GLY A 1366 6.46 19.34 34.97
N ARG A 1367 5.60 20.28 35.33
CA ARG A 1367 4.35 20.00 36.02
C ARG A 1367 3.19 20.12 35.04
N SER A 1368 2.30 19.14 35.05
CA SER A 1368 1.08 19.22 34.25
C SER A 1368 0.01 19.99 35.03
N PRO A 1369 -0.70 20.94 34.39
CA PRO A 1369 -1.75 21.67 35.12
C PRO A 1369 -2.83 20.73 35.60
N LYS A 1370 -3.37 21.02 36.79
CA LYS A 1370 -4.49 20.24 37.30
C LYS A 1370 -5.75 20.50 36.50
N GLN A 1371 -5.96 21.73 36.06
CA GLN A 1371 -7.17 22.11 35.35
C GLN A 1371 -6.89 23.39 34.57
N LEU A 1372 -7.40 23.46 33.35
CA LEU A 1372 -7.30 24.69 32.58
C LEU A 1372 -8.65 25.06 31.99
N VAL A 1373 -8.88 26.35 31.82
CA VAL A 1373 -10.12 26.91 31.32
C VAL A 1373 -9.84 27.73 30.08
N LEU A 1374 -10.62 27.50 29.03
CA LEU A 1374 -10.54 28.29 27.80
C LEU A 1374 -11.78 29.19 27.74
N ILE A 1375 -11.55 30.50 27.77
CA ILE A 1375 -12.60 31.51 27.72
C ILE A 1375 -12.77 31.97 26.28
N PRO A 1376 -13.98 31.97 25.72
CA PRO A 1376 -14.16 32.43 24.35
C PRO A 1376 -14.28 33.94 24.29
N GLN A 1377 -13.71 34.52 23.23
CA GLN A 1377 -13.82 35.96 22.98
C GLN A 1377 -14.80 36.15 21.83
N LEU A 1378 -15.94 36.76 22.13
CA LEU A 1378 -17.11 36.68 21.28
C LEU A 1378 -17.04 37.59 20.05
N GLU A 1379 -16.08 38.50 20.00
CA GLU A 1379 -15.92 39.34 18.81
C GLU A 1379 -15.32 38.57 17.64
N GLU A 1380 -14.74 37.40 17.88
CA GLU A 1380 -14.17 36.57 16.84
C GLU A 1380 -15.17 35.56 16.27
N ILE A 1381 -16.35 35.45 16.86
CA ILE A 1381 -17.32 34.40 16.52
C ILE A 1381 -18.53 35.04 15.88
N ASP A 1382 -19.02 34.41 14.81
CA ASP A 1382 -20.21 34.85 14.10
C ASP A 1382 -21.14 33.65 13.90
N ILE A 1383 -22.27 33.90 13.25
CA ILE A 1383 -23.30 32.89 13.04
C ILE A 1383 -23.28 32.44 11.59
N MET A 1384 -23.77 31.21 11.36
CA MET A 1384 -24.03 30.71 10.00
C MET A 1384 -25.46 30.18 9.93
N PRO A 1385 -26.44 31.06 9.74
CA PRO A 1385 -27.77 30.59 9.42
C PRO A 1385 -27.78 29.94 8.05
N PRO A 1386 -28.69 29.00 7.80
CA PRO A 1386 -28.79 28.41 6.46
C PRO A 1386 -29.12 29.47 5.43
N PRO A 1387 -28.47 29.45 4.27
CA PRO A 1387 -28.70 30.51 3.28
C PRO A 1387 -29.90 30.21 2.39
N VAL A 1388 -30.35 31.26 1.70
CA VAL A 1388 -31.41 31.16 0.71
C VAL A 1388 -30.81 31.58 -0.63
N PHE A 1389 -30.83 30.68 -1.61
CA PHE A 1389 -30.20 30.94 -2.89
C PHE A 1389 -31.17 31.60 -3.86
N GLN A 1390 -30.66 32.57 -4.62
CA GLN A 1390 -31.44 33.29 -5.62
C GLN A 1390 -30.68 33.26 -6.93
N GLY A 1391 -31.41 33.12 -8.03
CA GLY A 1391 -30.84 33.05 -9.36
C GLY A 1391 -31.20 31.74 -10.02
N LYS A 1392 -31.03 31.70 -11.34
CA LYS A 1392 -31.39 30.53 -12.14
C LYS A 1392 -30.14 29.84 -12.66
N PHE A 1393 -30.15 28.51 -12.60
CA PHE A 1393 -29.05 27.72 -13.15
C PHE A 1393 -29.05 27.78 -14.67
N ASN A 1394 -27.86 27.82 -15.25
CA ASN A 1394 -27.68 27.68 -16.70
C ASN A 1394 -27.58 26.19 -17.00
N TYR A 1395 -28.75 25.55 -17.10
CA TYR A 1395 -28.80 24.10 -17.17
C TYR A 1395 -28.54 23.54 -18.57
N LYS A 1396 -28.56 24.38 -19.60
CA LYS A 1396 -28.35 23.88 -20.95
C LYS A 1396 -26.90 23.48 -21.17
N LEU A 1397 -25.96 24.28 -20.69
CA LEU A 1397 -24.55 24.03 -20.96
C LEU A 1397 -24.16 22.60 -20.63
N VAL A 1398 -24.67 22.06 -19.52
CA VAL A 1398 -24.24 20.74 -19.08
C VAL A 1398 -24.39 19.74 -20.20
N ASP A 1399 -25.48 19.83 -20.96
CA ASP A 1399 -25.68 18.92 -22.08
C ASP A 1399 -24.41 18.79 -22.90
N LYS A 1400 -23.92 19.91 -23.45
CA LYS A 1400 -22.75 19.86 -24.30
C LYS A 1400 -21.60 19.14 -23.60
N ILE A 1401 -21.35 19.46 -22.34
CA ILE A 1401 -20.24 18.83 -21.62
C ILE A 1401 -20.42 17.31 -21.63
N THR A 1402 -21.61 16.85 -21.24
CA THR A 1402 -21.83 15.41 -21.15
C THR A 1402 -21.66 14.74 -22.50
N SER A 1403 -21.73 15.50 -23.59
CA SER A 1403 -21.54 14.91 -24.91
C SER A 1403 -20.08 14.71 -25.24
N ASP A 1404 -19.20 15.63 -24.85
CA ASP A 1404 -17.80 15.57 -25.29
C ASP A 1404 -16.86 14.99 -24.23
N GLN A 1405 -17.37 14.64 -23.06
CA GLN A 1405 -16.59 13.93 -22.05
C GLN A 1405 -17.23 12.59 -21.71
N HIS A 1406 -17.88 11.97 -22.69
CA HIS A 1406 -18.64 10.74 -22.43
C HIS A 1406 -17.73 9.54 -22.19
N ILE A 1407 -16.45 9.62 -22.57
CA ILE A 1407 -15.55 8.50 -22.31
C ILE A 1407 -15.30 8.31 -20.82
N PHE A 1408 -15.48 9.36 -20.01
CA PHE A 1408 -15.30 9.28 -18.57
C PHE A 1408 -16.61 9.12 -17.83
N SER A 1409 -17.72 8.97 -18.53
CA SER A 1409 -19.01 8.74 -17.89
C SER A 1409 -19.12 7.30 -17.41
N PRO A 1410 -20.02 7.03 -16.47
CA PRO A 1410 -20.25 5.64 -16.06
C PRO A 1410 -21.04 4.87 -17.09
N ASP A 1411 -21.40 3.62 -16.79
CA ASP A 1411 -22.22 2.84 -17.69
C ASP A 1411 -23.68 3.22 -17.50
N LYS A 1412 -24.39 3.38 -18.62
CA LYS A 1412 -25.78 3.80 -18.57
C LYS A 1412 -26.64 2.70 -17.97
N ILE A 1413 -27.59 3.09 -17.11
CA ILE A 1413 -28.52 2.14 -16.51
C ILE A 1413 -29.59 1.82 -17.55
N ASP A 1414 -29.70 0.55 -17.90
CA ASP A 1414 -30.68 0.12 -18.90
C ASP A 1414 -32.10 0.32 -18.38
N ILE B 172 -39.09 -53.61 2.99
CA ILE B 172 -39.27 -52.16 3.03
C ILE B 172 -38.26 -51.56 4.00
N GLU B 173 -38.39 -51.92 5.28
CA GLU B 173 -37.48 -51.40 6.29
C GLU B 173 -36.05 -51.89 6.05
N ALA B 174 -35.90 -53.15 5.64
CA ALA B 174 -34.56 -53.70 5.42
C ALA B 174 -33.84 -52.96 4.31
N ARG B 175 -34.55 -52.62 3.22
CA ARG B 175 -33.94 -51.88 2.14
C ARG B 175 -33.42 -50.52 2.61
N LEU B 176 -34.10 -49.91 3.58
CA LEU B 176 -33.61 -48.67 4.15
C LEU B 176 -32.26 -48.88 4.82
N GLU B 177 -32.10 -49.97 5.57
CA GLU B 177 -30.82 -50.26 6.19
C GLU B 177 -29.75 -50.54 5.15
N SER B 178 -30.11 -51.24 4.07
CA SER B 178 -29.14 -51.51 3.02
C SER B 178 -28.64 -50.22 2.37
N ILE B 179 -29.56 -49.31 2.07
CA ILE B 179 -29.15 -48.04 1.47
C ILE B 179 -28.34 -47.22 2.47
N GLU B 180 -28.68 -47.32 3.75
CA GLU B 180 -27.88 -46.64 4.77
C GLU B 180 -26.45 -47.15 4.78
N GLU B 181 -26.27 -48.47 4.71
CA GLU B 181 -24.92 -49.03 4.65
C GLU B 181 -24.19 -48.57 3.41
N LYS B 182 -24.86 -48.58 2.26
CA LYS B 182 -24.23 -48.15 1.02
C LYS B 182 -23.77 -46.70 1.13
N LEU B 183 -24.64 -45.82 1.64
CA LEU B 183 -24.28 -44.42 1.79
C LEU B 183 -23.15 -44.23 2.79
N SER B 184 -23.14 -44.99 3.88
CA SER B 184 -22.07 -44.86 4.86
C SER B 184 -20.72 -45.24 4.24
N MET B 185 -20.67 -46.33 3.49
CA MET B 185 -19.39 -46.72 2.90
C MET B 185 -18.97 -45.78 1.77
N ILE B 186 -19.94 -45.24 1.00
CA ILE B 186 -19.59 -44.24 0.01
C ILE B 186 -19.03 -43.00 0.67
N LEU B 187 -19.62 -42.59 1.80
CA LEU B 187 -19.08 -41.46 2.54
C LEU B 187 -17.66 -41.74 3.02
N GLY B 188 -17.41 -42.95 3.53
CA GLY B 188 -16.05 -43.27 3.94
C GLY B 188 -15.07 -43.16 2.78
N LEU B 189 -15.44 -43.72 1.62
CA LEU B 189 -14.56 -43.67 0.46
C LEU B 189 -14.28 -42.23 0.04
N LEU B 190 -15.32 -41.39 0.00
CA LEU B 190 -15.13 -40.02 -0.45
C LEU B 190 -14.42 -39.18 0.61
N ARG B 191 -14.49 -39.57 1.88
CA ARG B 191 -13.78 -38.85 2.93
C ARG B 191 -12.29 -39.14 2.88
N THR B 192 -11.93 -40.40 2.63
CA THR B 192 -10.52 -40.80 2.63
C THR B 192 -9.81 -40.50 1.32
N LEU B 193 -10.50 -39.96 0.32
CA LEU B 193 -9.91 -39.77 -1.00
C LEU B 193 -8.95 -38.59 -1.00
N ASN B 194 -7.87 -38.71 -1.76
CA ASN B 194 -6.83 -37.69 -1.84
C ASN B 194 -6.56 -37.30 -3.29
N ILE B 195 -6.00 -36.11 -3.47
CA ILE B 195 -5.75 -35.52 -4.78
C ILE B 195 -4.28 -35.12 -4.87
N ALA B 196 -3.65 -35.42 -6.00
CA ALA B 196 -2.32 -34.95 -6.33
C ALA B 196 -2.41 -33.96 -7.48
N THR B 197 -1.84 -32.78 -7.29
CA THR B 197 -2.04 -31.68 -8.22
C THR B 197 -1.31 -31.93 -9.54
N ALA B 198 -1.71 -31.18 -10.56
CA ALA B 198 -1.05 -31.24 -11.85
C ALA B 198 0.29 -30.54 -11.82
N GLY B 199 1.17 -30.95 -12.74
CA GLY B 199 2.50 -30.39 -12.81
C GLY B 199 3.32 -30.99 -13.94
N PRO B 200 4.62 -30.68 -13.97
CA PRO B 200 5.47 -31.19 -15.05
C PRO B 200 5.54 -32.71 -15.06
N THR B 201 5.74 -33.27 -16.24
CA THR B 201 5.70 -34.70 -16.46
C THR B 201 7.00 -35.41 -16.11
N ALA B 202 7.90 -34.76 -15.37
CA ALA B 202 9.15 -35.35 -14.93
C ALA B 202 10.17 -35.45 -16.07
N ALA B 203 9.74 -35.13 -17.29
CA ALA B 203 10.64 -34.93 -18.41
C ALA B 203 10.70 -33.46 -18.82
N ARG B 204 10.04 -32.58 -18.07
CA ARG B 204 10.00 -31.15 -18.38
C ARG B 204 9.51 -30.92 -19.80
N ASP B 205 8.49 -31.68 -20.21
CA ASP B 205 7.88 -31.53 -21.52
C ASP B 205 6.39 -31.85 -21.36
N GLY B 206 5.58 -30.83 -21.15
CA GLY B 206 4.17 -31.00 -20.92
C GLY B 206 3.81 -30.97 -19.43
N ILE B 207 2.52 -30.91 -19.17
CA ILE B 207 1.98 -30.84 -17.82
C ILE B 207 1.13 -32.08 -17.58
N ARG B 208 1.46 -32.83 -16.53
CA ARG B 208 0.66 -33.99 -16.15
C ARG B 208 -0.56 -33.55 -15.37
N ASP B 209 -1.71 -34.15 -15.70
CA ASP B 209 -2.96 -33.75 -15.08
C ASP B 209 -3.09 -34.34 -13.67
N ALA B 210 -4.06 -33.83 -12.92
CA ALA B 210 -4.23 -34.21 -11.53
C ALA B 210 -4.64 -35.67 -11.40
N MET B 211 -4.29 -36.26 -10.26
CA MET B 211 -4.60 -37.65 -9.97
C MET B 211 -5.40 -37.74 -8.68
N ILE B 212 -6.19 -38.80 -8.55
CA ILE B 212 -7.01 -39.02 -7.37
C ILE B 212 -6.81 -40.45 -6.90
N GLY B 213 -6.68 -40.62 -5.59
CA GLY B 213 -6.52 -41.96 -5.04
C GLY B 213 -6.20 -41.90 -3.56
N ILE B 214 -5.79 -43.06 -3.04
CA ILE B 214 -5.40 -43.16 -1.64
C ILE B 214 -4.05 -42.49 -1.43
N ARG B 215 -3.84 -41.96 -0.23
CA ARG B 215 -2.67 -41.12 0.03
C ARG B 215 -1.37 -41.89 -0.19
N GLU B 216 -1.28 -43.10 0.35
CA GLU B 216 0.00 -43.81 0.33
C GLU B 216 0.44 -44.15 -1.09
N GLU B 217 -0.49 -44.64 -1.92
CA GLU B 217 -0.11 -45.00 -3.28
C GLU B 217 0.30 -43.77 -4.08
N LEU B 218 -0.43 -42.65 -3.92
CA LEU B 218 -0.05 -41.43 -4.61
C LEU B 218 1.33 -40.96 -4.18
N ILE B 219 1.62 -41.01 -2.87
CA ILE B 219 2.92 -40.58 -2.40
C ILE B 219 4.01 -41.49 -2.97
N ALA B 220 3.78 -42.79 -2.98
CA ALA B 220 4.78 -43.71 -3.52
C ALA B 220 5.06 -43.41 -4.99
N ASP B 221 4.02 -43.21 -5.78
CA ASP B 221 4.20 -42.92 -7.20
C ASP B 221 4.96 -41.60 -7.39
N ILE B 222 4.56 -40.56 -6.65
CA ILE B 222 5.18 -39.24 -6.83
C ILE B 222 6.65 -39.30 -6.44
N ILE B 223 6.97 -39.97 -5.34
CA ILE B 223 8.36 -40.04 -4.91
C ILE B 223 9.19 -40.86 -5.89
N LYS B 224 8.64 -41.96 -6.41
CA LYS B 224 9.39 -42.71 -7.42
C LYS B 224 9.57 -41.87 -8.69
N GLU B 225 8.66 -40.92 -8.94
CA GLU B 225 8.81 -40.01 -10.07
C GLU B 225 9.89 -38.96 -9.81
N ALA B 226 10.00 -38.48 -8.58
CA ALA B 226 10.85 -37.33 -8.29
C ALA B 226 12.33 -37.69 -8.42
N LYS B 227 13.11 -36.69 -8.83
CA LYS B 227 14.55 -36.82 -8.97
C LYS B 227 15.26 -35.72 -8.18
N GLY B 228 16.33 -36.09 -7.48
CA GLY B 228 17.20 -35.11 -6.88
C GLY B 228 16.54 -34.31 -5.76
N LYS B 229 17.01 -33.07 -5.61
CA LYS B 229 16.62 -32.25 -4.46
C LYS B 229 15.11 -32.18 -4.29
N ALA B 230 14.38 -32.07 -5.40
CA ALA B 230 12.93 -31.97 -5.30
C ALA B 230 12.38 -33.08 -4.42
N ALA B 231 12.75 -34.33 -4.72
CA ALA B 231 12.25 -35.46 -3.95
C ALA B 231 12.43 -35.22 -2.46
N GLU B 232 13.62 -34.77 -2.07
CA GLU B 232 13.90 -34.58 -0.65
C GLU B 232 12.84 -33.70 -0.01
N MET B 233 12.58 -32.52 -0.60
CA MET B 233 11.62 -31.63 0.02
C MET B 233 10.24 -32.25 0.06
N MET B 234 9.89 -33.04 -0.97
CA MET B 234 8.63 -33.76 -0.91
C MET B 234 8.61 -34.71 0.27
N GLU B 235 9.68 -35.49 0.44
CA GLU B 235 9.75 -36.40 1.58
C GLU B 235 9.63 -35.63 2.89
N GLU B 236 10.23 -34.44 2.95
CA GLU B 236 10.15 -33.60 4.14
C GLU B 236 8.89 -32.75 4.18
N GLU B 237 8.11 -32.70 3.10
CA GLU B 237 6.95 -31.83 3.04
C GLU B 237 5.62 -32.57 3.09
N MET B 238 5.61 -33.88 2.85
CA MET B 238 4.40 -34.68 2.95
C MET B 238 4.55 -35.90 3.83
N ASN B 239 5.74 -36.51 3.88
CA ASN B 239 5.94 -37.65 4.76
C ASN B 239 6.29 -37.19 6.17
N GLN B 240 7.31 -36.34 6.30
CA GLN B 240 7.73 -35.83 7.60
C GLN B 240 6.89 -34.62 8.00
N ARG B 241 6.89 -34.32 9.29
CA ARG B 241 6.16 -33.17 9.80
C ARG B 241 6.79 -32.73 11.11
N THR B 242 6.43 -31.53 11.55
CA THR B 242 6.96 -30.95 12.78
C THR B 242 6.35 -31.69 13.96
N LYS B 243 7.19 -32.42 14.70
CA LYS B 243 6.75 -33.16 15.89
C LYS B 243 7.01 -32.28 17.11
N ILE B 244 5.96 -31.65 17.62
CA ILE B 244 6.06 -30.74 18.76
C ILE B 244 5.12 -31.24 19.85
N GLY B 245 5.65 -31.35 21.06
CA GLY B 245 4.83 -31.70 22.21
C GLY B 245 5.12 -30.76 23.37
N ASN B 246 4.03 -30.22 23.95
CA ASN B 246 4.08 -29.25 25.02
C ASN B 246 5.07 -28.11 24.72
N GLY B 247 5.27 -27.81 23.45
CA GLY B 247 6.16 -26.73 23.08
C GLY B 247 7.56 -26.96 23.62
N SER B 248 8.14 -25.90 24.19
CA SER B 248 9.45 -25.98 24.85
C SER B 248 10.52 -26.46 23.88
N VAL B 249 10.79 -25.65 22.86
CA VAL B 249 11.84 -25.98 21.91
C VAL B 249 13.19 -25.97 22.62
N LYS B 250 13.96 -27.03 22.42
CA LYS B 250 15.29 -27.12 23.02
C LYS B 250 16.31 -26.46 22.11
N LEU B 251 17.23 -25.69 22.70
CA LEU B 251 18.24 -25.01 21.91
C LEU B 251 19.41 -25.96 21.64
N THR B 252 19.80 -26.06 20.37
CA THR B 252 20.83 -26.98 19.96
C THR B 252 22.16 -26.63 20.62
N GLU B 253 23.07 -27.61 20.63
CA GLU B 253 24.35 -27.43 21.32
C GLU B 253 25.15 -26.28 20.74
N LYS B 254 25.05 -26.06 19.43
CA LYS B 254 25.78 -24.96 18.81
C LYS B 254 25.14 -23.61 19.12
N ALA B 255 23.83 -23.57 19.36
CA ALA B 255 23.15 -22.34 19.73
C ALA B 255 23.35 -21.97 21.18
N LYS B 256 23.87 -22.89 22.00
CA LYS B 256 24.14 -22.58 23.40
C LYS B 256 25.38 -21.70 23.53
N GLU B 257 26.27 -21.73 22.54
CA GLU B 257 27.46 -20.90 22.59
C GLU B 257 27.13 -19.43 22.33
N LEU B 258 26.23 -19.16 21.39
CA LEU B 258 25.70 -17.81 21.25
C LEU B 258 25.06 -17.34 22.54
N ASN B 259 24.26 -18.19 23.18
CA ASN B 259 23.60 -17.81 24.42
C ASN B 259 24.64 -17.49 25.49
N LYS B 260 25.69 -18.29 25.59
CA LYS B 260 26.70 -18.07 26.61
C LYS B 260 27.54 -16.83 26.32
N ILE B 261 27.67 -16.43 25.05
CA ILE B 261 28.40 -15.20 24.75
C ILE B 261 27.52 -13.98 24.89
N VAL B 262 26.20 -14.13 24.75
CA VAL B 262 25.31 -12.97 24.73
C VAL B 262 24.80 -12.66 26.13
N GLU B 263 24.42 -13.68 26.88
CA GLU B 263 23.77 -13.50 28.17
C GLU B 263 24.75 -13.36 29.32
N ASP B 264 26.05 -13.54 29.10
CA ASP B 264 27.04 -13.52 30.16
C ASP B 264 27.84 -12.22 30.13
N GLU B 265 28.47 -11.94 31.26
CA GLU B 265 29.31 -10.75 31.41
C GLU B 265 28.56 -9.48 31.06
N SER B 266 27.30 -9.41 31.51
CA SER B 266 26.45 -8.26 31.23
C SER B 266 25.89 -7.68 32.53
N SER C 171 -39.39 -43.78 14.26
CA SER C 171 -38.41 -42.97 13.56
C SER C 171 -38.38 -43.32 12.07
N ILE C 172 -39.53 -43.72 11.54
CA ILE C 172 -39.62 -44.05 10.12
C ILE C 172 -39.32 -42.82 9.27
N GLU C 173 -39.86 -41.67 9.66
CA GLU C 173 -39.62 -40.42 8.93
C GLU C 173 -38.25 -39.83 9.23
N ALA C 174 -37.58 -40.27 10.29
CA ALA C 174 -36.23 -39.82 10.61
C ALA C 174 -35.15 -40.73 10.03
N ARG C 175 -35.50 -41.92 9.57
CA ARG C 175 -34.51 -42.83 9.01
C ARG C 175 -34.16 -42.49 7.57
N LEU C 176 -34.94 -41.65 6.90
CA LEU C 176 -34.65 -41.24 5.54
C LEU C 176 -34.30 -39.77 5.41
N GLU C 177 -34.45 -38.97 6.46
CA GLU C 177 -33.92 -37.61 6.44
C GLU C 177 -32.41 -37.62 6.62
N SER C 178 -31.90 -38.53 7.47
CA SER C 178 -30.45 -38.71 7.56
C SER C 178 -29.88 -39.19 6.24
N ILE C 179 -30.61 -40.06 5.54
CA ILE C 179 -30.20 -40.47 4.20
C ILE C 179 -30.05 -39.23 3.31
N GLU C 180 -31.02 -38.33 3.38
CA GLU C 180 -31.00 -37.13 2.55
C GLU C 180 -29.79 -36.27 2.88
N GLU C 181 -29.54 -36.05 4.17
CA GLU C 181 -28.39 -35.22 4.55
C GLU C 181 -27.08 -35.85 4.11
N LYS C 182 -26.93 -37.16 4.29
CA LYS C 182 -25.69 -37.82 3.93
C LYS C 182 -25.45 -37.78 2.42
N LEU C 183 -26.49 -38.02 1.62
CA LEU C 183 -26.30 -37.96 0.18
C LEU C 183 -26.10 -36.53 -0.32
N SER C 184 -26.65 -35.52 0.36
CA SER C 184 -26.29 -34.14 0.04
C SER C 184 -24.83 -33.85 0.39
N MET C 185 -24.32 -34.45 1.46
CA MET C 185 -22.91 -34.27 1.81
C MET C 185 -22.02 -34.85 0.70
N ILE C 186 -22.35 -36.04 0.22
CA ILE C 186 -21.53 -36.58 -0.88
C ILE C 186 -21.72 -35.76 -2.14
N LEU C 187 -22.90 -35.15 -2.32
CA LEU C 187 -23.09 -34.22 -3.42
C LEU C 187 -22.11 -33.04 -3.34
N GLY C 188 -21.94 -32.48 -2.14
CA GLY C 188 -20.95 -31.42 -1.98
C GLY C 188 -19.53 -31.89 -2.24
N LEU C 189 -19.20 -33.10 -1.78
CA LEU C 189 -17.87 -33.66 -2.03
C LEU C 189 -17.62 -33.80 -3.52
N LEU C 190 -18.62 -34.30 -4.26
CA LEU C 190 -18.45 -34.49 -5.70
C LEU C 190 -18.39 -33.15 -6.43
N ARG C 191 -19.12 -32.15 -5.96
CA ARG C 191 -19.01 -30.81 -6.55
C ARG C 191 -17.59 -30.28 -6.42
N THR C 192 -17.02 -30.37 -5.22
CA THR C 192 -15.65 -29.88 -5.04
C THR C 192 -14.67 -30.69 -5.88
N LEU C 193 -14.85 -32.01 -5.94
CA LEU C 193 -13.96 -32.83 -6.74
C LEU C 193 -14.02 -32.44 -8.22
N ASN C 194 -15.23 -32.20 -8.73
CA ASN C 194 -15.37 -31.80 -10.13
C ASN C 194 -14.70 -30.46 -10.39
N ILE C 195 -14.88 -29.49 -9.48
CA ILE C 195 -14.22 -28.21 -9.68
C ILE C 195 -12.70 -28.39 -9.70
N ALA C 196 -12.17 -29.25 -8.83
CA ALA C 196 -10.73 -29.34 -8.67
C ALA C 196 -10.04 -29.93 -9.90
N THR C 197 -10.66 -30.91 -10.54
CA THR C 197 -10.00 -31.68 -11.60
C THR C 197 -10.07 -31.02 -12.97
N ALA C 198 -10.79 -29.92 -13.12
CA ALA C 198 -10.90 -29.21 -14.40
C ALA C 198 -9.96 -28.00 -14.32
N GLY C 199 -8.70 -28.22 -14.67
CA GLY C 199 -7.67 -27.23 -14.48
C GLY C 199 -6.89 -26.89 -15.74
N PRO C 200 -5.58 -26.62 -15.59
CA PRO C 200 -4.80 -26.19 -16.76
C PRO C 200 -4.82 -27.18 -17.91
N THR C 201 -4.83 -28.48 -17.62
CA THR C 201 -4.89 -29.46 -18.69
C THR C 201 -6.22 -29.40 -19.43
N ALA C 202 -7.32 -29.24 -18.71
CA ALA C 202 -8.62 -29.16 -19.35
C ALA C 202 -8.78 -27.86 -20.13
N ALA C 203 -8.25 -26.76 -19.61
CA ALA C 203 -8.41 -25.47 -20.28
C ALA C 203 -7.74 -25.46 -21.64
N ARG C 204 -6.53 -26.01 -21.75
CA ARG C 204 -5.82 -25.96 -23.02
C ARG C 204 -6.50 -26.81 -24.09
N ASP C 205 -7.23 -27.84 -23.69
CA ASP C 205 -7.94 -28.69 -24.64
C ASP C 205 -9.38 -28.24 -24.88
N GLY C 206 -9.81 -27.17 -24.24
CA GLY C 206 -11.14 -26.62 -24.48
C GLY C 206 -12.27 -27.51 -24.02
N ILE C 207 -12.07 -28.21 -22.90
CA ILE C 207 -13.12 -29.03 -22.31
C ILE C 207 -13.54 -28.54 -20.93
N ARG C 208 -12.92 -27.48 -20.41
CA ARG C 208 -13.25 -27.02 -19.07
C ARG C 208 -14.68 -26.52 -18.98
N ASP C 209 -15.14 -25.80 -20.01
CA ASP C 209 -16.47 -25.21 -19.96
C ASP C 209 -17.55 -26.29 -19.95
N ALA C 210 -17.33 -27.38 -20.70
CA ALA C 210 -18.26 -28.50 -20.63
C ALA C 210 -18.27 -29.13 -19.24
N MET C 211 -17.15 -29.07 -18.53
CA MET C 211 -17.11 -29.62 -17.18
C MET C 211 -17.85 -28.73 -16.18
N ILE C 212 -17.71 -27.42 -16.32
CA ILE C 212 -18.35 -26.50 -15.36
C ILE C 212 -19.70 -26.00 -15.88
N GLY C 213 -19.84 -25.78 -17.18
CA GLY C 213 -21.09 -25.34 -17.76
C GLY C 213 -21.08 -23.84 -18.09
N ILE C 214 -22.16 -23.42 -18.75
CA ILE C 214 -22.32 -22.03 -19.17
C ILE C 214 -22.99 -21.25 -18.05
N ARG C 215 -22.70 -19.95 -17.97
CA ARG C 215 -22.99 -19.16 -16.78
C ARG C 215 -23.64 -17.82 -17.13
N GLU C 216 -24.66 -17.85 -17.99
CA GLU C 216 -25.54 -16.70 -18.19
C GLU C 216 -24.85 -15.51 -18.84
N GLU C 217 -23.54 -15.58 -19.04
CA GLU C 217 -22.78 -14.48 -19.61
C GLU C 217 -22.29 -14.77 -21.01
N LEU C 218 -21.83 -15.99 -21.26
CA LEU C 218 -21.62 -16.44 -22.63
C LEU C 218 -22.95 -16.63 -23.36
N ILE C 219 -24.03 -16.84 -22.61
CA ILE C 219 -25.35 -17.00 -23.22
C ILE C 219 -25.82 -15.68 -23.82
N ALA C 220 -25.65 -14.58 -23.10
CA ALA C 220 -26.03 -13.29 -23.64
C ALA C 220 -25.17 -12.92 -24.85
N ASP C 221 -23.89 -13.28 -24.81
CA ASP C 221 -22.99 -12.95 -25.92
C ASP C 221 -23.44 -13.62 -27.22
N ILE C 222 -23.79 -14.91 -27.15
CA ILE C 222 -24.18 -15.62 -28.37
C ILE C 222 -25.50 -15.08 -28.90
N ILE C 223 -26.43 -14.72 -28.01
CA ILE C 223 -27.71 -14.19 -28.45
C ILE C 223 -27.51 -12.87 -29.21
N LYS C 224 -26.66 -11.99 -28.70
CA LYS C 224 -26.47 -10.69 -29.33
C LYS C 224 -25.94 -10.83 -30.74
N GLU C 225 -24.94 -11.69 -30.95
CA GLU C 225 -24.42 -11.89 -32.30
C GLU C 225 -25.44 -12.61 -33.17
N ALA C 226 -26.19 -13.55 -32.59
CA ALA C 226 -27.22 -14.23 -33.36
C ALA C 226 -28.31 -13.26 -33.81
N LYS C 227 -28.76 -12.38 -32.91
CA LYS C 227 -29.75 -11.39 -33.29
C LYS C 227 -29.14 -10.29 -34.16
N GLY C 228 -27.89 -9.92 -33.91
CA GLY C 228 -27.24 -8.93 -34.76
C GLY C 228 -27.14 -9.39 -36.20
N LYS C 229 -26.75 -10.65 -36.40
CA LYS C 229 -26.71 -11.20 -37.75
C LYS C 229 -28.12 -11.30 -38.33
N ALA C 230 -29.09 -11.71 -37.52
CA ALA C 230 -30.47 -11.77 -38.00
C ALA C 230 -30.98 -10.39 -38.38
N ALA C 231 -30.67 -9.37 -37.57
CA ALA C 231 -31.05 -8.01 -37.92
C ALA C 231 -30.36 -7.54 -39.19
N GLU C 232 -29.08 -7.89 -39.37
CA GLU C 232 -28.36 -7.49 -40.57
C GLU C 232 -29.02 -8.03 -41.85
N MET C 233 -29.79 -9.11 -41.74
CA MET C 233 -30.51 -9.64 -42.88
C MET C 233 -31.40 -8.57 -43.51
N ILE D 172 -42.70 -37.34 4.47
CA ILE D 172 -43.01 -38.72 4.14
C ILE D 172 -42.90 -38.95 2.64
N GLU D 173 -43.34 -37.96 1.87
CA GLU D 173 -43.30 -38.01 0.41
C GLU D 173 -42.36 -36.99 -0.20
N ALA D 174 -42.28 -35.79 0.38
CA ALA D 174 -41.31 -34.81 -0.10
C ALA D 174 -39.88 -35.31 0.09
N ARG D 175 -39.62 -35.97 1.22
CA ARG D 175 -38.28 -36.50 1.46
C ARG D 175 -37.86 -37.51 0.40
N LEU D 176 -38.78 -38.39 0.01
CA LEU D 176 -38.45 -39.45 -0.95
C LEU D 176 -38.13 -38.86 -2.33
N GLU D 177 -38.97 -37.94 -2.82
CA GLU D 177 -38.70 -37.34 -4.12
C GLU D 177 -37.46 -36.46 -4.08
N SER D 178 -37.21 -35.79 -2.95
CA SER D 178 -35.97 -35.03 -2.82
C SER D 178 -34.76 -35.95 -2.88
N ILE D 179 -34.85 -37.12 -2.23
CA ILE D 179 -33.76 -38.09 -2.27
C ILE D 179 -33.54 -38.57 -3.70
N GLU D 180 -34.62 -38.83 -4.43
CA GLU D 180 -34.49 -39.29 -5.81
C GLU D 180 -33.82 -38.21 -6.67
N GLU D 181 -34.23 -36.95 -6.51
CA GLU D 181 -33.62 -35.89 -7.28
C GLU D 181 -32.13 -35.74 -6.95
N LYS D 182 -31.80 -35.82 -5.66
CA LYS D 182 -30.40 -35.67 -5.27
C LYS D 182 -29.56 -36.81 -5.83
N LEU D 183 -30.09 -38.03 -5.83
CA LEU D 183 -29.36 -39.13 -6.48
C LEU D 183 -29.23 -38.90 -7.98
N SER D 184 -30.23 -38.30 -8.61
CA SER D 184 -30.10 -37.97 -10.04
C SER D 184 -28.95 -37.01 -10.27
N MET D 185 -28.85 -35.96 -9.45
CA MET D 185 -27.70 -35.06 -9.59
C MET D 185 -26.40 -35.76 -9.25
N ILE D 186 -26.42 -36.72 -8.32
CA ILE D 186 -25.20 -37.48 -8.02
C ILE D 186 -24.74 -38.23 -9.26
N LEU D 187 -25.67 -38.89 -9.93
CA LEU D 187 -25.33 -39.61 -11.16
C LEU D 187 -24.82 -38.64 -12.22
N GLY D 188 -25.47 -37.49 -12.35
CA GLY D 188 -25.01 -36.50 -13.32
C GLY D 188 -23.58 -36.05 -13.06
N LEU D 189 -23.27 -35.73 -11.80
CA LEU D 189 -21.91 -35.33 -11.44
C LEU D 189 -20.93 -36.44 -11.72
N LEU D 190 -21.26 -37.68 -11.33
CA LEU D 190 -20.31 -38.78 -11.46
C LEU D 190 -19.99 -39.09 -12.91
N ARG D 191 -20.81 -38.62 -13.86
CA ARG D 191 -20.55 -38.85 -15.27
C ARG D 191 -19.42 -37.99 -15.80
N THR D 192 -19.35 -36.72 -15.40
CA THR D 192 -18.34 -35.80 -15.87
C THR D 192 -16.99 -36.01 -15.19
N LEU D 193 -16.96 -36.68 -14.03
CA LEU D 193 -15.72 -36.78 -13.26
C LEU D 193 -14.70 -37.71 -13.89
N ASN D 194 -15.05 -38.46 -14.93
CA ASN D 194 -14.12 -39.40 -15.54
C ASN D 194 -13.79 -38.98 -16.97
N ILE D 195 -13.64 -37.68 -17.20
CA ILE D 195 -13.17 -37.15 -18.47
C ILE D 195 -11.84 -36.41 -18.31
N ALA D 196 -11.57 -35.86 -17.13
CA ALA D 196 -10.37 -35.07 -16.94
C ALA D 196 -9.16 -35.96 -16.66
N THR D 197 -9.21 -36.73 -15.57
CA THR D 197 -8.09 -37.56 -15.17
C THR D 197 -8.33 -39.05 -15.40
N ALA D 198 -9.53 -39.55 -15.08
CA ALA D 198 -9.79 -40.97 -15.28
C ALA D 198 -9.98 -41.31 -16.74
N GLY D 199 -10.29 -40.32 -17.58
CA GLY D 199 -10.48 -40.55 -18.99
C GLY D 199 -9.16 -40.46 -19.75
N PRO D 200 -9.07 -41.14 -20.89
CA PRO D 200 -7.83 -41.10 -21.67
C PRO D 200 -7.62 -39.74 -22.31
N THR D 201 -6.35 -39.42 -22.58
CA THR D 201 -6.01 -38.18 -23.25
C THR D 201 -6.40 -38.20 -24.71
N ALA D 202 -6.56 -39.37 -25.31
CA ALA D 202 -6.92 -39.46 -26.73
C ALA D 202 -8.31 -38.89 -26.97
N ALA D 203 -9.29 -39.28 -26.15
CA ALA D 203 -10.65 -38.76 -26.26
C ALA D 203 -10.83 -37.45 -25.50
N ARG D 204 -9.78 -36.96 -24.83
CA ARG D 204 -9.88 -35.72 -24.07
C ARG D 204 -10.28 -34.55 -24.96
N ASP D 205 -9.96 -34.62 -26.25
CA ASP D 205 -10.23 -33.53 -27.18
C ASP D 205 -11.55 -33.70 -27.93
N GLY D 206 -12.33 -34.73 -27.62
CA GLY D 206 -13.57 -34.95 -28.34
C GLY D 206 -14.57 -33.83 -28.14
N ILE D 207 -14.74 -33.37 -26.91
CA ILE D 207 -15.76 -32.37 -26.61
C ILE D 207 -15.42 -31.01 -27.18
N ARG D 208 -14.15 -30.77 -27.52
CA ARG D 208 -13.75 -29.44 -28.00
C ARG D 208 -14.47 -29.10 -29.31
N ASP D 209 -14.64 -30.08 -30.19
CA ASP D 209 -15.34 -29.80 -31.45
C ASP D 209 -16.77 -29.34 -31.19
N ALA D 210 -17.48 -30.05 -30.31
CA ALA D 210 -18.85 -29.63 -29.99
C ALA D 210 -18.87 -28.25 -29.34
N MET D 211 -17.94 -27.99 -28.42
CA MET D 211 -17.91 -26.69 -27.76
C MET D 211 -17.69 -25.57 -28.77
N ILE D 212 -16.75 -25.76 -29.70
CA ILE D 212 -16.58 -24.80 -30.79
C ILE D 212 -17.81 -24.74 -31.67
N GLY D 213 -18.63 -25.79 -31.68
CA GLY D 213 -19.84 -25.79 -32.49
C GLY D 213 -21.05 -25.16 -31.82
N ILE D 214 -21.03 -25.05 -30.48
CA ILE D 214 -22.18 -24.49 -29.77
C ILE D 214 -22.39 -23.03 -30.14
N ARG D 215 -21.31 -22.28 -30.32
CA ARG D 215 -21.45 -20.87 -30.68
C ARG D 215 -22.23 -20.69 -31.97
N GLU D 216 -22.21 -21.69 -32.85
CA GLU D 216 -22.91 -21.62 -34.13
C GLU D 216 -24.11 -22.55 -34.19
N GLU D 217 -24.37 -23.34 -33.15
CA GLU D 217 -25.51 -24.25 -33.14
C GLU D 217 -26.79 -23.59 -32.63
N LEU D 218 -26.72 -22.35 -32.15
CA LEU D 218 -27.88 -21.69 -31.57
C LEU D 218 -28.35 -20.53 -32.45
N GLU E 173 -43.02 -46.93 -2.73
CA GLU E 173 -42.26 -48.15 -2.97
C GLU E 173 -41.71 -48.19 -4.39
N ALA E 174 -42.14 -47.26 -5.23
CA ALA E 174 -41.68 -47.16 -6.60
C ALA E 174 -40.45 -46.29 -6.75
N ARG E 175 -40.46 -45.09 -6.13
CA ARG E 175 -39.27 -44.25 -6.17
C ARG E 175 -38.09 -44.94 -5.50
N LEU E 176 -38.36 -45.77 -4.49
CA LEU E 176 -37.28 -46.51 -3.83
C LEU E 176 -36.65 -47.52 -4.78
N GLU E 177 -37.45 -48.18 -5.61
CA GLU E 177 -36.91 -49.14 -6.55
C GLU E 177 -35.87 -48.49 -7.45
N SER E 178 -36.19 -47.31 -8.00
CA SER E 178 -35.20 -46.57 -8.77
C SER E 178 -34.01 -46.17 -7.90
N ILE E 179 -34.26 -45.85 -6.63
CA ILE E 179 -33.19 -45.46 -5.73
C ILE E 179 -32.21 -46.61 -5.54
N GLU E 180 -32.72 -47.79 -5.21
CA GLU E 180 -31.84 -48.94 -4.97
C GLU E 180 -31.09 -49.31 -6.24
N GLU E 181 -31.76 -49.24 -7.40
CA GLU E 181 -31.10 -49.56 -8.66
C GLU E 181 -29.94 -48.60 -8.93
N LYS E 182 -30.13 -47.31 -8.66
CA LYS E 182 -29.13 -46.31 -9.02
C LYS E 182 -27.93 -46.33 -8.08
N LEU E 183 -28.10 -46.83 -6.85
CA LEU E 183 -26.96 -46.93 -5.94
C LEU E 183 -25.92 -47.90 -6.48
N SER E 184 -26.35 -49.01 -7.07
CA SER E 184 -25.41 -49.95 -7.66
C SER E 184 -24.61 -49.29 -8.79
N MET E 185 -25.29 -48.52 -9.64
CA MET E 185 -24.59 -47.80 -10.69
C MET E 185 -23.62 -46.78 -10.10
N ILE E 186 -24.05 -46.05 -9.07
CA ILE E 186 -23.20 -45.02 -8.48
C ILE E 186 -21.92 -45.64 -7.94
N LEU E 187 -22.05 -46.77 -7.24
CA LEU E 187 -20.86 -47.44 -6.69
C LEU E 187 -20.00 -47.99 -7.82
N GLY E 188 -20.62 -48.51 -8.87
CA GLY E 188 -19.85 -49.05 -9.98
C GLY E 188 -18.97 -48.02 -10.65
N LEU E 189 -19.54 -46.84 -10.94
CA LEU E 189 -18.77 -45.79 -11.58
C LEU E 189 -17.79 -45.14 -10.60
N LEU E 190 -18.08 -45.20 -9.29
CA LEU E 190 -17.20 -44.61 -8.30
C LEU E 190 -15.98 -45.49 -8.04
N ARG E 191 -16.03 -46.77 -8.39
CA ARG E 191 -14.91 -47.66 -8.14
C ARG E 191 -13.82 -47.56 -9.21
N THR E 192 -14.06 -46.82 -10.29
CA THR E 192 -13.04 -46.57 -11.30
C THR E 192 -12.11 -45.42 -10.92
N LEU E 193 -12.13 -45.00 -9.67
CA LEU E 193 -11.31 -43.88 -9.21
C LEU E 193 -10.24 -44.35 -8.25
N ARG E 204 -15.70 -42.90 -23.71
CA ARG E 204 -16.35 -43.81 -24.65
C ARG E 204 -17.77 -43.35 -24.96
N ASP E 205 -18.53 -43.01 -23.91
CA ASP E 205 -19.88 -42.51 -24.08
C ASP E 205 -20.23 -41.32 -23.19
N GLY E 206 -19.36 -40.95 -22.24
CA GLY E 206 -19.66 -39.82 -21.36
C GLY E 206 -19.61 -38.48 -22.05
N ILE E 207 -18.89 -38.37 -23.17
CA ILE E 207 -18.82 -37.09 -23.88
C ILE E 207 -20.20 -36.70 -24.41
N ARG E 208 -20.90 -37.66 -25.01
CA ARG E 208 -22.24 -37.37 -25.51
C ARG E 208 -23.20 -37.03 -24.38
N ASP E 209 -23.08 -37.72 -23.25
CA ASP E 209 -23.91 -37.42 -22.10
C ASP E 209 -23.66 -35.99 -21.62
N ALA E 210 -22.39 -35.58 -21.54
CA ALA E 210 -22.07 -34.23 -21.12
C ALA E 210 -22.62 -33.21 -22.11
N MET E 211 -22.49 -33.49 -23.42
CA MET E 211 -23.01 -32.57 -24.42
C MET E 211 -24.51 -32.37 -24.28
N ILE E 212 -25.26 -33.48 -24.19
CA ILE E 212 -26.71 -33.37 -24.07
C ILE E 212 -27.08 -32.69 -22.77
N GLY E 213 -26.34 -32.97 -21.69
CA GLY E 213 -26.63 -32.31 -20.43
C GLY E 213 -26.46 -30.80 -20.50
N ILE E 214 -25.35 -30.34 -21.07
CA ILE E 214 -25.14 -28.90 -21.15
C ILE E 214 -26.19 -28.26 -22.05
N ARG E 215 -26.48 -28.89 -23.19
CA ARG E 215 -27.49 -28.34 -24.09
C ARG E 215 -28.89 -28.38 -23.48
N GLU E 216 -29.13 -29.23 -22.48
CA GLU E 216 -30.44 -29.28 -21.85
C GLU E 216 -30.75 -27.95 -21.16
N GLU E 217 -29.84 -27.44 -20.34
CA GLU E 217 -30.09 -26.19 -19.64
C GLU E 217 -29.67 -24.96 -20.42
N LEU E 218 -28.84 -25.11 -21.46
CA LEU E 218 -28.44 -23.94 -22.24
C LEU E 218 -29.66 -23.27 -22.88
N ILE E 219 -30.55 -24.08 -23.46
CA ILE E 219 -31.71 -23.52 -24.14
C ILE E 219 -32.69 -22.91 -23.14
N ALA E 220 -32.87 -23.56 -21.98
CA ALA E 220 -33.74 -22.99 -20.96
C ALA E 220 -33.19 -21.66 -20.45
N ASP E 221 -31.89 -21.58 -20.21
CA ASP E 221 -31.29 -20.33 -19.77
C ASP E 221 -31.44 -19.25 -20.83
N ILE E 222 -31.26 -19.61 -22.11
CA ILE E 222 -31.48 -18.64 -23.17
C ILE E 222 -32.93 -18.16 -23.19
N ILE E 223 -33.87 -19.08 -22.98
CA ILE E 223 -35.28 -18.69 -22.97
C ILE E 223 -35.55 -17.70 -21.85
N LYS E 224 -35.03 -17.99 -20.65
CA LYS E 224 -35.22 -17.06 -19.53
C LYS E 224 -34.57 -15.71 -19.82
N GLU E 225 -33.36 -15.72 -20.39
CA GLU E 225 -32.66 -14.46 -20.66
C GLU E 225 -33.42 -13.64 -21.70
N ALA E 226 -34.02 -14.30 -22.68
CA ALA E 226 -34.83 -13.62 -23.69
C ALA E 226 -36.30 -13.69 -23.31
N ALA E 230 -37.60 -9.05 -23.00
CA ALA E 230 -38.92 -9.12 -23.62
C ALA E 230 -39.99 -8.70 -22.62
N ALA E 231 -39.71 -8.85 -21.34
CA ALA E 231 -40.63 -8.46 -20.28
C ALA E 231 -40.23 -7.11 -19.68
#